data_1W41
# 
_entry.id   1W41 
# 
_audit_conform.dict_name       mmcif_pdbx.dic 
_audit_conform.dict_version    5.382 
_audit_conform.dict_location   http://mmcif.pdb.org/dictionaries/ascii/mmcif_pdbx.dic 
# 
loop_
_database_2.database_id 
_database_2.database_code 
_database_2.pdbx_database_accession 
_database_2.pdbx_DOI 
PDB   1W41         pdb_00001w41 10.2210/pdb1w41/pdb 
PDBE  EBI-20520    ?            ?                   
WWPDB D_1290020520 ?            ?                   
# 
loop_
_pdbx_database_related.db_name 
_pdbx_database_related.db_id 
_pdbx_database_related.content_type 
_pdbx_database_related.details 
PDB 1GO0 unspecified 'NMR STRUCTURE OF RIBOSOMAL PROTEIN L30E FROM THERMOCOCCUS CELER.'     
PDB 1GO1 unspecified 'NMR STRUCTURE OF RIBOSOMAL PROTEIN L30E FROM THERMOCOCCUS CELER.'     
PDB 1H7M unspecified 'CRYSTAL STRUCTURE OF RIBOSOMAL PROTEIN L30E FROM THERMOCOCCUS CELER.' 
PDB 1W3E unspecified 'RIBOSOMAL L30E OF THERMOCOCCUS CELER, P59A MUTANT'                    
PDB 1W40 unspecified 'T. CELER L30E K9A VARIANT'                                            
PDB 1W42 unspecified 'T. CELER L30E R92A VARIANT'                                           
# 
_pdbx_database_status.status_code                     REL 
_pdbx_database_status.entry_id                        1W41 
_pdbx_database_status.deposit_site                    PDBE 
_pdbx_database_status.process_site                    PDBE 
_pdbx_database_status.SG_entry                        . 
_pdbx_database_status.recvd_initial_deposition_date   2004-07-22 
_pdbx_database_status.pdb_format_compatible           Y 
_pdbx_database_status.status_code_sf                  REL 
_pdbx_database_status.status_code_mr                  ? 
_pdbx_database_status.status_code_cs                  ? 
_pdbx_database_status.methods_development_category    ? 
_pdbx_database_status.status_code_nmr_data            ? 
# 
loop_
_audit_author.name 
_audit_author.pdbx_ordinal 
'Lee, C.F.'   1 
'Lee, K.M.'   2 
'Chan, S.H.'  3 
'Allen, M.D.' 4 
'Bycroft, M.' 5 
'Wong, K.B.'  6 
# 
_citation.id                        primary 
_citation.title                     
'Electrostatic Interactions Contribute to Reduced Heat Capacity Change of Unfolding in a Thermophilic Ribosomal Protein L30E' 
_citation.journal_abbrev            J.Mol.Biol. 
_citation.journal_volume            348 
_citation.page_first                419 
_citation.page_last                 ? 
_citation.year                      2005 
_citation.journal_id_ASTM           JMOBAK 
_citation.country                   UK 
_citation.journal_id_ISSN           0022-2836 
_citation.journal_id_CSD            0070 
_citation.book_publisher            ? 
_citation.pdbx_database_id_PubMed   15811378 
_citation.pdbx_database_id_DOI      10.1016/J.JMB.2005.02.052 
# 
loop_
_citation_author.citation_id 
_citation_author.name 
_citation_author.ordinal 
_citation_author.identifier_ORCID 
primary 'Lee, C.F.'   1 ? 
primary 'Allen, M.D.' 2 ? 
primary 'Bycroft, M.' 3 ? 
primary 'Wong, K.B.'  4 ? 
# 
_cell.entry_id           1W41 
_cell.length_a           23.023 
_cell.length_b           53.889 
_cell.length_c           34.047 
_cell.angle_alpha        90.00 
_cell.angle_beta         109.22 
_cell.angle_gamma        90.00 
_cell.Z_PDB              2 
_cell.pdbx_unique_axis   ? 
# 
_symmetry.entry_id                         1W41 
_symmetry.space_group_name_H-M             'P 1 21 1' 
_symmetry.pdbx_full_space_group_name_H-M   ? 
_symmetry.cell_setting                     ? 
_symmetry.Int_Tables_number                4 
# 
loop_
_entity.id 
_entity.type 
_entity.src_method 
_entity.pdbx_description 
_entity.formula_weight 
_entity.pdbx_number_of_molecules 
_entity.pdbx_ec 
_entity.pdbx_mutation 
_entity.pdbx_fragment 
_entity.details 
1 polymer man '50S RIBOSOMAL PROTEIN L30E' 10923.673 1  ? YES ? ? 
2 water   nat water                        18.015    94 ? ?   ? ? 
# 
_entity_poly.entity_id                      1 
_entity_poly.type                           'polypeptide(L)' 
_entity_poly.nstd_linkage                   no 
_entity_poly.nstd_monomer                   no 
_entity_poly.pdbx_seq_one_letter_code       
;MVDFAFELRKAQDTGKIVMGARKSIQYAKMGGAKLIIVARNARPDIKEDIEYYARLSGIPVYEFEGTSVELGTLLGRPHT
VSALAVVDPGASRILALGGKE
;
_entity_poly.pdbx_seq_one_letter_code_can   
;MVDFAFELRKAQDTGKIVMGARKSIQYAKMGGAKLIIVARNARPDIKEDIEYYARLSGIPVYEFEGTSVELGTLLGRPHT
VSALAVVDPGASRILALGGKE
;
_entity_poly.pdbx_strand_id                 A 
_entity_poly.pdbx_target_identifier         ? 
# 
loop_
_entity_poly_seq.entity_id 
_entity_poly_seq.num 
_entity_poly_seq.mon_id 
_entity_poly_seq.hetero 
1 1   MET n 
1 2   VAL n 
1 3   ASP n 
1 4   PHE n 
1 5   ALA n 
1 6   PHE n 
1 7   GLU n 
1 8   LEU n 
1 9   ARG n 
1 10  LYS n 
1 11  ALA n 
1 12  GLN n 
1 13  ASP n 
1 14  THR n 
1 15  GLY n 
1 16  LYS n 
1 17  ILE n 
1 18  VAL n 
1 19  MET n 
1 20  GLY n 
1 21  ALA n 
1 22  ARG n 
1 23  LYS n 
1 24  SER n 
1 25  ILE n 
1 26  GLN n 
1 27  TYR n 
1 28  ALA n 
1 29  LYS n 
1 30  MET n 
1 31  GLY n 
1 32  GLY n 
1 33  ALA n 
1 34  LYS n 
1 35  LEU n 
1 36  ILE n 
1 37  ILE n 
1 38  VAL n 
1 39  ALA n 
1 40  ARG n 
1 41  ASN n 
1 42  ALA n 
1 43  ARG n 
1 44  PRO n 
1 45  ASP n 
1 46  ILE n 
1 47  LYS n 
1 48  GLU n 
1 49  ASP n 
1 50  ILE n 
1 51  GLU n 
1 52  TYR n 
1 53  TYR n 
1 54  ALA n 
1 55  ARG n 
1 56  LEU n 
1 57  SER n 
1 58  GLY n 
1 59  ILE n 
1 60  PRO n 
1 61  VAL n 
1 62  TYR n 
1 63  GLU n 
1 64  PHE n 
1 65  GLU n 
1 66  GLY n 
1 67  THR n 
1 68  SER n 
1 69  VAL n 
1 70  GLU n 
1 71  LEU n 
1 72  GLY n 
1 73  THR n 
1 74  LEU n 
1 75  LEU n 
1 76  GLY n 
1 77  ARG n 
1 78  PRO n 
1 79  HIS n 
1 80  THR n 
1 81  VAL n 
1 82  SER n 
1 83  ALA n 
1 84  LEU n 
1 85  ALA n 
1 86  VAL n 
1 87  VAL n 
1 88  ASP n 
1 89  PRO n 
1 90  GLY n 
1 91  ALA n 
1 92  SER n 
1 93  ARG n 
1 94  ILE n 
1 95  LEU n 
1 96  ALA n 
1 97  LEU n 
1 98  GLY n 
1 99  GLY n 
1 100 LYS n 
1 101 GLU n 
# 
_entity_src_gen.entity_id                          1 
_entity_src_gen.pdbx_src_id                        1 
_entity_src_gen.pdbx_alt_source_flag               sample 
_entity_src_gen.pdbx_seq_type                      ? 
_entity_src_gen.pdbx_beg_seq_num                   ? 
_entity_src_gen.pdbx_end_seq_num                   ? 
_entity_src_gen.gene_src_common_name               ? 
_entity_src_gen.gene_src_genus                     ? 
_entity_src_gen.pdbx_gene_src_gene                 ? 
_entity_src_gen.gene_src_species                   ? 
_entity_src_gen.gene_src_strain                    ? 
_entity_src_gen.gene_src_tissue                    ? 
_entity_src_gen.gene_src_tissue_fraction           ? 
_entity_src_gen.gene_src_details                   ? 
_entity_src_gen.pdbx_gene_src_fragment             ? 
_entity_src_gen.pdbx_gene_src_scientific_name      'THERMOCOCCUS CELER' 
_entity_src_gen.pdbx_gene_src_ncbi_taxonomy_id     2264 
_entity_src_gen.pdbx_gene_src_variant              ? 
_entity_src_gen.pdbx_gene_src_cell_line            ? 
_entity_src_gen.pdbx_gene_src_atcc                 ? 
_entity_src_gen.pdbx_gene_src_organ                ? 
_entity_src_gen.pdbx_gene_src_organelle            ? 
_entity_src_gen.pdbx_gene_src_cell                 ? 
_entity_src_gen.pdbx_gene_src_cellular_location    ? 
_entity_src_gen.host_org_common_name               ? 
_entity_src_gen.pdbx_host_org_scientific_name      'ESCHERICHIA COLI' 
_entity_src_gen.pdbx_host_org_ncbi_taxonomy_id     511693 
_entity_src_gen.host_org_genus                     ? 
_entity_src_gen.pdbx_host_org_gene                 ? 
_entity_src_gen.pdbx_host_org_organ                ? 
_entity_src_gen.host_org_species                   ? 
_entity_src_gen.pdbx_host_org_tissue               ? 
_entity_src_gen.pdbx_host_org_tissue_fraction      ? 
_entity_src_gen.pdbx_host_org_strain               BL21 
_entity_src_gen.pdbx_host_org_variant              'DE3 PLYSS' 
_entity_src_gen.pdbx_host_org_cell_line            ? 
_entity_src_gen.pdbx_host_org_atcc                 ? 
_entity_src_gen.pdbx_host_org_culture_collection   ? 
_entity_src_gen.pdbx_host_org_cell                 ? 
_entity_src_gen.pdbx_host_org_organelle            ? 
_entity_src_gen.pdbx_host_org_cellular_location    ? 
_entity_src_gen.pdbx_host_org_vector_type          ? 
_entity_src_gen.pdbx_host_org_vector               ? 
_entity_src_gen.host_org_details                   ? 
_entity_src_gen.expression_system_id               ? 
_entity_src_gen.plasmid_name                       PET8C 
_entity_src_gen.plasmid_details                    ? 
_entity_src_gen.pdbx_description                   ? 
# 
_struct_ref.id                         1 
_struct_ref.db_name                    UNP 
_struct_ref.db_code                    RL3E_THECE 
_struct_ref.entity_id                  1 
_struct_ref.pdbx_seq_one_letter_code   ? 
_struct_ref.pdbx_align_begin           ? 
_struct_ref.pdbx_db_accession          P29160 
_struct_ref.pdbx_db_isoform            ? 
# 
_struct_ref_seq.align_id                      1 
_struct_ref_seq.ref_id                        1 
_struct_ref_seq.pdbx_PDB_id_code              1W41 
_struct_ref_seq.pdbx_strand_id                A 
_struct_ref_seq.seq_align_beg                 1 
_struct_ref_seq.pdbx_seq_align_beg_ins_code   ? 
_struct_ref_seq.seq_align_end                 101 
_struct_ref_seq.pdbx_seq_align_end_ins_code   ? 
_struct_ref_seq.pdbx_db_accession             P29160 
_struct_ref_seq.db_align_beg                  1 
_struct_ref_seq.pdbx_db_align_beg_ins_code    ? 
_struct_ref_seq.db_align_end                  101 
_struct_ref_seq.pdbx_db_align_end_ins_code    ? 
_struct_ref_seq.pdbx_auth_seq_align_beg       0 
_struct_ref_seq.pdbx_auth_seq_align_end       100 
# 
_struct_ref_seq_dif.align_id                     1 
_struct_ref_seq_dif.pdbx_pdb_id_code             1W41 
_struct_ref_seq_dif.mon_id                       ALA 
_struct_ref_seq_dif.pdbx_pdb_strand_id           A 
_struct_ref_seq_dif.seq_num                      91 
_struct_ref_seq_dif.pdbx_pdb_ins_code            ? 
_struct_ref_seq_dif.pdbx_seq_db_name             UNP 
_struct_ref_seq_dif.pdbx_seq_db_accession_code   P29160 
_struct_ref_seq_dif.db_mon_id                    GLU 
_struct_ref_seq_dif.pdbx_seq_db_seq_num          91 
_struct_ref_seq_dif.details                      'engineered mutation' 
_struct_ref_seq_dif.pdbx_auth_seq_num            90 
_struct_ref_seq_dif.pdbx_ordinal                 1 
# 
loop_
_chem_comp.id 
_chem_comp.type 
_chem_comp.mon_nstd_flag 
_chem_comp.name 
_chem_comp.pdbx_synonyms 
_chem_comp.formula 
_chem_comp.formula_weight 
ALA 'L-peptide linking' y ALANINE         ? 'C3 H7 N O2'     89.093  
ARG 'L-peptide linking' y ARGININE        ? 'C6 H15 N4 O2 1' 175.209 
ASN 'L-peptide linking' y ASPARAGINE      ? 'C4 H8 N2 O3'    132.118 
ASP 'L-peptide linking' y 'ASPARTIC ACID' ? 'C4 H7 N O4'     133.103 
GLN 'L-peptide linking' y GLUTAMINE       ? 'C5 H10 N2 O3'   146.144 
GLU 'L-peptide linking' y 'GLUTAMIC ACID' ? 'C5 H9 N O4'     147.129 
GLY 'peptide linking'   y GLYCINE         ? 'C2 H5 N O2'     75.067  
HIS 'L-peptide linking' y HISTIDINE       ? 'C6 H10 N3 O2 1' 156.162 
HOH non-polymer         . WATER           ? 'H2 O'           18.015  
ILE 'L-peptide linking' y ISOLEUCINE      ? 'C6 H13 N O2'    131.173 
LEU 'L-peptide linking' y LEUCINE         ? 'C6 H13 N O2'    131.173 
LYS 'L-peptide linking' y LYSINE          ? 'C6 H15 N2 O2 1' 147.195 
MET 'L-peptide linking' y METHIONINE      ? 'C5 H11 N O2 S'  149.211 
PHE 'L-peptide linking' y PHENYLALANINE   ? 'C9 H11 N O2'    165.189 
PRO 'L-peptide linking' y PROLINE         ? 'C5 H9 N O2'     115.130 
SER 'L-peptide linking' y SERINE          ? 'C3 H7 N O3'     105.093 
THR 'L-peptide linking' y THREONINE       ? 'C4 H9 N O3'     119.119 
TYR 'L-peptide linking' y TYROSINE        ? 'C9 H11 N O3'    181.189 
VAL 'L-peptide linking' y VALINE          ? 'C5 H11 N O2'    117.146 
# 
_exptl.entry_id          1W41 
_exptl.method            'X-RAY DIFFRACTION' 
_exptl.crystals_number   1 
# 
_exptl_crystal.id                    1 
_exptl_crystal.density_meas          ? 
_exptl_crystal.density_Matthews      1.83 
_exptl_crystal.density_percent_sol   32.63 
_exptl_crystal.description           ? 
# 
_exptl_crystal_grow.crystal_id      1 
_exptl_crystal_grow.method          ? 
_exptl_crystal_grow.temp            ? 
_exptl_crystal_grow.temp_details    ? 
_exptl_crystal_grow.pH              6.50 
_exptl_crystal_grow.pdbx_pH_range   ? 
_exptl_crystal_grow.pdbx_details    'pH 6.50' 
# 
_diffrn.id                     1 
_diffrn.ambient_temp           100.0 
_diffrn.ambient_temp_details   ? 
_diffrn.crystal_id             1 
# 
_diffrn_detector.diffrn_id              1 
_diffrn_detector.detector               CCD 
_diffrn_detector.type                   'ADSC CCD' 
_diffrn_detector.pdbx_collection_date   ? 
_diffrn_detector.details                ? 
# 
_diffrn_radiation.diffrn_id                        1 
_diffrn_radiation.wavelength_id                    1 
_diffrn_radiation.pdbx_monochromatic_or_laue_m_l   M 
_diffrn_radiation.monochromator                    ? 
_diffrn_radiation.pdbx_diffrn_protocol             'SINGLE WAVELENGTH' 
_diffrn_radiation.pdbx_scattering_type             x-ray 
# 
_diffrn_radiation_wavelength.id           1 
_diffrn_radiation_wavelength.wavelength   0.98 
_diffrn_radiation_wavelength.wt           1.0 
# 
_diffrn_source.diffrn_id                   1 
_diffrn_source.source                      SYNCHROTRON 
_diffrn_source.type                        'SRS BEAMLINE PX14.1' 
_diffrn_source.pdbx_synchrotron_site       SRS 
_diffrn_source.pdbx_synchrotron_beamline   PX14.1 
_diffrn_source.pdbx_wavelength             0.98 
_diffrn_source.pdbx_wavelength_list        ? 
# 
_reflns.pdbx_diffrn_id               1 
_reflns.pdbx_ordinal                 1 
_reflns.entry_id                     1W41 
_reflns.observed_criterion_sigma_I   ? 
_reflns.observed_criterion_sigma_F   ? 
_reflns.d_resolution_low             21.700 
_reflns.d_resolution_high            1.700 
_reflns.number_obs                   8679 
_reflns.number_all                   ? 
_reflns.percent_possible_obs         99.6 
_reflns.pdbx_Rmerge_I_obs            0.07000 
_reflns.pdbx_Rsym_value              ? 
_reflns.pdbx_netI_over_sigmaI        19.1000 
_reflns.B_iso_Wilson_estimate        ? 
_reflns.pdbx_redundancy              4.000 
# 
_reflns_shell.pdbx_diffrn_id         1 
_reflns_shell.pdbx_ordinal           1 
_reflns_shell.d_res_high             1.70 
_reflns_shell.d_res_low              1.79 
_reflns_shell.percent_possible_all   99.8 
_reflns_shell.Rmerge_I_obs           0.08000 
_reflns_shell.pdbx_Rsym_value        ? 
_reflns_shell.meanI_over_sigI_obs    13.400 
_reflns_shell.pdbx_redundancy        4.00 
# 
_refine.pdbx_refine_id                           'X-RAY DIFFRACTION' 
_refine.entry_id                                 1W41 
_refine.pdbx_diffrn_id                           1 
_refine.pdbx_TLS_residual_ADP_flag               ? 
_refine.ls_number_reflns_obs                     8244 
_refine.ls_number_reflns_all                     ? 
_refine.pdbx_ls_sigma_I                          ? 
_refine.pdbx_ls_sigma_F                          ? 
_refine.pdbx_data_cutoff_high_absF               ? 
_refine.pdbx_data_cutoff_low_absF                ? 
_refine.pdbx_data_cutoff_high_rms_absF           ? 
_refine.ls_d_res_low                             32.11 
_refine.ls_d_res_high                            1.70 
_refine.ls_percent_reflns_obs                    99.5 
_refine.ls_R_factor_obs                          0.175 
_refine.ls_R_factor_all                          ? 
_refine.ls_R_factor_R_work                       0.174 
_refine.ls_R_factor_R_free                       0.198 
_refine.ls_R_factor_R_free_error                 ? 
_refine.ls_R_factor_R_free_error_details         ? 
_refine.ls_percent_reflns_R_free                 4.700 
_refine.ls_number_reflns_R_free                  411 
_refine.ls_number_parameters                     ? 
_refine.ls_number_restraints                     ? 
_refine.occupancy_min                            ? 
_refine.occupancy_max                            ? 
_refine.correlation_coeff_Fo_to_Fc               0.948 
_refine.correlation_coeff_Fo_to_Fc_free          0.941 
_refine.B_iso_mean                               11.15 
_refine.aniso_B[1][1]                            -0.19000 
_refine.aniso_B[2][2]                            -0.21000 
_refine.aniso_B[3][3]                            0.31000 
_refine.aniso_B[1][2]                            0.00000 
_refine.aniso_B[1][3]                            -0.13000 
_refine.aniso_B[2][3]                            0.00000 
_refine.solvent_model_details                    MASK 
_refine.solvent_model_param_ksol                 ? 
_refine.solvent_model_param_bsol                 ? 
_refine.pdbx_solvent_vdw_probe_radii             1.20 
_refine.pdbx_solvent_ion_probe_radii             0.80 
_refine.pdbx_solvent_shrinkage_radii             0.80 
_refine.pdbx_ls_cross_valid_method               THROUGHOUT 
_refine.details                                  'HYDROGENS HAVE BEEN ADDED IN THE RIDING POSITIONS.' 
_refine.pdbx_starting_model                      'PDB ENTRY 1H7M' 
_refine.pdbx_method_to_determine_struct          'MOLECULAR REPLACEMENT' 
_refine.pdbx_isotropic_thermal_model             ? 
_refine.pdbx_stereochemistry_target_values       'MAXIMUM LIKELIHOOD' 
_refine.pdbx_stereochem_target_val_spec_case     ? 
_refine.pdbx_R_Free_selection_details            RANDOM 
_refine.pdbx_overall_ESU_R                       0.125 
_refine.pdbx_overall_ESU_R_Free                  0.110 
_refine.overall_SU_ML                            0.064 
_refine.pdbx_overall_phase_error                 ? 
_refine.overall_SU_B                             1.869 
_refine.overall_SU_R_Cruickshank_DPI             ? 
_refine.pdbx_overall_SU_R_free_Cruickshank_DPI   ? 
_refine.pdbx_overall_SU_R_Blow_DPI               ? 
_refine.pdbx_overall_SU_R_free_Blow_DPI          ? 
# 
_refine_hist.pdbx_refine_id                   'X-RAY DIFFRACTION' 
_refine_hist.cycle_id                         LAST 
_refine_hist.pdbx_number_atoms_protein        749 
_refine_hist.pdbx_number_atoms_nucleic_acid   0 
_refine_hist.pdbx_number_atoms_ligand         0 
_refine_hist.number_atoms_solvent             94 
_refine_hist.number_atoms_total               843 
_refine_hist.d_res_high                       1.70 
_refine_hist.d_res_low                        32.11 
# 
loop_
_refine_ls_restr.type 
_refine_ls_restr.dev_ideal 
_refine_ls_restr.dev_ideal_target 
_refine_ls_restr.weight 
_refine_ls_restr.number 
_refine_ls_restr.pdbx_refine_id 
_refine_ls_restr.pdbx_restraint_function 
r_bond_refined_d             0.013  0.022  ? 760  'X-RAY DIFFRACTION' ? 
r_bond_other_d               0.001  0.020  ? 741  'X-RAY DIFFRACTION' ? 
r_angle_refined_deg          1.399  1.980  ? 1024 'X-RAY DIFFRACTION' ? 
r_angle_other_deg            0.781  3.000  ? 1711 'X-RAY DIFFRACTION' ? 
r_dihedral_angle_1_deg       5.148  5.000  ? 98   'X-RAY DIFFRACTION' ? 
r_dihedral_angle_2_deg       35.186 22.414 ? 29   'X-RAY DIFFRACTION' ? 
r_dihedral_angle_3_deg       12.874 15.000 ? 135  'X-RAY DIFFRACTION' ? 
r_dihedral_angle_4_deg       10.709 15.000 ? 7    'X-RAY DIFFRACTION' ? 
r_chiral_restr               0.086  0.200  ? 117  'X-RAY DIFFRACTION' ? 
r_gen_planes_refined         0.005  0.020  ? 844  'X-RAY DIFFRACTION' ? 
r_gen_planes_other           0.001  0.020  ? 155  'X-RAY DIFFRACTION' ? 
r_nbd_refined                0.213  0.200  ? 138  'X-RAY DIFFRACTION' ? 
r_nbd_other                  0.166  0.200  ? 687  'X-RAY DIFFRACTION' ? 
r_nbtor_refined              0.179  0.200  ? 388  'X-RAY DIFFRACTION' ? 
r_nbtor_other                0.083  0.200  ? 462  'X-RAY DIFFRACTION' ? 
r_xyhbond_nbd_refined        0.129  0.200  ? 55   'X-RAY DIFFRACTION' ? 
r_xyhbond_nbd_other          ?      ?      ? ?    'X-RAY DIFFRACTION' ? 
r_metal_ion_refined          ?      ?      ? ?    'X-RAY DIFFRACTION' ? 
r_metal_ion_other            ?      ?      ? ?    'X-RAY DIFFRACTION' ? 
r_symmetry_vdw_refined       0.107  0.200  ? 10   'X-RAY DIFFRACTION' ? 
r_symmetry_vdw_other         0.233  0.200  ? 49   'X-RAY DIFFRACTION' ? 
r_symmetry_hbond_refined     0.121  0.200  ? 14   'X-RAY DIFFRACTION' ? 
r_symmetry_hbond_other       ?      ?      ? ?    'X-RAY DIFFRACTION' ? 
r_symmetry_metal_ion_refined ?      ?      ? ?    'X-RAY DIFFRACTION' ? 
r_symmetry_metal_ion_other   ?      ?      ? ?    'X-RAY DIFFRACTION' ? 
r_mcbond_it                  1.150  1.500  ? 641  'X-RAY DIFFRACTION' ? 
r_mcbond_other               ?      ?      ? ?    'X-RAY DIFFRACTION' ? 
r_mcangle_it                 1.259  2.000  ? 778  'X-RAY DIFFRACTION' ? 
r_mcangle_other              ?      ?      ? ?    'X-RAY DIFFRACTION' ? 
r_scbond_it                  2.595  3.000  ? 313  'X-RAY DIFFRACTION' ? 
r_scbond_other               ?      ?      ? ?    'X-RAY DIFFRACTION' ? 
r_scangle_it                 3.515  4.500  ? 246  'X-RAY DIFFRACTION' ? 
r_scangle_other              ?      ?      ? ?    'X-RAY DIFFRACTION' ? 
r_long_range_B_refined       ?      ?      ? ?    'X-RAY DIFFRACTION' ? 
r_long_range_B_other         ?      ?      ? ?    'X-RAY DIFFRACTION' ? 
r_rigid_bond_restr           ?      ?      ? ?    'X-RAY DIFFRACTION' ? 
r_sphericity_free            ?      ?      ? ?    'X-RAY DIFFRACTION' ? 
r_sphericity_bonded          ?      ?      ? ?    'X-RAY DIFFRACTION' ? 
# 
_refine_ls_shell.pdbx_refine_id                   'X-RAY DIFFRACTION' 
_refine_ls_shell.pdbx_total_number_of_bins_used   20 
_refine_ls_shell.d_res_high                       1.70 
_refine_ls_shell.d_res_low                        1.74 
_refine_ls_shell.number_reflns_R_work             608 
_refine_ls_shell.R_factor_R_work                  0.1700 
_refine_ls_shell.percent_reflns_obs               ? 
_refine_ls_shell.R_factor_R_free                  0.2510 
_refine_ls_shell.R_factor_R_free_error            ? 
_refine_ls_shell.percent_reflns_R_free            ? 
_refine_ls_shell.number_reflns_R_free             29 
_refine_ls_shell.number_reflns_all                ? 
_refine_ls_shell.R_factor_all                     ? 
# 
_struct.entry_id                  1W41 
_struct.title                     'T. celer L30e E90A variant' 
_struct.pdbx_model_details        ? 
_struct.pdbx_CASP_flag            ? 
_struct.pdbx_model_type_details   ? 
# 
_struct_keywords.entry_id        1W41 
_struct_keywords.pdbx_keywords   'RIBOSOMAL PROTEIN' 
_struct_keywords.text            'RIBOSOMAL PROTEIN, ELECTROSTATIC INTERACTIONS, THERMOSTABILITY, PROTEIN ENGINEERING' 
# 
loop_
_struct_asym.id 
_struct_asym.pdbx_blank_PDB_chainid_flag 
_struct_asym.pdbx_modified 
_struct_asym.entity_id 
_struct_asym.details 
A N N 1 ? 
B N N 2 ? 
# 
_struct_biol.id   1 
# 
loop_
_struct_conf.conf_type_id 
_struct_conf.id 
_struct_conf.pdbx_PDB_helix_id 
_struct_conf.beg_label_comp_id 
_struct_conf.beg_label_asym_id 
_struct_conf.beg_label_seq_id 
_struct_conf.pdbx_beg_PDB_ins_code 
_struct_conf.end_label_comp_id 
_struct_conf.end_label_asym_id 
_struct_conf.end_label_seq_id 
_struct_conf.pdbx_end_PDB_ins_code 
_struct_conf.beg_auth_comp_id 
_struct_conf.beg_auth_asym_id 
_struct_conf.beg_auth_seq_id 
_struct_conf.end_auth_comp_id 
_struct_conf.end_auth_asym_id 
_struct_conf.end_auth_seq_id 
_struct_conf.pdbx_PDB_helix_class 
_struct_conf.details 
_struct_conf.pdbx_PDB_helix_length 
HELX_P HELX_P1 1 ASP A 3  ? GLY A 15 ? ASP A 2  GLY A 14 1 ? 13 
HELX_P HELX_P2 2 GLY A 20 ? GLY A 31 ? GLY A 19 GLY A 30 1 ? 12 
HELX_P HELX_P3 3 ARG A 43 ? GLY A 58 ? ARG A 42 GLY A 57 1 ? 16 
HELX_P HELX_P4 4 THR A 67 ? LEU A 75 ? THR A 66 LEU A 74 1 ? 9  
HELX_P HELX_P5 5 ARG A 93 ? GLY A 99 ? ARG A 92 GLY A 98 5 ? 7  
# 
_struct_conf_type.id          HELX_P 
_struct_conf_type.criteria    ? 
_struct_conf_type.reference   ? 
# 
_struct_sheet.id               AA 
_struct_sheet.type             ? 
_struct_sheet.number_strands   4 
_struct_sheet.details          ? 
# 
loop_
_struct_sheet_order.sheet_id 
_struct_sheet_order.range_id_1 
_struct_sheet_order.range_id_2 
_struct_sheet_order.offset 
_struct_sheet_order.sense 
AA 1 2 ? anti-parallel 
AA 2 3 ? anti-parallel 
AA 3 4 ? parallel      
# 
loop_
_struct_sheet_range.sheet_id 
_struct_sheet_range.id 
_struct_sheet_range.beg_label_comp_id 
_struct_sheet_range.beg_label_asym_id 
_struct_sheet_range.beg_label_seq_id 
_struct_sheet_range.pdbx_beg_PDB_ins_code 
_struct_sheet_range.end_label_comp_id 
_struct_sheet_range.end_label_asym_id 
_struct_sheet_range.end_label_seq_id 
_struct_sheet_range.pdbx_end_PDB_ins_code 
_struct_sheet_range.beg_auth_comp_id 
_struct_sheet_range.beg_auth_asym_id 
_struct_sheet_range.beg_auth_seq_id 
_struct_sheet_range.end_auth_comp_id 
_struct_sheet_range.end_auth_asym_id 
_struct_sheet_range.end_auth_seq_id 
AA 1 LYS A 16 ? MET A 19 ? LYS A 15 MET A 18 
AA 2 ALA A 83 ? ASP A 88 ? ALA A 82 ASP A 87 
AA 3 LEU A 35 ? ALA A 39 ? LEU A 34 ALA A 38 
AA 4 VAL A 61 ? PHE A 64 ? VAL A 60 PHE A 63 
# 
loop_
_pdbx_struct_sheet_hbond.sheet_id 
_pdbx_struct_sheet_hbond.range_id_1 
_pdbx_struct_sheet_hbond.range_id_2 
_pdbx_struct_sheet_hbond.range_1_label_atom_id 
_pdbx_struct_sheet_hbond.range_1_label_comp_id 
_pdbx_struct_sheet_hbond.range_1_label_asym_id 
_pdbx_struct_sheet_hbond.range_1_label_seq_id 
_pdbx_struct_sheet_hbond.range_1_PDB_ins_code 
_pdbx_struct_sheet_hbond.range_1_auth_atom_id 
_pdbx_struct_sheet_hbond.range_1_auth_comp_id 
_pdbx_struct_sheet_hbond.range_1_auth_asym_id 
_pdbx_struct_sheet_hbond.range_1_auth_seq_id 
_pdbx_struct_sheet_hbond.range_2_label_atom_id 
_pdbx_struct_sheet_hbond.range_2_label_comp_id 
_pdbx_struct_sheet_hbond.range_2_label_asym_id 
_pdbx_struct_sheet_hbond.range_2_label_seq_id 
_pdbx_struct_sheet_hbond.range_2_PDB_ins_code 
_pdbx_struct_sheet_hbond.range_2_auth_atom_id 
_pdbx_struct_sheet_hbond.range_2_auth_comp_id 
_pdbx_struct_sheet_hbond.range_2_auth_asym_id 
_pdbx_struct_sheet_hbond.range_2_auth_seq_id 
AA 1 2 N VAL A 18 ? N VAL A 17 O ALA A 85 ? O ALA A 84 
AA 2 3 N VAL A 86 ? N VAL A 85 O LEU A 35 ? O LEU A 34 
AA 3 4 N VAL A 38 ? N VAL A 37 O TYR A 62 ? O TYR A 61 
# 
_atom_sites.entry_id                    1W41 
_atom_sites.fract_transf_matrix[1][1]   -0.01590369 
_atom_sites.fract_transf_matrix[1][2]   0.03609597 
_atom_sites.fract_transf_matrix[1][3]   -0.02326954 
_atom_sites.fract_transf_matrix[2][1]   -0.01676477 
_atom_sites.fract_transf_matrix[2][2]   -0.00244791 
_atom_sites.fract_transf_matrix[2][3]   0.00766075 
_atom_sites.fract_transf_matrix[3][1]   0.00372024 
_atom_sites.fract_transf_matrix[3][2]   0.02600031 
_atom_sites.fract_transf_matrix[3][3]   0.01644949 
_atom_sites.fract_transf_vector[1]      0.201826 
_atom_sites.fract_transf_vector[2]      -0.005027 
_atom_sites.fract_transf_vector[3]      0.115889 
# 
loop_
_atom_type.symbol 
C 
N 
O 
S 
# 
loop_
_atom_site.group_PDB 
_atom_site.id 
_atom_site.type_symbol 
_atom_site.label_atom_id 
_atom_site.label_alt_id 
_atom_site.label_comp_id 
_atom_site.label_asym_id 
_atom_site.label_entity_id 
_atom_site.label_seq_id 
_atom_site.pdbx_PDB_ins_code 
_atom_site.Cartn_x 
_atom_site.Cartn_y 
_atom_site.Cartn_z 
_atom_site.occupancy 
_atom_site.B_iso_or_equiv 
_atom_site.pdbx_formal_charge 
_atom_site.auth_seq_id 
_atom_site.auth_comp_id 
_atom_site.auth_asym_id 
_atom_site.auth_atom_id 
_atom_site.pdbx_PDB_model_num 
ATOM   1   N N   . MET A 1 1   ? 13.089  9.353   11.895  1.00 21.16 ? 0    MET A N   1 
ATOM   2   C CA  . MET A 1 1   ? 12.273  8.133   11.637  1.00 20.80 ? 0    MET A CA  1 
ATOM   3   C C   . MET A 1 1   ? 11.327  8.392   10.474  1.00 20.29 ? 0    MET A C   1 
ATOM   4   O O   . MET A 1 1   ? 10.792  9.493   10.339  1.00 19.94 ? 0    MET A O   1 
ATOM   5   C CB  . MET A 1 1   ? 11.466  7.781   12.883  1.00 21.64 ? 0    MET A CB  1 
ATOM   6   C CG  . MET A 1 1   ? 10.748  6.482   12.818  1.00 22.54 ? 0    MET A CG  1 
ATOM   7   S SD  . MET A 1 1   ? 9.567   6.357   14.185  1.00 22.21 ? 0    MET A SD  1 
ATOM   8   C CE  . MET A 1 1   ? 8.203   5.631   13.269  1.00 23.70 ? 0    MET A CE  1 
ATOM   9   N N   . VAL A 1 2   ? 11.142  7.379   9.631   1.00 19.41 ? 1    VAL A N   1 
ATOM   10  C CA  . VAL A 1 2   ? 10.159  7.440   8.550   1.00 19.20 ? 1    VAL A CA  1 
ATOM   11  C C   . VAL A 1 2   ? 8.724   7.353   9.143   1.00 18.93 ? 1    VAL A C   1 
ATOM   12  O O   . VAL A 1 2   ? 8.324   6.317   9.699   1.00 19.67 ? 1    VAL A O   1 
ATOM   13  C CB  . VAL A 1 2   ? 10.448  6.330   7.473   1.00 19.33 ? 1    VAL A CB  1 
ATOM   14  C CG1 . VAL A 1 2   ? 9.447   6.383   6.329   1.00 19.36 ? 1    VAL A CG1 1 
ATOM   15  C CG2 . VAL A 1 2   ? 11.897  6.467   6.928   1.00 18.87 ? 1    VAL A CG2 1 
ATOM   16  N N   . ASP A 1 3   ? 7.975   8.449   8.993   1.00 18.40 ? 2    ASP A N   1 
ATOM   17  C CA  . ASP A 1 3   ? 6.597   8.689   9.523   1.00 17.26 ? 2    ASP A CA  1 
ATOM   18  C C   . ASP A 1 3   ? 5.585   8.260   8.464   1.00 16.46 ? 2    ASP A C   1 
ATOM   19  O O   . ASP A 1 3   ? 5.381   8.938   7.447   1.00 14.92 ? 2    ASP A O   1 
ATOM   20  C CB  . ASP A 1 3   ? 6.471   10.189  9.858   1.00 18.09 ? 2    ASP A CB  1 
ATOM   21  C CG  . ASP A 1 3   ? 5.059   10.646  10.336  1.00 20.25 ? 2    ASP A CG  1 
ATOM   22  O OD1 . ASP A 1 3   ? 5.012   11.546  11.214  1.00 24.16 ? 2    ASP A OD1 1 
ATOM   23  O OD2 . ASP A 1 3   ? 3.957   10.295  9.869   1.00 21.60 ? 2    ASP A OD2 1 
ATOM   24  N N   . PHE A 1 4   ? 4.957   7.118   8.706   1.00 14.87 ? 3    PHE A N   1 
ATOM   25  C CA  . PHE A 1 4   ? 4.077   6.505   7.720   1.00 13.71 ? 3    PHE A CA  1 
ATOM   26  C C   . PHE A 1 4   ? 3.009   7.454   7.177   1.00 12.59 ? 3    PHE A C   1 
ATOM   27  O O   . PHE A 1 4   ? 2.842   7.594   5.965   1.00 12.69 ? 3    PHE A O   1 
ATOM   28  C CB  . PHE A 1 4   ? 3.388   5.298   8.363   1.00 13.71 ? 3    PHE A CB  1 
ATOM   29  C CG  . PHE A 1 4   ? 2.347   4.661   7.484   1.00 12.87 ? 3    PHE A CG  1 
ATOM   30  C CD1 . PHE A 1 4   ? 2.688   3.661   6.596   1.00 12.56 ? 3    PHE A CD1 1 
ATOM   31  C CD2 . PHE A 1 4   ? 1.030   5.061   7.565   1.00 12.61 ? 3    PHE A CD2 1 
ATOM   32  C CE1 . PHE A 1 4   ? 1.740   3.076   5.795   1.00 13.30 ? 3    PHE A CE1 1 
ATOM   33  C CE2 . PHE A 1 4   ? 0.073   4.471   6.756   1.00 11.74 ? 3    PHE A CE2 1 
ATOM   34  C CZ  . PHE A 1 4   ? 0.437   3.483   5.869   1.00 12.41 ? 3    PHE A CZ  1 
ATOM   35  N N   . ALA A 1 5   ? 2.244   8.053   8.074   1.00 12.23 ? 4    ALA A N   1 
ATOM   36  C CA  . ALA A 1 5   ? 1.168   8.940   7.666   1.00 12.03 ? 4    ALA A CA  1 
ATOM   37  C C   . ALA A 1 5   ? 1.677   10.078  6.765   1.00 11.27 ? 4    ALA A C   1 
ATOM   38  O O   . ALA A 1 5   ? 1.074   10.389  5.747   1.00 12.26 ? 4    ALA A O   1 
ATOM   39  C CB  . ALA A 1 5   ? 0.440   9.491   8.877   1.00 12.70 ? 4    ALA A CB  1 
ATOM   40  N N   . PHE A 1 6   ? 2.755   10.729  7.166   1.00 10.19 ? 5    PHE A N   1 
ATOM   41  C CA  . PHE A 1 6   ? 3.266   11.838  6.355   1.00 9.75  ? 5    PHE A CA  1 
ATOM   42  C C   . PHE A 1 6   ? 3.788   11.361  4.997   1.00 8.55  ? 5    PHE A C   1 
ATOM   43  O O   . PHE A 1 6   ? 3.490   11.949  3.961   1.00 8.36  ? 5    PHE A O   1 
ATOM   44  C CB  . PHE A 1 6   ? 4.380   12.591  7.060   1.00 9.50  ? 5    PHE A CB  1 
ATOM   45  C CG  . PHE A 1 6   ? 5.004   13.655  6.182   1.00 8.95  ? 5    PHE A CG  1 
ATOM   46  C CD1 . PHE A 1 6   ? 4.301   14.808  5.847   1.00 10.45 ? 5    PHE A CD1 1 
ATOM   47  C CD2 . PHE A 1 6   ? 6.273   13.490  5.678   1.00 10.30 ? 5    PHE A CD2 1 
ATOM   48  C CE1 . PHE A 1 6   ? 4.868   15.774  5.037   1.00 10.82 ? 5    PHE A CE1 1 
ATOM   49  C CE2 . PHE A 1 6   ? 6.828   14.469  4.882   1.00 9.37  ? 5    PHE A CE2 1 
ATOM   50  C CZ  . PHE A 1 6   ? 6.136   15.576  4.563   1.00 8.83  ? 5    PHE A CZ  1 
ATOM   51  N N   . GLU A 1 7   ? 4.574   10.294  5.010   1.00 8.04  ? 6    GLU A N   1 
ATOM   52  C CA  . GLU A 1 7   ? 5.240   9.847   3.775   1.00 8.26  ? 6    GLU A CA  1 
ATOM   53  C C   . GLU A 1 7   ? 4.240   9.212   2.805   1.00 8.37  ? 6    GLU A C   1 
ATOM   54  O O   . GLU A 1 7   ? 4.388   9.344   1.584   1.00 7.90  ? 6    GLU A O   1 
ATOM   55  C CB  . GLU A 1 7   ? 6.410   8.901   4.079   1.00 7.61  ? 6    GLU A CB  1 
ATOM   56  C CG  . GLU A 1 7   ? 7.551   9.508   4.922   1.00 8.63  ? 6    GLU A CG  1 
ATOM   57  C CD  . GLU A 1 7   ? 8.333   10.654  4.281   1.00 11.43 ? 6    GLU A CD  1 
ATOM   58  O OE1 . GLU A 1 7   ? 9.029   11.383  5.045   1.00 12.94 ? 6    GLU A OE1 1 
ATOM   59  O OE2 . GLU A 1 7   ? 8.293   10.833  3.055   1.00 9.67  ? 6    GLU A OE2 1 
ATOM   60  N N   . LEU A 1 8   ? 3.194   8.594   3.335   1.00 9.13  ? 7    LEU A N   1 
ATOM   61  C CA  . LEU A 1 8   ? 2.160   8.009   2.461   1.00 9.54  ? 7    LEU A CA  1 
ATOM   62  C C   . LEU A 1 8   ? 1.419   9.119   1.731   1.00 9.34  ? 7    LEU A C   1 
ATOM   63  O O   . LEU A 1 8   ? 1.180   9.031   0.516   1.00 9.66  ? 7    LEU A O   1 
ATOM   64  C CB  . LEU A 1 8   ? 1.178   7.163   3.262   1.00 9.51  ? 7    LEU A CB  1 
ATOM   65  C CG  . LEU A 1 8   ? 0.036   6.572   2.409   1.00 10.73 ? 7    LEU A CG  1 
ATOM   66  C CD1 . LEU A 1 8   ? 0.543   5.726   1.230   1.00 12.64 ? 7    LEU A CD1 1 
ATOM   67  C CD2 . LEU A 1 8   ? -0.939  5.829   3.280   1.00 13.16 ? 7    LEU A CD2 1 
ATOM   68  N N   . ARG A 1 9   ? 1.059   10.174  2.465   1.00 9.90  ? 8    ARG A N   1 
ATOM   69  C CA  . ARG A 1 9   ? 0.383   11.293  1.843   1.00 10.15 ? 8    ARG A CA  1 
ATOM   70  C C   . ARG A 1 9   ? 1.332   11.919  0.815   1.00 9.18  ? 8    ARG A C   1 
ATOM   71  O O   . ARG A 1 9   ? 0.932   12.252  -0.288  1.00 9.53  ? 8    ARG A O   1 
ATOM   72  C CB  . ARG A 1 9   ? -0.067  12.318  2.885   1.00 11.35 ? 8    ARG A CB  1 
ATOM   73  C CG  . ARG A 1 9   ? -1.321  13.036  2.486   1.00 14.04 ? 8    ARG A CG  1 
ATOM   74  C CD  . ARG A 1 9   ? -1.944  13.888  3.610   1.00 11.89 ? 8    ARG A CD  1 
ATOM   75  N NE  . ARG A 1 9   ? -2.855  14.850  3.041   1.00 17.30 ? 8    ARG A NE  1 
ATOM   76  C CZ  . ARG A 1 9   ? -3.460  15.792  3.730   1.00 14.19 ? 8    ARG A CZ  1 
ATOM   77  N NH1 . ARG A 1 9   ? -4.278  16.610  3.103   1.00 19.36 ? 8    ARG A NH1 1 
ATOM   78  N NH2 . ARG A 1 9   ? -3.246  15.916  5.027   1.00 15.69 ? 8    ARG A NH2 1 
ATOM   79  N N   . LYS A 1 10  ? 2.610   12.026  1.162   1.00 8.47  ? 9    LYS A N   1 
ATOM   80  C CA  . LYS A 1 10  ? 3.574   12.648  0.269   1.00 8.54  ? 9    LYS A CA  1 
ATOM   81  C C   . LYS A 1 10  ? 3.735   11.835  -1.013  1.00 8.55  ? 9    LYS A C   1 
ATOM   82  O O   . LYS A 1 10  ? 3.860   12.407  -2.081  1.00 8.09  ? 9    LYS A O   1 
ATOM   83  C CB  . LYS A 1 10  ? 4.924   12.824  0.959   1.00 8.94  ? 9    LYS A CB  1 
ATOM   84  C CG  . LYS A 1 10  ? 5.908   13.647  0.174   1.00 9.38  ? 9    LYS A CG  1 
ATOM   85  C CD  . LYS A 1 10  ? 7.058   14.090  1.094   1.00 9.16  ? 9    LYS A CD  1 
ATOM   86  C CE  . LYS A 1 10  ? 8.185   14.795  0.355   1.00 10.42 ? 9    LYS A CE  1 
ATOM   87  N NZ  . LYS A 1 10  ? 9.213   15.294  1.314   1.00 11.57 ? 9    LYS A NZ  1 
ATOM   88  N N   . ALA A 1 11  ? 3.714   10.511  -0.901  1.00 7.66  ? 10   ALA A N   1 
ATOM   89  C CA  . ALA A 1 11  ? 3.719   9.643   -2.090  1.00 8.04  ? 10   ALA A CA  1 
ATOM   90  C C   . ALA A 1 11  ? 2.465   9.822   -2.924  1.00 8.56  ? 10   ALA A C   1 
ATOM   91  O O   . ALA A 1 11  ? 2.532   9.899   -4.161  1.00 7.95  ? 10   ALA A O   1 
ATOM   92  C CB  . ALA A 1 11  ? 3.859   8.199   -1.694  1.00 7.82  ? 10   ALA A CB  1 
ATOM   93  N N   . GLN A 1 12  ? 1.330   9.925   -2.253  1.00 9.39  ? 11   GLN A N   1 
ATOM   94  C CA  . GLN A 1 12  ? 0.053   10.173  -2.934  1.00 9.72  ? 11   GLN A CA  1 
ATOM   95  C C   . GLN A 1 12  ? 0.039   11.474  -3.756  1.00 10.28 ? 11   GLN A C   1 
ATOM   96  O O   . GLN A 1 12  ? -0.514  11.533  -4.861  1.00 10.72 ? 11   GLN A O   1 
ATOM   97  C CB  . GLN A 1 12  ? -1.031  10.199  -1.868  1.00 10.25 ? 11   GLN A CB  1 
ATOM   98  C CG  . GLN A 1 12  ? -2.446  10.472  -2.346  1.00 10.79 ? 11   GLN A CG  1 
ATOM   99  C CD  . GLN A 1 12  ? -3.462  10.477  -1.211  1.00 12.05 ? 11   GLN A CD  1 
ATOM   100 O OE1 . GLN A 1 12  ? -3.148  10.847  -0.052  1.00 14.99 ? 11   GLN A OE1 1 
ATOM   101 N NE2 . GLN A 1 12  ? -4.680  10.054  -1.525  1.00 11.73 ? 11   GLN A NE2 1 
ATOM   102 N N   . ASP A 1 13  ? 0.669   12.503  -3.215  1.00 10.96 ? 12   ASP A N   1 
ATOM   103 C CA  . ASP A 1 13  ? 0.647   13.866  -3.780  1.00 11.12 ? 12   ASP A CA  1 
ATOM   104 C C   . ASP A 1 13  ? 1.800   14.170  -4.731  1.00 11.72 ? 12   ASP A C   1 
ATOM   105 O O   . ASP A 1 13  ? 1.670   15.071  -5.575  1.00 13.41 ? 12   ASP A O   1 
ATOM   106 C CB  . ASP A 1 13  ? 0.635   14.908  -2.662  1.00 11.65 ? 12   ASP A CB  1 
ATOM   107 C CG  . ASP A 1 13  ? -0.705  14.984  -1.942  1.00 13.27 ? 12   ASP A CG  1 
ATOM   108 O OD1 . ASP A 1 13  ? -1.759  14.829  -2.608  1.00 16.17 ? 12   ASP A OD1 1 
ATOM   109 O OD2 . ASP A 1 13  ? -0.800  15.227  -0.737  1.00 12.54 ? 12   ASP A OD2 1 
ATOM   110 N N   . THR A 1 14  ? 2.916   13.454  -4.611  1.00 10.06 ? 13   THR A N   1 
ATOM   111 C CA  . THR A 1 14  ? 4.089   13.739  -5.457  1.00 10.04 ? 13   THR A CA  1 
ATOM   112 C C   . THR A 1 14  ? 4.511   12.580  -6.353  1.00 10.09 ? 13   THR A C   1 
ATOM   113 O O   . THR A 1 14  ? 5.376   12.769  -7.232  1.00 10.54 ? 13   THR A O   1 
ATOM   114 C CB  . THR A 1 14  ? 5.309   14.160  -4.644  1.00 9.82  ? 13   THR A CB  1 
ATOM   115 O OG1 . THR A 1 14  ? 5.820   13.061  -3.849  1.00 8.96  ? 13   THR A OG1 1 
ATOM   116 C CG2 . THR A 1 14  ? 4.977   15.270  -3.689  1.00 9.50  ? 13   THR A CG2 1 
ATOM   117 N N   . GLY A 1 15  ? 3.950   11.398  -6.091  1.00 9.83  ? 14   GLY A N   1 
ATOM   118 C CA  . GLY A 1 15  ? 4.236   10.190  -6.882  1.00 9.90  ? 14   GLY A CA  1 
ATOM   119 C C   . GLY A 1 15  ? 2.980   9.643   -7.528  1.00 9.70  ? 14   GLY A C   1 
ATOM   120 O O   . GLY A 1 15  ? 2.190   10.395  -8.118  1.00 8.94  ? 14   GLY A O   1 
ATOM   121 N N   . LYS A 1 16  ? 2.794   8.334   -7.422  1.00 9.28  ? 15   LYS A N   1 
ATOM   122 C CA  . LYS A 1 16  ? 1.588   7.667   -7.928  1.00 10.18 ? 15   LYS A CA  1 
ATOM   123 C C   . LYS A 1 16  ? 1.276   6.466   -7.071  1.00 9.70  ? 15   LYS A C   1 
ATOM   124 O O   . LYS A 1 16  ? 2.123   5.606   -6.877  1.00 7.87  ? 15   LYS A O   1 
ATOM   125 C CB  . LYS A 1 16  ? 1.749   7.227   -9.386  1.00 10.62 ? 15   LYS A CB  1 
ATOM   126 C CG  . LYS A 1 16  ? 0.377   6.912   -10.075 1.00 11.35 ? 15   LYS A CG  1 
ATOM   127 C CD  . LYS A 1 16  ? 0.513   6.650   -11.566 1.00 13.92 ? 15   LYS A CD  1 
ATOM   128 C CE  . LYS A 1 16  ? -0.859  6.729   -12.272 1.00 16.95 ? 15   LYS A CE  1 
ATOM   129 N NZ  . LYS A 1 16  ? -1.904  5.814   -11.703 1.00 14.92 ? 15   LYS A NZ  1 
ATOM   130 N N   . ILE A 1 17  ? 0.062   6.435   -6.545  1.00 9.44  ? 16   ILE A N   1 
ATOM   131 C CA  . ILE A 1 17  ? -0.399  5.265   -5.843  1.00 11.05 ? 16   ILE A CA  1 
ATOM   132 C C   . ILE A 1 17  ? -1.694  4.801   -6.463  1.00 10.68 ? 16   ILE A C   1 
ATOM   133 O O   . ILE A 1 17  ? -2.409  5.599   -7.081  1.00 12.21 ? 16   ILE A O   1 
ATOM   134 C CB  . ILE A 1 17  ? -0.581  5.563   -4.316  1.00 11.08 ? 16   ILE A CB  1 
ATOM   135 C CG1 . ILE A 1 17  ? -1.749  6.514   -4.052  1.00 13.18 ? 16   ILE A CG1 1 
ATOM   136 C CG2 . ILE A 1 17  ? 0.697   6.082   -3.698  1.00 10.67 ? 16   ILE A CG2 1 
ATOM   137 C CD1 . ILE A 1 17  ? -2.139  6.559   -2.607  1.00 14.54 ? 16   ILE A CD1 1 
ATOM   138 N N   . VAL A 1 18  ? -2.008  3.518   -6.317  1.00 10.29 ? 17   VAL A N   1 
ATOM   139 C CA  . VAL A 1 18  ? -3.327  3.012   -6.675  1.00 10.80 ? 17   VAL A CA  1 
ATOM   140 C C   . VAL A 1 18  ? -3.963  2.378   -5.431  1.00 10.89 ? 17   VAL A C   1 
ATOM   141 O O   . VAL A 1 18  ? -3.293  1.691   -4.670  1.00 9.16  ? 17   VAL A O   1 
ATOM   142 C CB  . VAL A 1 18  ? -3.292  2.032   -7.867  1.00 11.26 ? 17   VAL A CB  1 
ATOM   143 C CG1 . VAL A 1 18  ? -2.776  2.752   -9.100  1.00 11.82 ? 17   VAL A CG1 1 
ATOM   144 C CG2 . VAL A 1 18  ? -2.452  0.769   -7.568  1.00 12.34 ? 17   VAL A CG2 1 
ATOM   145 N N   . MET A 1 19  ? -5.257  2.617   -5.260  1.00 11.98 ? 18   MET A N   1 
ATOM   146 C CA  . MET A 1 19  ? -5.982  2.252   -4.033  1.00 14.08 ? 18   MET A CA  1 
ATOM   147 C C   . MET A 1 19  ? -6.927  1.092   -4.256  1.00 14.33 ? 18   MET A C   1 
ATOM   148 O O   . MET A 1 19  ? -7.533  0.977   -5.328  1.00 14.06 ? 18   MET A O   1 
ATOM   149 C CB  . MET A 1 19  ? -6.826  3.424   -3.564  1.00 15.15 ? 18   MET A CB  1 
ATOM   150 C CG  . MET A 1 19  ? -6.104  4.408   -2.724  1.00 16.72 ? 18   MET A CG  1 
ATOM   151 S SD  . MET A 1 19  ? -7.300  5.638   -2.233  1.00 19.84 ? 18   MET A SD  1 
ATOM   152 C CE  . MET A 1 19  ? -6.293  7.068   -2.473  1.00 18.05 ? 18   MET A CE  1 
ATOM   153 N N   . GLY A 1 20  ? -7.098  0.273   -3.212  1.00 14.25 ? 19   GLY A N   1 
ATOM   154 C CA  . GLY A 1 20  ? -8.027  -0.857  -3.225  1.00 14.46 ? 19   GLY A CA  1 
ATOM   155 C C   . GLY A 1 20  ? -7.385  -2.209  -3.471  1.00 14.68 ? 19   GLY A C   1 
ATOM   156 O O   . GLY A 1 20  ? -6.333  -2.312  -4.091  1.00 13.82 ? 19   GLY A O   1 
ATOM   157 N N   . ALA A 1 21  ? -8.042  -3.262  -2.992  1.00 15.45 ? 20   ALA A N   1 
ATOM   158 C CA  . ALA A 1 21  ? -7.548  -4.625  -3.126  1.00 16.16 ? 20   ALA A CA  1 
ATOM   159 C C   . ALA A 1 21  ? -7.397  -5.061  -4.575  1.00 16.22 ? 20   ALA A C   1 
ATOM   160 O O   . ALA A 1 21  ? -6.434  -5.718  -4.944  1.00 16.57 ? 20   ALA A O   1 
ATOM   161 C CB  . ALA A 1 21  ? -8.506  -5.582  -2.394  1.00 16.70 ? 20   ALA A CB  1 
ATOM   162 N N   . ARG A 1 22  ? -8.369  -4.677  -5.393  1.00 17.52 ? 21   ARG A N   1 
ATOM   163 C CA  . ARG A 1 22  ? -8.423  -5.098  -6.782  1.00 17.45 ? 21   ARG A CA  1 
ATOM   164 C C   . ARG A 1 22  ? -7.192  -4.643  -7.563  1.00 16.48 ? 21   ARG A C   1 
ATOM   165 O O   . ARG A 1 22  ? -6.477  -5.456  -8.150  1.00 16.15 ? 21   ARG A O   1 
ATOM   166 C CB  . ARG A 1 22  ? -9.696  -4.544  -7.419  1.00 18.32 ? 21   ARG A CB  1 
ATOM   167 C CG  . ARG A 1 22  ? -9.845  -4.856  -8.871  1.00 18.61 ? 21   ARG A CG  1 
ATOM   168 C CD  . ARG A 1 22  ? -11.097 -4.262  -9.458  1.00 19.02 ? 21   ARG A CD  1 
ATOM   169 N NE  . ARG A 1 22  ? -11.106 -2.798  -9.414  1.00 21.12 ? 21   ARG A NE  1 
ATOM   170 C CZ  . ARG A 1 22  ? -10.522 -2.024  -10.330 1.00 19.50 ? 21   ARG A CZ  1 
ATOM   171 N NH1 . ARG A 1 22  ? -9.870  -2.584  -11.342 1.00 20.29 ? 21   ARG A NH1 1 
ATOM   172 N NH2 . ARG A 1 22  ? -10.576 -0.710  -10.232 1.00 20.49 ? 21   ARG A NH2 1 
ATOM   173 N N   . LYS A 1 23  ? -6.936  -3.345  -7.536  1.00 16.55 ? 22   LYS A N   1 
ATOM   174 C CA  . LYS A 1 23  ? -5.785  -2.776  -8.248  1.00 16.62 ? 22   LYS A CA  1 
ATOM   175 C C   . LYS A 1 23  ? -4.464  -3.179  -7.569  1.00 15.57 ? 22   LYS A C   1 
ATOM   176 O O   . LYS A 1 23  ? -3.482  -3.462  -8.248  1.00 13.86 ? 22   LYS A O   1 
ATOM   177 C CB  . LYS A 1 23  ? -5.913  -1.255  -8.378  1.00 16.93 ? 22   LYS A CB  1 
ATOM   178 C CG  . LYS A 1 23  ? -6.994  -0.846  -9.393  1.00 19.91 ? 22   LYS A CG  1 
ATOM   179 C CD  . LYS A 1 23  ? -6.871  0.620   -9.776  1.00 19.91 ? 22   LYS A CD  1 
ATOM   180 C CE  . LYS A 1 23  ? -7.082  1.502   -8.584  1.00 22.46 ? 22   LYS A CE  1 
ATOM   181 N NZ  . LYS A 1 23  ? -7.324  2.891   -9.031  1.00 27.89 ? 22   LYS A NZ  1 
ATOM   182 N N   . SER A 1 24  ? -4.463  -3.259  -6.243  1.00 15.24 ? 23   SER A N   1 
ATOM   183 C CA  . SER A 1 24  ? -3.249  -3.665  -5.523  1.00 15.38 ? 23   SER A CA  1 
ATOM   184 C C   . SER A 1 24  ? -2.813  -5.065  -5.937  1.00 15.30 ? 23   SER A C   1 
ATOM   185 O O   . SER A 1 24  ? -1.648  -5.292  -6.199  1.00 14.86 ? 23   SER A O   1 
ATOM   186 C CB  . SER A 1 24  ? -3.459  -3.600  -4.009  1.00 15.01 ? 23   SER A CB  1 
ATOM   187 O OG  . SER A 1 24  ? -3.740  -2.285  -3.591  1.00 12.69 ? 23   SER A OG  1 
ATOM   188 N N   . ILE A 1 25  ? -3.764  -5.995  -6.069  1.00 15.22 ? 24   ILE A N   1 
ATOM   189 C CA  . ILE A 1 25  ? -3.415  -7.355  -6.507  1.00 16.15 ? 24   ILE A CA  1 
ATOM   190 C C   . ILE A 1 25  ? -2.938  -7.405  -7.952  1.00 16.19 ? 24   ILE A C   1 
ATOM   191 O O   . ILE A 1 25  ? -1.984  -8.107  -8.283  1.00 14.65 ? 24   ILE A O   1 
ATOM   192 C CB  . ILE A 1 25  ? -4.600  -8.325  -6.285  1.00 16.40 ? 24   ILE A CB  1 
ATOM   193 C CG1 . ILE A 1 25  ? -4.783  -8.576  -4.786  1.00 17.45 ? 24   ILE A CG1 1 
ATOM   194 C CG2 . ILE A 1 25  ? -4.349  -9.687  -7.018  1.00 16.55 ? 24   ILE A CG2 1 
ATOM   195 C CD1 . ILE A 1 25  ? -6.076  -9.198  -4.432  1.00 16.91 ? 24   ILE A CD1 1 
ATOM   196 N N   . GLN A 1 26  ? -3.628  -6.663  -8.809  1.00 16.13 ? 25   GLN A N   1 
ATOM   197 C CA  . GLN A 1 26  ? -3.255  -6.520  -10.204 1.00 16.50 ? 25   GLN A CA  1 
ATOM   198 C C   . GLN A 1 26  ? -1.831  -6.018  -10.378 1.00 15.87 ? 25   GLN A C   1 
ATOM   199 O O   . GLN A 1 26  ? -1.041  -6.578  -11.168 1.00 16.18 ? 25   GLN A O   1 
ATOM   200 C CB  . GLN A 1 26  ? -4.222  -5.545  -10.872 1.00 16.78 ? 25   GLN A CB  1 
ATOM   201 C CG  . GLN A 1 26  ? -4.070  -5.461  -12.364 1.00 18.37 ? 25   GLN A CG  1 
ATOM   202 C CD  . GLN A 1 26  ? -5.148  -4.600  -12.983 1.00 20.40 ? 25   GLN A CD  1 
ATOM   203 O OE1 . GLN A 1 26  ? -6.145  -5.123  -13.495 1.00 27.86 ? 25   GLN A OE1 1 
ATOM   204 N NE2 . GLN A 1 26  ? -4.965  -3.290  -12.931 1.00 27.58 ? 25   GLN A NE2 1 
ATOM   205 N N   . TYR A 1 27  ? -1.504  -4.947  -9.649  1.00 14.52 ? 26   TYR A N   1 
ATOM   206 C CA  . TYR A 1 27  ? -0.180  -4.355  -9.729  1.00 14.18 ? 26   TYR A CA  1 
ATOM   207 C C   . TYR A 1 27  ? 0.892   -5.278  -9.130  1.00 13.49 ? 26   TYR A C   1 
ATOM   208 O O   . TYR A 1 27  ? 2.013   -5.318  -9.641  1.00 13.94 ? 26   TYR A O   1 
ATOM   209 C CB  . TYR A 1 27  ? -0.141  -2.976  -9.060  1.00 13.94 ? 26   TYR A CB  1 
ATOM   210 C CG  . TYR A 1 27  ? -0.594  -1.894  -10.018 1.00 12.73 ? 26   TYR A CG  1 
ATOM   211 C CD1 . TYR A 1 27  ? 0.298   -0.918  -10.453 1.00 13.48 ? 26   TYR A CD1 1 
ATOM   212 C CD2 . TYR A 1 27  ? -1.888  -1.874  -10.517 1.00 14.00 ? 26   TYR A CD2 1 
ATOM   213 C CE1 . TYR A 1 27  ? -0.082  0.062   -11.373 1.00 13.89 ? 26   TYR A CE1 1 
ATOM   214 C CE2 . TYR A 1 27  ? -2.288  -0.887  -11.446 1.00 13.10 ? 26   TYR A CE2 1 
ATOM   215 C CZ  . TYR A 1 27  ? -1.380  0.091   -11.838 1.00 13.86 ? 26   TYR A CZ  1 
ATOM   216 O OH  . TYR A 1 27  ? -1.716  1.108   -12.721 1.00 15.84 ? 26   TYR A OH  1 
ATOM   217 N N   . ALA A 1 28  ? 0.557   -6.006  -8.062  1.00 13.82 ? 27   ALA A N   1 
ATOM   218 C CA  . ALA A 1 28  ? 1.493   -7.021  -7.531  1.00 15.49 ? 27   ALA A CA  1 
ATOM   219 C C   . ALA A 1 28  ? 1.750   -8.103  -8.575  1.00 16.26 ? 27   ALA A C   1 
ATOM   220 O O   . ALA A 1 28  ? 2.906   -8.446  -8.862  1.00 16.86 ? 27   ALA A O   1 
ATOM   221 C CB  . ALA A 1 28  ? 0.979   -7.642  -6.244  1.00 15.70 ? 27   ALA A CB  1 
ATOM   222 N N   . LYS A 1 29  ? 0.662   -8.600  -9.155  1.00 17.99 ? 28   LYS A N   1 
ATOM   223 C CA  . LYS A 1 29  ? 0.748   -9.594  -10.228 1.00 19.00 ? 28   LYS A CA  1 
ATOM   224 C C   . LYS A 1 29  ? 1.640   -9.179  -11.359 1.00 19.41 ? 28   LYS A C   1 
ATOM   225 O O   . LYS A 1 29  ? 2.482   -9.952  -11.788 1.00 20.53 ? 28   LYS A O   1 
ATOM   226 C CB  . LYS A 1 29  ? -0.623  -9.904  -10.807 1.00 20.08 ? 28   LYS A CB  1 
ATOM   227 C CG  . LYS A 1 29  ? -1.360  -10.946 -10.064 1.00 21.33 ? 28   LYS A CG  1 
ATOM   228 C CD  . LYS A 1 29  ? -2.457  -11.489 -10.954 1.00 21.50 ? 28   LYS A CD  1 
ATOM   229 C CE  . LYS A 1 29  ? -3.515  -12.196 -10.201 1.00 24.21 ? 28   LYS A CE  1 
ATOM   230 N NZ  . LYS A 1 29  ? -4.708  -12.320 -11.079 1.00 25.73 ? 28   LYS A NZ  1 
ATOM   231 N N   . MET A 1 30  ? 1.454   -7.960  -11.858 1.00 19.31 ? 29   MET A N   1 
ATOM   232 C CA  . MET A 1 30  ? 2.171   -7.502  -13.033 1.00 19.77 ? 29   MET A CA  1 
ATOM   233 C C   . MET A 1 30  ? 3.576   -7.026  -12.723 1.00 18.37 ? 29   MET A C   1 
ATOM   234 O O   . MET A 1 30  ? 4.333   -6.712  -13.638 1.00 18.87 ? 29   MET A O   1 
ATOM   235 C CB  . MET A 1 30  ? 1.387   -6.383  -13.738 1.00 20.35 ? 29   MET A CB  1 
ATOM   236 C CG  . MET A 1 30  ? 1.485   -5.042  -13.069 1.00 21.38 ? 29   MET A CG  1 
ATOM   237 S SD  . MET A 1 30  ? 0.913   -3.664  -14.072 1.00 25.36 ? 29   MET A SD  1 
ATOM   238 C CE  . MET A 1 30  ? -0.827  -3.954  -13.880 1.00 21.45 ? 29   MET A CE  1 
ATOM   239 N N   . GLY A 1 31  ? 3.934   -6.964  -11.439 1.00 16.91 ? 30   GLY A N   1 
ATOM   240 C CA  . GLY A 1 31  ? 5.234   -6.458  -11.029 1.00 16.56 ? 30   GLY A CA  1 
ATOM   241 C C   . GLY A 1 31  ? 5.372   -4.968  -11.207 1.00 15.19 ? 30   GLY A C   1 
ATOM   242 O O   . GLY A 1 31  ? 6.468   -4.472  -11.460 1.00 18.15 ? 30   GLY A O   1 
ATOM   243 N N   . GLY A 1 32  ? 4.264   -4.257  -11.037 1.00 14.07 ? 31   GLY A N   1 
ATOM   244 C CA  . GLY A 1 32  ? 4.166   -2.852  -11.375 1.00 13.63 ? 31   GLY A CA  1 
ATOM   245 C C   . GLY A 1 32  ? 4.011   -1.899  -10.202 1.00 12.43 ? 31   GLY A C   1 
ATOM   246 O O   . GLY A 1 32  ? 3.610   -0.755  -10.389 1.00 13.99 ? 31   GLY A O   1 
ATOM   247 N N   . ALA A 1 33  ? 4.267   -2.384  -8.999  1.00 11.10 ? 32   ALA A N   1 
ATOM   248 C CA  . ALA A 1 33  ? 4.393   -1.517  -7.835  1.00 10.97 ? 32   ALA A CA  1 
ATOM   249 C C   . ALA A 1 33  ? 5.694   -1.787  -7.113  1.00 10.00 ? 32   ALA A C   1 
ATOM   250 O O   . ALA A 1 33  ? 6.329   -2.838  -7.280  1.00 8.90  ? 32   ALA A O   1 
ATOM   251 C CB  . ALA A 1 33  ? 3.257   -1.705  -6.928  1.00 11.84 ? 32   ALA A CB  1 
ATOM   252 N N   . LYS A 1 34  ? 6.072   -0.816  -6.302  1.00 8.50  ? 33   LYS A N   1 
ATOM   253 C CA  . LYS A 1 34  ? 7.309   -0.861  -5.543  1.00 9.48  ? 33   LYS A CA  1 
ATOM   254 C C   . LYS A 1 34  ? 7.082   -1.175  -4.056  1.00 8.27  ? 33   LYS A C   1 
ATOM   255 O O   . LYS A 1 34  ? 8.041   -1.461  -3.359  1.00 7.51  ? 33   LYS A O   1 
ATOM   256 C CB  . LYS A 1 34  ? 8.037   0.480   -5.702  1.00 10.29 ? 33   LYS A CB  1 
ATOM   257 C CG  . LYS A 1 34  ? 8.371   0.752   -7.181  1.00 12.70 ? 33   LYS A CG  1 
ATOM   258 C CD  . LYS A 1 34  ? 9.293   1.907   -7.357  1.00 14.58 ? 33   LYS A CD  1 
ATOM   259 C CE  . LYS A 1 34  ? 9.764   2.060   -8.794  1.00 17.02 ? 33   LYS A CE  1 
ATOM   260 N NZ  . LYS A 1 34  ? 8.630   2.317   -9.694  1.00 23.66 ? 33   LYS A NZ  1 
ATOM   261 N N   . LEU A 1 35  ? 5.834   -1.093  -3.603  1.00 7.60  ? 34   LEU A N   1 
ATOM   262 C CA  . LEU A 1 35  ? 5.433   -1.430  -2.231  1.00 8.12  ? 34   LEU A CA  1 
ATOM   263 C C   . LEU A 1 35  ? 3.939   -1.660  -2.227  1.00 8.50  ? 34   LEU A C   1 
ATOM   264 O O   . LEU A 1 35  ? 3.210   -0.924  -2.887  1.00 7.77  ? 34   LEU A O   1 
ATOM   265 C CB  . LEU A 1 35  ? 5.758   -0.276  -1.273  1.00 7.72  ? 34   LEU A CB  1 
ATOM   266 C CG  . LEU A 1 35  ? 5.268   -0.431  0.184   1.00 7.41  ? 34   LEU A CG  1 
ATOM   267 C CD1 . LEU A 1 35  ? 5.994   -1.577  0.889   1.00 8.46  ? 34   LEU A CD1 1 
ATOM   268 C CD2 . LEU A 1 35  ? 5.464   0.862   1.009   1.00 9.05  ? 34   LEU A CD2 1 
ATOM   269 N N   . ILE A 1 36  ? 3.497   -2.702  -1.519  1.00 7.58  ? 35   ILE A N   1 
ATOM   270 C CA  . ILE A 1 36  ? 2.066   -2.877  -1.247  1.00 7.90  ? 35   ILE A CA  1 
ATOM   271 C C   . ILE A 1 36  ? 1.834   -2.663  0.242   1.00 8.16  ? 35   ILE A C   1 
ATOM   272 O O   . ILE A 1 36  ? 2.558   -3.186  1.071   1.00 8.18  ? 35   ILE A O   1 
ATOM   273 C CB  . ILE A 1 36  ? 1.501   -4.253  -1.651  1.00 8.77  ? 35   ILE A CB  1 
ATOM   274 C CG1 . ILE A 1 36  ? 2.044   -4.786  -2.971  1.00 12.23 ? 35   ILE A CG1 1 
ATOM   275 C CG2 . ILE A 1 36  ? -0.040  -4.159  -1.715  1.00 8.42  ? 35   ILE A CG2 1 
ATOM   276 C CD1 . ILE A 1 36  ? 1.761   -3.928  -4.176  1.00 14.20 ? 35   ILE A CD1 1 
ATOM   277 N N   . ILE A 1 37  ? 0.809   -1.888  0.571   1.00 7.78  ? 36   ILE A N   1 
ATOM   278 C CA  . ILE A 1 37  ? 0.486   -1.611  1.958   1.00 8.34  ? 36   ILE A CA  1 
ATOM   279 C C   . ILE A 1 37  ? -0.896  -2.211  2.178   1.00 8.36  ? 36   ILE A C   1 
ATOM   280 O O   . ILE A 1 37  ? -1.793  -2.040  1.354   1.00 8.09  ? 36   ILE A O   1 
ATOM   281 C CB  . ILE A 1 37  ? 0.500   -0.080  2.248   1.00 8.38  ? 36   ILE A CB  1 
ATOM   282 C CG1 . ILE A 1 37  ? 1.939   0.462   2.151   1.00 7.88  ? 36   ILE A CG1 1 
ATOM   283 C CG2 . ILE A 1 37  ? -0.145  0.219   3.595   1.00 8.71  ? 36   ILE A CG2 1 
ATOM   284 C CD1 . ILE A 1 37  ? 2.055   1.981   2.102   1.00 10.51 ? 36   ILE A CD1 1 
ATOM   285 N N   . VAL A 1 38  ? -1.041  -2.974  3.249   1.00 8.32  ? 37   VAL A N   1 
ATOM   286 C CA  . VAL A 1 38  ? -2.337  -3.563  3.593   1.00 8.65  ? 37   VAL A CA  1 
ATOM   287 C C   . VAL A 1 38  ? -2.742  -3.107  4.987   1.00 8.25  ? 37   VAL A C   1 
ATOM   288 O O   . VAL A 1 38  ? -1.905  -2.977  5.868   1.00 8.13  ? 37   VAL A O   1 
ATOM   289 C CB  . VAL A 1 38  ? -2.338  -5.111  3.513   1.00 9.54  ? 37   VAL A CB  1 
ATOM   290 C CG1 . VAL A 1 38  ? -2.027  -5.550  2.097   1.00 11.37 ? 37   VAL A CG1 1 
ATOM   291 C CG2 . VAL A 1 38  ? -1.380  -5.757  4.497   1.00 9.72  ? 37   VAL A CG2 1 
ATOM   292 N N   . ALA A 1 39  ? -4.031  -2.824  5.168   1.00 8.00  ? 38   ALA A N   1 
ATOM   293 C CA  . ALA A 1 39  ? -4.561  -2.533  6.508   1.00 8.22  ? 38   ALA A CA  1 
ATOM   294 C C   . ALA A 1 39  ? -4.554  -3.793  7.363   1.00 8.32  ? 38   ALA A C   1 
ATOM   295 O O   . ALA A 1 39  ? -4.641  -4.902  6.829   1.00 8.27  ? 38   ALA A O   1 
ATOM   296 C CB  . ALA A 1 39  ? -5.948  -2.041  6.391   1.00 8.35  ? 38   ALA A CB  1 
ATOM   297 N N   . ARG A 1 40  ? -4.505  -3.643  8.697   1.00 8.43  ? 39   ARG A N   1 
ATOM   298 C CA  . ARG A 1 40  ? -4.407  -4.844  9.537   1.00 9.29  ? 39   ARG A CA  1 
ATOM   299 C C   . ARG A 1 40  ? -5.661  -5.752  9.352   1.00 9.00  ? 39   ARG A C   1 
ATOM   300 O O   . ARG A 1 40  ? -5.591  -6.972  9.541   1.00 8.97  ? 39   ARG A O   1 
ATOM   301 C CB  . ARG A 1 40  ? -4.147  -4.488  11.004  1.00 10.33 ? 39   ARG A CB  1 
ATOM   302 C CG  . ARG A 1 40  ? -5.262  -3.863  11.717  1.00 11.67 ? 39   ARG A CG  1 
ATOM   303 C CD  . ARG A 1 40  ? -5.066  -3.820  13.252  1.00 12.09 ? 39   ARG A CD  1 
ATOM   304 N NE  . ARG A 1 40  ? -6.342  -3.530  13.902  1.00 15.75 ? 39   ARG A NE  1 
ATOM   305 C CZ  . ARG A 1 40  ? -6.648  -2.423  14.548  1.00 13.86 ? 39   ARG A CZ  1 
ATOM   306 N NH1 . ARG A 1 40  ? -5.752  -1.446  14.701  1.00 14.63 ? 39   ARG A NH1 1 
ATOM   307 N NH2 . ARG A 1 40  ? -7.859  -2.302  15.086  1.00 15.84 ? 39   ARG A NH2 1 
ATOM   308 N N   . ASN A 1 41  ? -6.807  -5.151  8.995   1.00 8.54  ? 40   ASN A N   1 
ATOM   309 C CA  . ASN A 1 41  ? -8.034  -5.909  8.860   1.00 9.32  ? 40   ASN A CA  1 
ATOM   310 C C   . ASN A 1 41  ? -8.375  -6.209  7.424   1.00 9.65  ? 40   ASN A C   1 
ATOM   311 O O   . ASN A 1 41  ? -9.510  -6.567  7.121   1.00 9.53  ? 40   ASN A O   1 
ATOM   312 C CB  . ASN A 1 41  ? -9.228  -5.206  9.528   1.00 9.77  ? 40   ASN A CB  1 
ATOM   313 C CG  . ASN A 1 41  ? -9.613  -3.936  8.818   1.00 10.19 ? 40   ASN A CG  1 
ATOM   314 O OD1 . ASN A 1 41  ? -8.741  -3.163  8.457   1.00 9.77  ? 40   ASN A OD1 1 
ATOM   315 N ND2 . ASN A 1 41  ? -10.934 -3.742  8.555   1.00 13.39 ? 40   ASN A ND2 1 
ATOM   316 N N   . ALA A 1 42  ? -7.410  -6.092  6.519   1.00 9.78  ? 41   ALA A N   1 
ATOM   317 C CA  . ALA A 1 42  ? -7.640  -6.615  5.182   1.00 9.55  ? 41   ALA A CA  1 
ATOM   318 C C   . ALA A 1 42  ? -8.100  -8.088  5.252   1.00 10.66 ? 41   ALA A C   1 
ATOM   319 O O   . ALA A 1 42  ? -7.633  -8.882  6.084   1.00 11.02 ? 41   ALA A O   1 
ATOM   320 C CB  . ALA A 1 42  ? -6.411  -6.466  4.327   1.00 9.86  ? 41   ALA A CB  1 
ATOM   321 N N   . ARG A 1 43  ? -9.048  -8.437  4.395   1.00 10.76 ? 42   ARG A N   1 
ATOM   322 C CA  . ARG A 1 43  ? -9.590  -9.789  4.361   1.00 10.94 ? 42   ARG A CA  1 
ATOM   323 C C   . ARG A 1 43  ? -8.463  -10.806 4.211   1.00 11.34 ? 42   ARG A C   1 
ATOM   324 O O   . ARG A 1 43  ? -7.588  -10.619 3.362   1.00 11.53 ? 42   ARG A O   1 
ATOM   325 C CB  . ARG A 1 43  ? -10.597 -9.911  3.221   1.00 10.52 ? 42   ARG A CB  1 
ATOM   326 C CG  . ARG A 1 43  ? -11.662 -10.961 3.405   1.00 11.22 ? 42   ARG A CG  1 
ATOM   327 C CD  . ARG A 1 43  ? -12.721 -10.883 2.309   1.00 12.59 ? 42   ARG A CD  1 
ATOM   328 N NE  . ARG A 1 43  ? -12.167 -11.312 1.034   1.00 14.09 ? 42   ARG A NE  1 
ATOM   329 C CZ  . ARG A 1 43  ? -12.791 -11.191 -0.141  1.00 17.97 ? 42   ARG A CZ  1 
ATOM   330 N NH1 . ARG A 1 43  ? -12.202 -11.617 -1.256  1.00 19.91 ? 42   ARG A NH1 1 
ATOM   331 N NH2 . ARG A 1 43  ? -13.967 -10.596 -0.223  1.00 18.76 ? 42   ARG A NH2 1 
ATOM   332 N N   . PRO A 1 44  ? -8.468  -11.863 5.021   1.00 11.19 ? 43   PRO A N   1 
ATOM   333 C CA  . PRO A 1 44  ? -7.372  -12.838 5.023   1.00 12.06 ? 43   PRO A CA  1 
ATOM   334 C C   . PRO A 1 44  ? -6.922  -13.309 3.640   1.00 11.69 ? 43   PRO A C   1 
ATOM   335 O O   . PRO A 1 44  ? -5.717  -13.402 3.389   1.00 11.56 ? 43   PRO A O   1 
ATOM   336 C CB  . PRO A 1 44  ? -7.946  -14.002 5.841   1.00 12.78 ? 43   PRO A CB  1 
ATOM   337 C CG  . PRO A 1 44  ? -8.855  -13.334 6.823   1.00 11.26 ? 43   PRO A CG  1 
ATOM   338 C CD  . PRO A 1 44  ? -9.480  -12.208 6.042   1.00 12.84 ? 43   PRO A CD  1 
ATOM   339 N N   . ASP A 1 45  ? -7.863  -13.662 2.767   1.00 11.50 ? 44   ASP A N   1 
ATOM   340 C CA  . ASP A 1 45  ? -7.473  -14.180 1.470   1.00 12.80 ? 44   ASP A CA  1 
ATOM   341 C C   . ASP A 1 45  ? -6.839  -13.102 0.620   1.00 12.89 ? 44   ASP A C   1 
ATOM   342 O O   . ASP A 1 45  ? -5.970  -13.410 -0.196  1.00 13.50 ? 44   ASP A O   1 
ATOM   343 C CB  . ASP A 1 45  ? -8.622  -14.836 0.715   1.00 13.75 ? 44   ASP A CB  1 
ATOM   344 C CG  . ASP A 1 45  ? -9.770  -13.909 0.488   1.00 14.52 ? 44   ASP A CG  1 
ATOM   345 O OD1 . ASP A 1 45  ? -10.335 -13.437 1.493   1.00 15.69 ? 44   ASP A OD1 1 
ATOM   346 O OD2 . ASP A 1 45  ? -10.186 -13.613 -0.645  1.00 17.33 ? 44   ASP A OD2 1 
ATOM   347 N N   . ILE A 1 46  ? -7.272  -11.851 0.797   1.00 13.22 ? 45   ILE A N   1 
ATOM   348 C CA  . ILE A 1 46  ? -6.663  -10.703 0.096   1.00 12.88 ? 45   ILE A CA  1 
ATOM   349 C C   . ILE A 1 46  ? -5.258  -10.435 0.611   1.00 12.66 ? 45   ILE A C   1 
ATOM   350 O O   . ILE A 1 46  ? -4.352  -10.217 -0.176  1.00 11.67 ? 45   ILE A O   1 
ATOM   351 C CB  . ILE A 1 46  ? -7.547  -9.443  0.198   1.00 13.66 ? 45   ILE A CB  1 
ATOM   352 C CG1 . ILE A 1 46  ? -8.783  -9.638  -0.669  1.00 14.05 ? 45   ILE A CG1 1 
ATOM   353 C CG2 . ILE A 1 46  ? -6.753  -8.161  -0.223  1.00 13.75 ? 45   ILE A CG2 1 
ATOM   354 C CD1 . ILE A 1 46  ? -9.853  -8.605  -0.462  1.00 14.19 ? 45   ILE A CD1 1 
ATOM   355 N N   . LYS A 1 47  ? -5.059  -10.444 1.927   1.00 12.20 ? 46   LYS A N   1 
ATOM   356 C CA  . LYS A 1 47  ? -3.707  -10.390 2.463   1.00 12.92 ? 46   LYS A CA  1 
ATOM   357 C C   . LYS A 1 47  ? -2.837  -11.478 1.865   1.00 12.42 ? 46   LYS A C   1 
ATOM   358 O O   . LYS A 1 47  ? -1.712  -11.209 1.399   1.00 11.66 ? 46   LYS A O   1 
ATOM   359 C CB  . LYS A 1 47  ? -3.666  -10.579 3.974   1.00 13.60 ? 46   LYS A CB  1 
ATOM   360 C CG  . LYS A 1 47  ? -4.096  -9.427  4.767   1.00 15.03 ? 46   LYS A CG  1 
ATOM   361 C CD  . LYS A 1 47  ? -3.793  -9.707  6.259   1.00 14.84 ? 46   LYS A CD  1 
ATOM   362 C CE  . LYS A 1 47  ? -4.276  -8.592  7.182   1.00 15.76 ? 46   LYS A CE  1 
ATOM   363 N NZ  . LYS A 1 47  ? -3.793  -8.789  8.596   1.00 14.99 ? 46   LYS A NZ  1 
ATOM   364 N N   . GLU A 1 48  ? -3.335  -12.709 1.878   1.00 11.72 ? 47   GLU A N   1 
ATOM   365 C CA  . GLU A 1 48  ? -2.522  -13.811 1.408   1.00 12.83 ? 47   GLU A CA  1 
ATOM   366 C C   . GLU A 1 48  ? -2.183  -13.742 -0.076  1.00 11.58 ? 47   GLU A C   1 
ATOM   367 O O   . GLU A 1 48  ? -1.030  -13.992 -0.464  1.00 11.25 ? 47   GLU A O   1 
ATOM   368 C CB  . GLU A 1 48  ? -3.147  -15.145 1.776   1.00 13.14 ? 47   GLU A CB  1 
ATOM   369 C CG  . GLU A 1 48  ? -3.020  -15.419 3.249   1.00 16.07 ? 47   GLU A CG  1 
ATOM   370 C CD  . GLU A 1 48  ? -3.511  -16.803 3.611   1.00 18.40 ? 47   GLU A CD  1 
ATOM   371 O OE1 . GLU A 1 48  ? -4.511  -16.888 4.364   1.00 27.40 ? 47   GLU A OE1 1 
ATOM   372 O OE2 . GLU A 1 48  ? -2.896  -17.784 3.141   1.00 26.22 ? 47   GLU A OE2 1 
ATOM   373 N N   . ASP A 1 49  ? -3.157  -13.374 -0.902  1.00 11.57 ? 48   ASP A N   1 
ATOM   374 C CA  . ASP A 1 49  ? -2.899  -13.164 -2.329  1.00 10.98 ? 48   ASP A CA  1 
ATOM   375 C C   . ASP A 1 49  ? -1.885  -12.045 -2.544  1.00 10.14 ? 48   ASP A C   1 
ATOM   376 O O   . ASP A 1 49  ? -0.938  -12.227 -3.304  1.00 9.64  ? 48   ASP A O   1 
ATOM   377 C CB  . ASP A 1 49  ? -4.188  -12.830 -3.084  1.00 12.02 ? 48   ASP A CB  1 
ATOM   378 C CG  . ASP A 1 49  ? -5.036  -14.035 -3.335  1.00 15.13 ? 48   ASP A CG  1 
ATOM   379 O OD1 . ASP A 1 49  ? -4.560  -15.152 -3.072  1.00 16.82 ? 48   ASP A OD1 1 
ATOM   380 O OD2 . ASP A 1 49  ? -6.216  -13.963 -3.775  1.00 18.71 ? 48   ASP A OD2 1 
ATOM   381 N N   . ILE A 1 50  ? -2.071  -10.888 -1.887  1.00 8.69  ? 49   ILE A N   1 
ATOM   382 C CA  . ILE A 1 50  ? -1.089  -9.787  -2.012  1.00 9.07  ? 49   ILE A CA  1 
ATOM   383 C C   . ILE A 1 50  ? 0.312   -10.256 -1.613  1.00 8.38  ? 49   ILE A C   1 
ATOM   384 O O   . ILE A 1 50  ? 1.291   -10.040 -2.341  1.00 7.71  ? 49   ILE A O   1 
ATOM   385 C CB  . ILE A 1 50  ? -1.519  -8.538  -1.160  1.00 8.68  ? 49   ILE A CB  1 
ATOM   386 C CG1 . ILE A 1 50  ? -2.678  -7.827  -1.865  1.00 10.53 ? 49   ILE A CG1 1 
ATOM   387 C CG2 . ILE A 1 50  ? -0.359  -7.587  -0.969  1.00 9.86  ? 49   ILE A CG2 1 
ATOM   388 C CD1 . ILE A 1 50  ? -3.349  -6.759  -1.093  1.00 10.56 ? 49   ILE A CD1 1 
ATOM   389 N N   . GLU A 1 51  ? 0.418   -10.892 -0.451  1.00 8.08  ? 50   GLU A N   1 
ATOM   390 C CA  . GLU A 1 51  ? 1.720   -11.353 0.032   1.00 8.52  ? 50   GLU A CA  1 
ATOM   391 C C   . GLU A 1 51  ? 2.392   -12.320 -0.970  1.00 8.32  ? 50   GLU A C   1 
ATOM   392 O O   . GLU A 1 51  ? 3.619   -12.260 -1.210  1.00 8.86  ? 50   GLU A O   1 
ATOM   393 C CB  . GLU A 1 51  ? 1.550   -11.994 1.409   1.00 7.99  ? 50   GLU A CB  1 
ATOM   394 C CG  . GLU A 1 51  ? 1.209   -11.016 2.518   1.00 8.93  ? 50   GLU A CG  1 
ATOM   395 C CD  . GLU A 1 51  ? 0.769   -11.712 3.804   1.00 9.45  ? 50   GLU A CD  1 
ATOM   396 O OE1 . GLU A 1 51  ? 0.291   -11.006 4.683   1.00 13.86 ? 50   GLU A OE1 1 
ATOM   397 O OE2 . GLU A 1 51  ? 0.942   -12.940 3.953   1.00 15.48 ? 50   GLU A OE2 1 
ATOM   398 N N   . TYR A 1 52  ? 1.572   -13.180 -1.582  1.00 8.23  ? 51   TYR A N   1 
ATOM   399 C CA  . TYR A 1 52  ? 2.031   -14.186 -2.533  1.00 8.62  ? 51   TYR A CA  1 
ATOM   400 C C   . TYR A 1 52  ? 2.517   -13.540 -3.829  1.00 7.80  ? 51   TYR A C   1 
ATOM   401 O O   . TYR A 1 52  ? 3.651   -13.743 -4.237  1.00 8.22  ? 51   TYR A O   1 
ATOM   402 C CB  . TYR A 1 52  ? 0.929   -15.205 -2.838  1.00 9.78  ? 51   TYR A CB  1 
ATOM   403 C CG  . TYR A 1 52  ? 1.273   -16.045 -4.034  1.00 8.44  ? 51   TYR A CG  1 
ATOM   404 C CD1 . TYR A 1 52  ? 2.309   -16.982 -3.948  1.00 11.09 ? 51   TYR A CD1 1 
ATOM   405 C CD2 . TYR A 1 52  ? 0.657   -15.846 -5.254  1.00 11.94 ? 51   TYR A CD2 1 
ATOM   406 C CE1 . TYR A 1 52  ? 2.673   -17.737 -5.053  1.00 10.43 ? 51   TYR A CE1 1 
ATOM   407 C CE2 . TYR A 1 52  ? 1.005   -16.598 -6.362  1.00 10.65 ? 51   TYR A CE2 1 
ATOM   408 C CZ  . TYR A 1 52  ? 2.033   -17.536 -6.253  1.00 8.42  ? 51   TYR A CZ  1 
ATOM   409 O OH  . TYR A 1 52  ? 2.405   -18.279 -7.353  1.00 11.04 ? 51   TYR A OH  1 
ATOM   410 N N   . TYR A 1 53  ? 1.672   -12.739 -4.471  1.00 7.83  ? 52   TYR A N   1 
ATOM   411 C CA  . TYR A 1 53  ? 2.057   -12.114 -5.745  1.00 8.54  ? 52   TYR A CA  1 
ATOM   412 C C   . TYR A 1 53  ? 3.247   -11.166 -5.549  1.00 8.34  ? 52   TYR A C   1 
ATOM   413 O O   . TYR A 1 53  ? 4.145   -11.081 -6.389  1.00 8.74  ? 52   TYR A O   1 
ATOM   414 C CB  . TYR A 1 53  ? 0.870   -11.394 -6.376  1.00 10.15 ? 52   TYR A CB  1 
ATOM   415 C CG  . TYR A 1 53  ? -0.208  -12.330 -6.822  1.00 10.31 ? 52   TYR A CG  1 
ATOM   416 C CD1 . TYR A 1 53  ? 0.079   -13.376 -7.693  1.00 12.27 ? 52   TYR A CD1 1 
ATOM   417 C CD2 . TYR A 1 53  ? -1.500  -12.196 -6.374  1.00 12.70 ? 52   TYR A CD2 1 
ATOM   418 C CE1 . TYR A 1 53  ? -0.908  -14.267 -8.108  1.00 13.97 ? 52   TYR A CE1 1 
ATOM   419 C CE2 . TYR A 1 53  ? -2.488  -13.073 -6.780  1.00 12.66 ? 52   TYR A CE2 1 
ATOM   420 C CZ  . TYR A 1 53  ? -2.186  -14.107 -7.651  1.00 13.39 ? 52   TYR A CZ  1 
ATOM   421 O OH  . TYR A 1 53  ? -3.186  -14.971 -8.052  1.00 15.24 ? 52   TYR A OH  1 
ATOM   422 N N   . ALA A 1 54  ? 3.286   -10.482 -4.410  1.00 7.61  ? 53   ALA A N   1 
ATOM   423 C CA  . ALA A 1 54  ? 4.409   -9.570  -4.154  1.00 7.50  ? 53   ALA A CA  1 
ATOM   424 C C   . ALA A 1 54  ? 5.698   -10.409 -4.012  1.00 7.38  ? 53   ALA A C   1 
ATOM   425 O O   . ALA A 1 54  ? 6.736   -10.060 -4.531  1.00 8.24  ? 53   ALA A O   1 
ATOM   426 C CB  . ALA A 1 54  ? 4.155   -8.760  -2.898  1.00 7.09  ? 53   ALA A CB  1 
ATOM   427 N N   . ARG A 1 55  ? 5.610   -11.533 -3.304  1.00 7.39  ? 54   ARG A N   1 
ATOM   428 C CA  . ARG A 1 55  ? 6.757   -12.437 -3.168  1.00 8.60  ? 54   ARG A CA  1 
ATOM   429 C C   . ARG A 1 55  ? 7.252   -12.980 -4.509  1.00 8.17  ? 54   ARG A C   1 
ATOM   430 O O   . ARG A 1 55  ? 8.466   -13.102 -4.718  1.00 9.11  ? 54   ARG A O   1 
ATOM   431 C CB  . ARG A 1 55  ? 6.453   -13.569 -2.192  1.00 8.58  ? 54   ARG A CB  1 
ATOM   432 C CG  . ARG A 1 55  ? 7.604   -14.505 -1.887  1.00 8.94  ? 54   ARG A CG  1 
ATOM   433 C CD  . ARG A 1 55  ? 7.275   -15.477 -0.764  1.00 11.24 ? 54   ARG A CD  1 
ATOM   434 N NE  . ARG A 1 55  ? 8.213   -16.577 -0.663  1.00 14.87 ? 54   ARG A NE  1 
ATOM   435 C CZ  . ARG A 1 55  ? 8.071   -17.610 0.175   1.00 18.67 ? 54   ARG A CZ  1 
ATOM   436 N NH1 . ARG A 1 55  ? 8.989   -18.566 0.215   1.00 21.23 ? 54   ARG A NH1 1 
ATOM   437 N NH2 . ARG A 1 55  ? 7.024   -17.692 0.974   1.00 21.59 ? 54   ARG A NH2 1 
ATOM   438 N N   . LEU A 1 56  ? 6.349   -13.258 -5.446  1.00 8.47  ? 55   LEU A N   1 
ATOM   439 C CA  . LEU A 1 56  ? 6.808   -13.685 -6.763  1.00 8.60  ? 55   LEU A CA  1 
ATOM   440 C C   . LEU A 1 56  ? 7.708   -12.664 -7.437  1.00 9.21  ? 55   LEU A C   1 
ATOM   441 O O   . LEU A 1 56  ? 8.608   -13.053 -8.156  1.00 9.80  ? 55   LEU A O   1 
ATOM   442 C CB  . LEU A 1 56  ? 5.644   -13.958 -7.708  1.00 8.91  ? 55   LEU A CB  1 
ATOM   443 C CG  . LEU A 1 56  ? 4.699   -15.104 -7.418  1.00 9.27  ? 55   LEU A CG  1 
ATOM   444 C CD1 . LEU A 1 56  ? 3.680   -15.137 -8.564  1.00 8.79  ? 55   LEU A CD1 1 
ATOM   445 C CD2 . LEU A 1 56  ? 5.490   -16.406 -7.321  1.00 11.36 ? 55   LEU A CD2 1 
ATOM   446 N N   . SER A 1 57  ? 7.439   -11.371 -7.227  1.00 9.12  ? 56   SER A N   1 
ATOM   447 C CA  . SER A 1 57  ? 8.108   -10.278 -7.973  1.00 10.07 ? 56   SER A CA  1 
ATOM   448 C C   . SER A 1 57  ? 9.170   -9.570  -7.162  1.00 9.57  ? 56   SER A C   1 
ATOM   449 O O   . SER A 1 57  ? 9.901   -8.746  -7.697  1.00 11.14 ? 56   SER A O   1 
ATOM   450 C CB  . SER A 1 57  ? 7.088   -9.251  -8.500  1.00 11.56 ? 56   SER A CB  1 
ATOM   451 O OG  . SER A 1 57  ? 6.146   -8.909  -7.522  1.00 18.15 ? 56   SER A OG  1 
ATOM   452 N N   . GLY A 1 58  ? 9.276   -9.884  -5.880  1.00 8.52  ? 57   GLY A N   1 
ATOM   453 C CA  . GLY A 1 58  ? 10.243  -9.191  -5.008  1.00 8.59  ? 57   GLY A CA  1 
ATOM   454 C C   . GLY A 1 58  ? 9.751   -7.822  -4.535  1.00 8.88  ? 57   GLY A C   1 
ATOM   455 O O   . GLY A 1 58  ? 10.551  -6.921  -4.266  1.00 11.03 ? 57   GLY A O   1 
ATOM   456 N N   . ILE A 1 59  ? 8.449   -7.667  -4.406  1.00 7.86  ? 58   ILE A N   1 
ATOM   457 C CA  . ILE A 1 59  ? 7.843   -6.395  -3.978  1.00 8.27  ? 58   ILE A CA  1 
ATOM   458 C C   . ILE A 1 59  ? 7.605   -6.488  -2.481  1.00 7.88  ? 58   ILE A C   1 
ATOM   459 O O   . ILE A 1 59  ? 6.939   -7.408  -2.023  1.00 8.49  ? 58   ILE A O   1 
ATOM   460 C CB  . ILE A 1 59  ? 6.496   -6.140  -4.695  1.00 9.11  ? 58   ILE A CB  1 
ATOM   461 C CG1 . ILE A 1 59  ? 6.669   -6.012  -6.206  1.00 9.69  ? 58   ILE A CG1 1 
ATOM   462 C CG2 . ILE A 1 59  ? 5.797   -4.886  -4.128  1.00 8.32  ? 58   ILE A CG2 1 
ATOM   463 C CD1 . ILE A 1 59  ? 5.399   -6.056  -6.973  1.00 10.91 ? 58   ILE A CD1 1 
ATOM   464 N N   . PRO A 1 60  ? 8.095   -5.533  -1.700  1.00 7.77  ? 59   PRO A N   1 
ATOM   465 C CA  . PRO A 1 60  ? 7.871   -5.586  -0.258  1.00 7.76  ? 59   PRO A CA  1 
ATOM   466 C C   . PRO A 1 60  ? 6.405   -5.313  0.069   1.00 7.19  ? 59   PRO A C   1 
ATOM   467 O O   . PRO A 1 60  ? 5.725   -4.586  -0.671  1.00 6.74  ? 59   PRO A O   1 
ATOM   468 C CB  . PRO A 1 60  ? 8.765   -4.472  0.276   1.00 8.57  ? 59   PRO A CB  1 
ATOM   469 C CG  . PRO A 1 60  ? 8.933   -3.579  -0.825  1.00 9.64  ? 59   PRO A CG  1 
ATOM   470 C CD  . PRO A 1 60  ? 8.901   -4.355  -2.088  1.00 9.09  ? 59   PRO A CD  1 
ATOM   471 N N   . VAL A 1 61  ? 5.940   -5.900  1.161   1.00 7.65  ? 60   VAL A N   1 
ATOM   472 C CA  . VAL A 1 61  ? 4.597   -5.678  1.648   1.00 7.50  ? 60   VAL A CA  1 
ATOM   473 C C   . VAL A 1 61  ? 4.697   -5.186  3.082   1.00 8.47  ? 60   VAL A C   1 
ATOM   474 O O   . VAL A 1 61  ? 5.404   -5.784  3.909   1.00 9.52  ? 60   VAL A O   1 
ATOM   475 C CB  . VAL A 1 61  ? 3.757   -6.937  1.608   1.00 7.73  ? 60   VAL A CB  1 
ATOM   476 C CG1 . VAL A 1 61  ? 2.391   -6.689  2.219   1.00 7.55  ? 60   VAL A CG1 1 
ATOM   477 C CG2 . VAL A 1 61  ? 3.603   -7.473  0.162   1.00 7.78  ? 60   VAL A CG2 1 
ATOM   478 N N   . TYR A 1 62  ? 3.983   -4.113  3.367   1.00 8.16  ? 61   TYR A N   1 
ATOM   479 C CA  . TYR A 1 62  ? 3.968   -3.491  4.704   1.00 8.19  ? 61   TYR A CA  1 
ATOM   480 C C   . TYR A 1 62  ? 2.546   -3.504  5.262   1.00 9.11  ? 61   TYR A C   1 
ATOM   481 O O   . TYR A 1 62  ? 1.618   -3.107  4.573   1.00 10.17 ? 61   TYR A O   1 
ATOM   482 C CB  . TYR A 1 62  ? 4.502   -2.070  4.602   1.00 9.06  ? 61   TYR A CB  1 
ATOM   483 C CG  . TYR A 1 62  ? 4.439   -1.286  5.887   1.00 9.25  ? 61   TYR A CG  1 
ATOM   484 C CD1 . TYR A 1 62  ? 3.359   -0.476  6.166   1.00 8.56  ? 61   TYR A CD1 1 
ATOM   485 C CD2 . TYR A 1 62  ? 5.460   -1.370  6.838   1.00 12.08 ? 61   TYR A CD2 1 
ATOM   486 C CE1 . TYR A 1 62  ? 3.282   0.257   7.315   1.00 10.52 ? 61   TYR A CE1 1 
ATOM   487 C CE2 . TYR A 1 62  ? 5.371   -0.641  8.023   1.00 12.94 ? 61   TYR A CE2 1 
ATOM   488 C CZ  . TYR A 1 62  ? 4.274   0.178   8.250   1.00 13.78 ? 61   TYR A CZ  1 
ATOM   489 O OH  . TYR A 1 62  ? 4.161   0.919   9.442   1.00 13.89 ? 61   TYR A OH  1 
ATOM   490 N N   . GLU A 1 63  ? 2.359   -3.987  6.496   1.00 9.85  ? 62   GLU A N   1 
ATOM   491 C CA  . GLU A 1 63  ? 1.024   -3.962  7.143   1.00 9.76  ? 62   GLU A CA  1 
ATOM   492 C C   . GLU A 1 63  ? 0.915   -2.685  7.990   1.00 9.74  ? 62   GLU A C   1 
ATOM   493 O O   . GLU A 1 63  ? 1.669   -2.503  8.945   1.00 9.08  ? 62   GLU A O   1 
ATOM   494 C CB  . GLU A 1 63  ? 0.748   -5.178  8.046   1.00 10.01 ? 62   GLU A CB  1 
ATOM   495 C CG  . GLU A 1 63  ? -0.710  -5.199  8.550   1.00 10.89 ? 62   GLU A CG  1 
ATOM   496 C CD  . GLU A 1 63  ? -1.082  -6.461  9.326   1.00 13.52 ? 62   GLU A CD  1 
ATOM   497 O OE1 . GLU A 1 63  ? -1.556  -7.415  8.724   1.00 22.19 ? 62   GLU A OE1 1 
ATOM   498 O OE2 . GLU A 1 63  ? -0.918  -6.471  10.547  1.00 21.64 ? 62   GLU A OE2 1 
ATOM   499 N N   . PHE A 1 64  ? -0.006  -1.807  7.597   1.00 10.04 ? 63   PHE A N   1 
ATOM   500 C CA  . PHE A 1 64  ? -0.379  -0.629  8.376   1.00 10.15 ? 63   PHE A CA  1 
ATOM   501 C C   . PHE A 1 64  ? -1.042  -1.056  9.697   1.00 10.36 ? 63   PHE A C   1 
ATOM   502 O O   . PHE A 1 64  ? -1.873  -1.943  9.725   1.00 10.40 ? 63   PHE A O   1 
ATOM   503 C CB  . PHE A 1 64  ? -1.327  0.221   7.534   1.00 10.27 ? 63   PHE A CB  1 
ATOM   504 C CG  . PHE A 1 64  ? -1.966  1.351   8.281   1.00 9.63  ? 63   PHE A CG  1 
ATOM   505 C CD1 . PHE A 1 64  ? -3.357  1.464   8.325   1.00 11.17 ? 63   PHE A CD1 1 
ATOM   506 C CD2 . PHE A 1 64  ? -1.197  2.300   8.928   1.00 9.27  ? 63   PHE A CD2 1 
ATOM   507 C CE1 . PHE A 1 64  ? -3.957  2.527   8.975   1.00 9.09  ? 63   PHE A CE1 1 
ATOM   508 C CE2 . PHE A 1 64  ? -1.810  3.394   9.589   1.00 10.41 ? 63   PHE A CE2 1 
ATOM   509 C CZ  . PHE A 1 64  ? -3.193  3.491   9.614   1.00 10.65 ? 63   PHE A CZ  1 
ATOM   510 N N   . GLU A 1 65  ? -0.657  -0.429  10.809  1.00 11.69 ? 64   GLU A N   1 
ATOM   511 C CA  . GLU A 1 65  ? -1.176  -0.873  12.113  1.00 12.12 ? 64   GLU A CA  1 
ATOM   512 C C   . GLU A 1 65  ? -2.646  -0.556  12.403  1.00 12.71 ? 64   GLU A C   1 
ATOM   513 O O   . GLU A 1 65  ? -3.195  -1.054  13.398  1.00 13.74 ? 64   GLU A O   1 
ATOM   514 C CB  . GLU A 1 65  ? -0.372  -0.255  13.230  1.00 13.07 ? 64   GLU A CB  1 
ATOM   515 C CG  . GLU A 1 65  ? -0.596  1.243   13.376  1.00 13.98 ? 64   GLU A CG  1 
ATOM   516 C CD  . GLU A 1 65  ? 0.279   1.848   14.451  1.00 17.25 ? 64   GLU A CD  1 
ATOM   517 O OE1 . GLU A 1 65  ? 0.998   1.082   15.144  1.00 25.10 ? 64   GLU A OE1 1 
ATOM   518 O OE2 . GLU A 1 65  ? 0.289   3.097   14.559  1.00 23.63 ? 64   GLU A OE2 1 
ATOM   519 N N   . GLY A 1 66  ? -3.262  0.287   11.591  1.00 11.62 ? 65   GLY A N   1 
ATOM   520 C CA  . GLY A 1 66  ? -4.654  0.663   11.775  1.00 9.72  ? 65   GLY A CA  1 
ATOM   521 C C   . GLY A 1 66  ? -5.634  -0.049  10.870  1.00 9.20  ? 65   GLY A C   1 
ATOM   522 O O   . GLY A 1 66  ? -5.252  -0.848  10.013  1.00 8.31  ? 65   GLY A O   1 
ATOM   523 N N   . THR A 1 67  ? -6.909  0.270   11.025  1.00 7.60  ? 66   THR A N   1 
ATOM   524 C CA  . THR A 1 67  ? -7.909  -0.366  10.186  1.00 7.77  ? 66   THR A CA  1 
ATOM   525 C C   . THR A 1 67  ? -8.003  0.249   8.809   1.00 6.46  ? 66   THR A C   1 
ATOM   526 O O   . THR A 1 67  ? -7.511  1.328   8.532   1.00 5.12  ? 66   THR A O   1 
ATOM   527 C CB  . THR A 1 67  ? -9.304  -0.276  10.797  1.00 8.12  ? 66   THR A CB  1 
ATOM   528 O OG1 . THR A 1 67  ? -9.735  1.085   10.769  1.00 8.33  ? 66   THR A OG1 1 
ATOM   529 C CG2 . THR A 1 67  ? -9.292  -0.697  12.278  1.00 7.63  ? 66   THR A CG2 1 
ATOM   530 N N   . SER A 1 68  ? -8.769  -0.418  7.977   1.00 7.29  ? 67   SER A N   1 
ATOM   531 C CA  . SER A 1 68  ? -9.144  0.116   6.671   1.00 7.05  ? 67   SER A CA  1 
ATOM   532 C C   . SER A 1 68  ? -9.917  1.439   6.710   1.00 6.95  ? 67   SER A C   1 
ATOM   533 O O   . SER A 1 68  ? -9.848  2.229   5.765   1.00 7.29  ? 67   SER A O   1 
ATOM   534 C CB  . SER A 1 68  ? -9.934  -0.952  5.918   1.00 7.65  ? 67   SER A CB  1 
ATOM   535 O OG  . SER A 1 68  ? -11.169 -1.226  6.571   1.00 6.66  ? 67   SER A OG  1 
ATOM   536 N N   . VAL A 1 69  ? -10.641 1.694   7.804   1.00 7.33  ? 68   VAL A N   1 
ATOM   537 C CA  . VAL A 1 69  ? -11.263 2.983   8.013   1.00 7.91  ? 68   VAL A CA  1 
ATOM   538 C C   . VAL A 1 69  ? -10.175 4.036   8.190   1.00 7.97  ? 68   VAL A C   1 
ATOM   539 O O   . VAL A 1 69  ? -10.207 5.087   7.566   1.00 8.15  ? 68   VAL A O   1 
ATOM   540 C CB  . VAL A 1 69  ? -12.231 2.961   9.216   1.00 7.92  ? 68   VAL A CB  1 
ATOM   541 C CG1 . VAL A 1 69  ? -12.709 4.366   9.528   1.00 9.33  ? 68   VAL A CG1 1 
ATOM   542 C CG2 . VAL A 1 69  ? -13.397 2.072   8.881   1.00 10.30 ? 68   VAL A CG2 1 
ATOM   543 N N   . GLU A 1 70  ? -9.218  3.746   9.046   1.00 8.84  ? 69   GLU A N   1 
ATOM   544 C CA  . GLU A 1 70  ? -8.163  4.700   9.347   1.00 8.40  ? 69   GLU A CA  1 
ATOM   545 C C   . GLU A 1 70  ? -7.313  4.937   8.121   1.00 7.96  ? 69   GLU A C   1 
ATOM   546 O O   . GLU A 1 70  ? -6.924  6.080   7.839   1.00 7.94  ? 69   GLU A O   1 
ATOM   547 C CB  . GLU A 1 70  ? -7.270  4.191   10.483  1.00 9.32  ? 69   GLU A CB  1 
ATOM   548 C CG  . GLU A 1 70  ? -7.927  3.876   11.804  1.00 11.36 ? 69   GLU A CG  1 
ATOM   549 C CD  . GLU A 1 70  ? -6.913  3.215   12.710  1.00 12.10 ? 69   GLU A CD  1 
ATOM   550 O OE1 . GLU A 1 70  ? -7.168  2.109   13.174  1.00 14.12 ? 69   GLU A OE1 1 
ATOM   551 O OE2 . GLU A 1 70  ? -5.811  3.813   12.871  1.00 20.97 ? 69   GLU A OE2 1 
ATOM   552 N N   . LEU A 1 71  ? -7.015  3.874   7.382   1.00 7.11  ? 70   LEU A N   1 
ATOM   553 C CA  . LEU A 1 71  ? -6.191  3.993   6.168   1.00 8.00  ? 70   LEU A CA  1 
ATOM   554 C C   . LEU A 1 71  ? -6.902  4.861   5.105   1.00 8.38  ? 70   LEU A C   1 
ATOM   555 O O   . LEU A 1 71  ? -6.303  5.763   4.508   1.00 8.63  ? 70   LEU A O   1 
ATOM   556 C CB  . LEU A 1 71  ? -5.885  2.613   5.610   1.00 7.70  ? 70   LEU A CB  1 
ATOM   557 C CG  . LEU A 1 71  ? -4.869  2.593   4.467   1.00 7.44  ? 70   LEU A CG  1 
ATOM   558 C CD1 . LEU A 1 71  ? -3.651  3.426   4.749   1.00 7.14  ? 70   LEU A CD1 1 
ATOM   559 C CD2 . LEU A 1 71  ? -4.521  1.190   4.134   1.00 7.48  ? 70   LEU A CD2 1 
ATOM   560 N N   . GLY A 1 72  ? -8.196  4.620   4.927   1.00 8.51  ? 71   GLY A N   1 
ATOM   561 C CA  . GLY A 1 72  ? -9.000  5.419   4.012   1.00 9.00  ? 71   GLY A CA  1 
ATOM   562 C C   . GLY A 1 72  ? -8.962  6.884   4.397   1.00 8.76  ? 71   GLY A C   1 
ATOM   563 O O   . GLY A 1 72  ? -8.751  7.754   3.546   1.00 8.56  ? 71   GLY A O   1 
ATOM   564 N N   . THR A 1 73  ? -9.137  7.155   5.683   1.00 9.28  ? 72   THR A N   1 
ATOM   565 C CA  . THR A 1 73  ? -9.143  8.524   6.179   1.00 10.16 ? 72   THR A CA  1 
ATOM   566 C C   . THR A 1 73  ? -7.800  9.207   5.955   1.00 10.02 ? 72   THR A C   1 
ATOM   567 O O   . THR A 1 73  ? -7.757  10.358  5.544   1.00 11.25 ? 72   THR A O   1 
ATOM   568 C CB  . THR A 1 73  ? -9.608  8.544   7.650   1.00 10.25 ? 72   THR A CB  1 
ATOM   569 O OG1 . THR A 1 73  ? -11.017 8.197   7.691   1.00 12.51 ? 72   THR A OG1 1 
ATOM   570 C CG2 . THR A 1 73  ? -9.536  9.949   8.224   1.00 10.83 ? 72   THR A CG2 1 
ATOM   571 N N   . LEU A 1 74  ? -6.703  8.487   6.198   1.00 10.22 ? 73   LEU A N   1 
ATOM   572 C CA  . LEU A 1 74  ? -5.367  9.034   5.964   1.00 11.13 ? 73   LEU A CA  1 
ATOM   573 C C   . LEU A 1 74  ? -5.209  9.442   4.497   1.00 11.68 ? 73   LEU A C   1 
ATOM   574 O O   . LEU A 1 74  ? -4.590  10.487  4.197   1.00 13.92 ? 73   LEU A O   1 
ATOM   575 C CB  . LEU A 1 74  ? -4.278  8.037   6.355   1.00 11.41 ? 73   LEU A CB  1 
ATOM   576 C CG  . LEU A 1 74  ? -3.989  7.759   7.831   1.00 14.75 ? 73   LEU A CG  1 
ATOM   577 C CD1 . LEU A 1 74  ? -2.877  6.736   7.982   1.00 17.10 ? 73   LEU A CD1 1 
ATOM   578 C CD2 . LEU A 1 74  ? -3.626  9.016   8.605   1.00 17.40 ? 73   LEU A CD2 1 
ATOM   579 N N   . LEU A 1 75  ? -5.798  8.653   3.597   1.00 10.84 ? 74   LEU A N   1 
ATOM   580 C CA  . LEU A 1 75  ? -5.691  8.857   2.162   1.00 11.05 ? 74   LEU A CA  1 
ATOM   581 C C   . LEU A 1 75  ? -6.729  9.844   1.618   1.00 10.99 ? 74   LEU A C   1 
ATOM   582 O O   . LEU A 1 75  ? -6.838  10.009  0.412   1.00 11.30 ? 74   LEU A O   1 
ATOM   583 C CB  . LEU A 1 75  ? -5.821  7.517   1.424   1.00 11.14 ? 74   LEU A CB  1 
ATOM   584 C CG  . LEU A 1 75  ? -4.713  6.492   1.626   1.00 10.62 ? 74   LEU A CG  1 
ATOM   585 C CD1 . LEU A 1 75  ? -5.181  5.100   1.303   1.00 11.75 ? 74   LEU A CD1 1 
ATOM   586 C CD2 . LEU A 1 75  ? -3.482  6.895   0.815   1.00 12.76 ? 74   LEU A CD2 1 
ATOM   587 N N   . GLY A 1 76  ? -7.460  10.507  2.506   1.00 11.52 ? 75   GLY A N   1 
ATOM   588 C CA  . GLY A 1 76  ? -8.413  11.519  2.109   1.00 11.72 ? 75   GLY A CA  1 
ATOM   589 C C   . GLY A 1 76  ? -9.729  10.993  1.596   1.00 12.73 ? 75   GLY A C   1 
ATOM   590 O O   . GLY A 1 76  ? -10.472 11.750  0.975   1.00 13.60 ? 75   GLY A O   1 
ATOM   591 N N   . ARG A 1 77  ? -10.024 9.715   1.864   1.00 11.74 ? 76   ARG A N   1 
ATOM   592 C CA  . ARG A 1 77  ? -11.261 9.081   1.388   1.00 12.46 ? 76   ARG A CA  1 
ATOM   593 C C   . ARG A 1 77  ? -12.279 8.876   2.494   1.00 13.19 ? 76   ARG A C   1 
ATOM   594 O O   . ARG A 1 77  ? -11.924 8.500   3.608   1.00 12.91 ? 76   ARG A O   1 
ATOM   595 C CB  . ARG A 1 77  ? -10.958 7.736   0.749   1.00 11.65 ? 76   ARG A CB  1 
ATOM   596 C CG  . ARG A 1 77  ? -10.105 7.807   -0.496  1.00 12.84 ? 76   ARG A CG  1 
ATOM   597 C CD  . ARG A 1 77  ? -10.684 8.704   -1.598  1.00 16.15 ? 76   ARG A CD  1 
ATOM   598 N NE  . ARG A 1 77  ? -9.905  8.642   -2.831  1.00 12.46 ? 76   ARG A NE  1 
ATOM   599 C CZ  . ARG A 1 77  ? -10.069 7.759   -3.811  1.00 18.05 ? 76   ARG A CZ  1 
ATOM   600 N NH1 . ARG A 1 77  ? -9.260  7.818   -4.868  1.00 19.66 ? 76   ARG A NH1 1 
ATOM   601 N NH2 . ARG A 1 77  ? -11.015 6.828   -3.760  1.00 17.79 ? 76   ARG A NH2 1 
ATOM   602 N N   . PRO A 1 78  ? -13.554 9.107   2.192   1.00 13.25 ? 77   PRO A N   1 
ATOM   603 C CA  . PRO A 1 78  ? -14.614 8.842   3.163   1.00 13.43 ? 77   PRO A CA  1 
ATOM   604 C C   . PRO A 1 78  ? -15.087 7.393   3.189   1.00 13.30 ? 77   PRO A C   1 
ATOM   605 O O   . PRO A 1 78  ? -16.168 7.131   3.687   1.00 14.32 ? 77   PRO A O   1 
ATOM   606 C CB  . PRO A 1 78  ? -15.724 9.751   2.674   1.00 13.47 ? 77   PRO A CB  1 
ATOM   607 C CG  . PRO A 1 78  ? -15.619 9.665   1.225   1.00 13.73 ? 77   PRO A CG  1 
ATOM   608 C CD  . PRO A 1 78  ? -14.104 9.745   0.971   1.00 13.97 ? 77   PRO A CD  1 
ATOM   609 N N   . HIS A 1 79  ? -14.291 6.458   2.671   1.00 12.53 ? 78   HIS A N   1 
ATOM   610 C CA  . HIS A 1 79  ? -14.639 5.039   2.619   1.00 11.71 ? 78   HIS A CA  1 
ATOM   611 C C   . HIS A 1 79  ? -13.433 4.225   3.076   1.00 10.64 ? 78   HIS A C   1 
ATOM   612 O O   . HIS A 1 79  ? -12.352 4.776   3.218   1.00 10.76 ? 78   HIS A O   1 
ATOM   613 C CB  . HIS A 1 79  ? -15.008 4.615   1.211   1.00 11.86 ? 78   HIS A CB  1 
ATOM   614 C CG  . HIS A 1 79  ? -13.985 4.957   0.160   1.00 14.41 ? 78   HIS A CG  1 
ATOM   615 N ND1 . HIS A 1 79  ? -12.887 4.167   -0.102  1.00 14.89 ? 78   HIS A ND1 1 
ATOM   616 C CD2 . HIS A 1 79  ? -13.924 5.982   -0.728  1.00 13.72 ? 78   HIS A CD2 1 
ATOM   617 C CE1 . HIS A 1 79  ? -12.175 4.703   -1.076  1.00 16.11 ? 78   HIS A CE1 1 
ATOM   618 N NE2 . HIS A 1 79  ? -12.782 5.806   -1.472  1.00 13.80 ? 78   HIS A NE2 1 
ATOM   619 N N   . THR A 1 80  ? -13.629 2.934   3.319   1.00 9.89  ? 79   THR A N   1 
ATOM   620 C CA  . THR A 1 80  ? -12.497 2.053   3.646   1.00 9.24  ? 79   THR A CA  1 
ATOM   621 C C   . THR A 1 80  ? -11.538 1.879   2.476   1.00 9.15  ? 79   THR A C   1 
ATOM   622 O O   . THR A 1 80  ? -11.929 1.895   1.301   1.00 9.04  ? 79   THR A O   1 
ATOM   623 C CB  . THR A 1 80  ? -12.982 0.671   4.062   1.00 9.86  ? 79   THR A CB  1 
ATOM   624 O OG1 . THR A 1 80  ? -13.812 0.141   3.026   1.00 9.26  ? 79   THR A OG1 1 
ATOM   625 C CG2 . THR A 1 80  ? -13.879 0.743   5.296   1.00 11.07 ? 79   THR A CG2 1 
ATOM   626 N N   . VAL A 1 81  ? -10.270 1.719   2.825   1.00 8.76  ? 80   VAL A N   1 
ATOM   627 C CA  . VAL A 1 81  ? -9.218  1.292   1.915   1.00 8.29  ? 80   VAL A CA  1 
ATOM   628 C C   . VAL A 1 81  ? -8.441  0.202   2.645   1.00 8.42  ? 80   VAL A C   1 
ATOM   629 O O   . VAL A 1 81  ? -7.810  0.475   3.680   1.00 8.77  ? 80   VAL A O   1 
ATOM   630 C CB  . VAL A 1 81  ? -8.248  2.438   1.567   1.00 7.91  ? 80   VAL A CB  1 
ATOM   631 C CG1 . VAL A 1 81  ? -7.070  1.912   0.761   1.00 7.63  ? 80   VAL A CG1 1 
ATOM   632 C CG2 . VAL A 1 81  ? -8.977  3.550   0.825   1.00 7.69  ? 80   VAL A CG2 1 
ATOM   633 N N   . SER A 1 82  ? -8.509  -1.025  2.153   1.00 8.95  ? 81   SER A N   1 
ATOM   634 C CA  . SER A 1 82  ? -7.837  -2.132  2.859   1.00 9.20  ? 81   SER A CA  1 
ATOM   635 C C   . SER A 1 82  ? -6.454  -2.448  2.304   1.00 8.78  ? 81   SER A C   1 
ATOM   636 O O   . SER A 1 82  ? -5.679  -3.153  2.955   1.00 8.53  ? 81   SER A O   1 
ATOM   637 C CB  . SER A 1 82  ? -8.673  -3.404  2.898   1.00 11.05 ? 81   SER A CB  1 
ATOM   638 O OG  . SER A 1 82  ? -8.773  -3.921  1.611   1.00 13.02 ? 81   SER A OG  1 
ATOM   639 N N   . ALA A 1 83  ? -6.138  -1.907  1.128   1.00 8.23  ? 82   ALA A N   1 
ATOM   640 C CA  . ALA A 1 83  ? -4.817  -2.083  0.529   1.00 9.06  ? 82   ALA A CA  1 
ATOM   641 C C   . ALA A 1 83  ? -4.580  -0.993  -0.502  1.00 8.99  ? 82   ALA A C   1 
ATOM   642 O O   . ALA A 1 83  ? -5.516  -0.414  -1.056  1.00 9.49  ? 82   ALA A O   1 
ATOM   643 C CB  . ALA A 1 83  ? -4.706  -3.422  -0.127  1.00 9.21  ? 82   ALA A CB  1 
ATOM   644 N N   . LEU A 1 84  ? -3.318  -0.732  -0.757  1.00 9.18  ? 83   LEU A N   1 
ATOM   645 C CA  . LEU A 1 84  ? -2.914  0.186   -1.806  1.00 9.03  ? 83   LEU A CA  1 
ATOM   646 C C   . LEU A 1 84  ? -1.544  -0.218  -2.267  1.00 8.50  ? 83   LEU A C   1 
ATOM   647 O O   . LEU A 1 84  ? -0.792  -0.883  -1.527  1.00 8.21  ? 83   LEU A O   1 
ATOM   648 C CB  . LEU A 1 84  ? -2.897  1.629   -1.303  1.00 9.38  ? 83   LEU A CB  1 
ATOM   649 C CG  . LEU A 1 84  ? -1.831  1.924   -0.253  1.00 12.05 ? 83   LEU A CG  1 
ATOM   650 C CD1 . LEU A 1 84  ? -0.587  2.630   -0.784  1.00 14.88 ? 83   LEU A CD1 1 
ATOM   651 C CD2 . LEU A 1 84  ? -2.415  2.687   0.908   1.00 15.01 ? 83   LEU A CD2 1 
ATOM   652 N N   . ALA A 1 85  ? -1.195  0.225   -3.485  1.00 8.63  ? 84   ALA A N   1 
ATOM   653 C CA  . ALA A 1 85  ? 0.140   -0.004  -4.031  1.00 7.84  ? 84   ALA A CA  1 
ATOM   654 C C   . ALA A 1 85  ? 0.811   1.334   -4.381  1.00 8.59  ? 84   ALA A C   1 
ATOM   655 O O   . ALA A 1 85  ? 0.192   2.208   -4.987  1.00 7.46  ? 84   ALA A O   1 
ATOM   656 C CB  . ALA A 1 85  ? 0.041   -0.898  -5.268  1.00 8.41  ? 84   ALA A CB  1 
ATOM   657 N N   . VAL A 1 86  ? 2.068   1.482   -3.952  1.00 8.25  ? 85   VAL A N   1 
ATOM   658 C CA  . VAL A 1 86  ? 2.883   2.634   -4.325  1.00 8.53  ? 85   VAL A CA  1 
ATOM   659 C C   . VAL A 1 86  ? 3.571   2.282   -5.642  1.00 8.64  ? 85   VAL A C   1 
ATOM   660 O O   . VAL A 1 86  ? 4.412   1.396   -5.713  1.00 8.51  ? 85   VAL A O   1 
ATOM   661 C CB  . VAL A 1 86  ? 3.928   2.942   -3.223  1.00 8.53  ? 85   VAL A CB  1 
ATOM   662 C CG1 . VAL A 1 86  ? 4.810   4.111   -3.632  1.00 9.73  ? 85   VAL A CG1 1 
ATOM   663 C CG2 . VAL A 1 86  ? 3.222   3.227   -1.921  1.00 9.21  ? 85   VAL A CG2 1 
ATOM   664 N N   . VAL A 1 87  ? 3.189   2.987   -6.694  1.00 8.63  ? 86   VAL A N   1 
ATOM   665 C CA  . VAL A 1 87  ? 3.756   2.797   -8.031  1.00 9.59  ? 86   VAL A CA  1 
ATOM   666 C C   . VAL A 1 87  ? 5.026   3.629   -8.181  1.00 10.08 ? 86   VAL A C   1 
ATOM   667 O O   . VAL A 1 87  ? 6.052   3.139   -8.647  1.00 11.45 ? 86   VAL A O   1 
ATOM   668 C CB  . VAL A 1 87  ? 2.702   3.147   -9.101  1.00 9.17  ? 86   VAL A CB  1 
ATOM   669 C CG1 . VAL A 1 87  ? 3.273   2.971   -10.494 1.00 11.48 ? 86   VAL A CG1 1 
ATOM   670 C CG2 . VAL A 1 87  ? 1.446   2.253   -8.925  1.00 9.91  ? 86   VAL A CG2 1 
ATOM   671 N N   . ASP A 1 88  ? 4.937   4.898   -7.798  1.00 10.63 ? 87   ASP A N   1 
ATOM   672 C CA  . ASP A 1 88  ? 6.045   5.837   -7.818  1.00 10.16 ? 87   ASP A CA  1 
ATOM   673 C C   . ASP A 1 88  ? 6.012   6.530   -6.450  1.00 9.62  ? 87   ASP A C   1 
ATOM   674 O O   . ASP A 1 88  ? 4.963   7.077   -6.061  1.00 9.14  ? 87   ASP A O   1 
ATOM   675 C CB  . ASP A 1 88  ? 5.794   6.830   -8.957  1.00 11.60 ? 87   ASP A CB  1 
ATOM   676 C CG  . ASP A 1 88  ? 6.614   8.104   -8.866  1.00 13.92 ? 87   ASP A CG  1 
ATOM   677 O OD1 . ASP A 1 88  ? 7.646   8.156   -8.146  1.00 15.10 ? 87   ASP A OD1 1 
ATOM   678 O OD2 . ASP A 1 88  ? 6.266   9.134   -9.538  1.00 18.89 ? 87   ASP A OD2 1 
ATOM   679 N N   . PRO A 1 89  ? 7.112   6.477   -5.696  1.00 9.55  ? 88   PRO A N   1 
ATOM   680 C CA  . PRO A 1 89  ? 7.133   7.098   -4.361  1.00 9.43  ? 88   PRO A CA  1 
ATOM   681 C C   . PRO A 1 89  ? 7.201   8.626   -4.418  1.00 9.17  ? 88   PRO A C   1 
ATOM   682 O O   . PRO A 1 89  ? 7.112   9.288   -3.366  1.00 8.82  ? 88   PRO A O   1 
ATOM   683 C CB  . PRO A 1 89  ? 8.426   6.558   -3.738  1.00 9.85  ? 88   PRO A CB  1 
ATOM   684 C CG  . PRO A 1 89  ? 9.323   6.431   -4.889  1.00 11.09 ? 88   PRO A CG  1 
ATOM   685 C CD  . PRO A 1 89  ? 8.437   5.898   -6.030  1.00 9.98  ? 88   PRO A CD  1 
ATOM   686 N N   . GLY A 1 90  ? 7.404   9.179   -5.616  1.00 9.11  ? 89   GLY A N   1 
ATOM   687 C CA  . GLY A 1 90  ? 7.537   10.636  -5.740  1.00 9.54  ? 89   GLY A CA  1 
ATOM   688 C C   . GLY A 1 90  ? 8.728   11.136  -4.938  1.00 9.60  ? 89   GLY A C   1 
ATOM   689 O O   . GLY A 1 90  ? 9.814   10.577  -5.044  1.00 9.85  ? 89   GLY A O   1 
ATOM   690 N N   . ALA A 1 91  ? 8.531   12.209  -4.170  1.00 9.53  ? 90   ALA A N   1 
ATOM   691 C CA  . ALA A 1 91  ? 9.585   12.798  -3.326  1.00 9.51  ? 90   ALA A CA  1 
ATOM   692 C C   . ALA A 1 91  ? 9.616   12.188  -1.914  1.00 9.23  ? 90   ALA A C   1 
ATOM   693 O O   . ALA A 1 91  ? 10.394  12.611  -1.054  1.00 9.97  ? 90   ALA A O   1 
ATOM   694 C CB  . ALA A 1 91  ? 9.392   14.315  -3.255  1.00 10.45 ? 90   ALA A CB  1 
ATOM   695 N N   . SER A 1 92  ? 8.804   11.156  -1.685  1.00 8.81  ? 91   SER A N   1 
ATOM   696 C CA  . SER A 1 92  ? 8.633   10.572  -0.354  1.00 9.19  ? 91   SER A CA  1 
ATOM   697 C C   . SER A 1 92  ? 9.642   9.465   -0.013  1.00 9.34  ? 91   SER A C   1 
ATOM   698 O O   . SER A 1 92  ? 10.316  8.915   -0.885  1.00 8.92  ? 91   SER A O   1 
ATOM   699 C CB  . SER A 1 92  ? 7.222   10.037  -0.213  1.00 9.75  ? 91   SER A CB  1 
ATOM   700 O OG  . SER A 1 92  ? 7.147   8.700   -0.627  1.00 9.44  ? 91   SER A OG  1 
ATOM   701 N N   . ARG A 1 93  ? 9.742   9.183   1.277   1.00 8.97  ? 92   ARG A N   1 
ATOM   702 C CA  . ARG A 1 93  ? 10.603  8.123   1.837   1.00 9.49  ? 92   ARG A CA  1 
ATOM   703 C C   . ARG A 1 93  ? 9.804   6.840   2.107   1.00 8.71  ? 92   ARG A C   1 
ATOM   704 O O   . ARG A 1 93  ? 10.241  5.979   2.867   1.00 9.58  ? 92   ARG A O   1 
ATOM   705 C CB  . ARG A 1 93  ? 11.218  8.620   3.165   1.00 10.47 ? 92   ARG A CB  1 
ATOM   706 C CG  . ARG A 1 93  ? 11.972  9.894   2.991   1.00 11.53 ? 92   ARG A CG  1 
ATOM   707 C CD  . ARG A 1 93  ? 12.963  10.134  4.073   1.00 14.35 ? 92   ARG A CD  1 
ATOM   708 N NE  . ARG A 1 93  ? 12.325  10.215  5.369   1.00 17.86 ? 92   ARG A NE  1 
ATOM   709 C CZ  . ARG A 1 93  ? 12.977  10.203  6.522   1.00 21.25 ? 92   ARG A CZ  1 
ATOM   710 N NH1 . ARG A 1 93  ? 12.301  10.280  7.655   1.00 22.02 ? 92   ARG A NH1 1 
ATOM   711 N NH2 . ARG A 1 93  ? 14.302  10.085  6.550   1.00 22.85 ? 92   ARG A NH2 1 
ATOM   712 N N   . ILE A 1 94  ? 8.617   6.727   1.517   1.00 8.33  ? 93   ILE A N   1 
ATOM   713 C CA  . ILE A 1 94  ? 7.703   5.638   1.846   1.00 8.84  ? 93   ILE A CA  1 
ATOM   714 C C   . ILE A 1 94  ? 8.302   4.253   1.596   1.00 8.67  ? 93   ILE A C   1 
ATOM   715 O O   . ILE A 1 94  ? 7.966   3.307   2.309   1.00 9.77  ? 93   ILE A O   1 
ATOM   716 C CB  . ILE A 1 94  ? 6.322   5.785   1.097   1.00 8.77  ? 93   ILE A CB  1 
ATOM   717 C CG1 . ILE A 1 94  ? 5.276   4.874   1.737   1.00 9.07  ? 93   ILE A CG1 1 
ATOM   718 C CG2 . ILE A 1 94  ? 6.434   5.472   -0.395  1.00 9.58  ? 93   ILE A CG2 1 
ATOM   719 C CD1 . ILE A 1 94  ? 4.972   5.178   3.178   1.00 12.22 ? 93   ILE A CD1 1 
ATOM   720 N N   . LEU A 1 95  ? 9.184   4.109   0.602   1.00 8.38  ? 94   LEU A N   1 
ATOM   721 C CA  . LEU A 1 95  ? 9.729   2.778   0.305   1.00 9.06  ? 94   LEU A CA  1 
ATOM   722 C C   . LEU A 1 95  ? 10.708  2.279   1.354   1.00 10.22 ? 94   LEU A C   1 
ATOM   723 O O   . LEU A 1 95  ? 11.046  1.101   1.380   1.00 10.72 ? 94   LEU A O   1 
ATOM   724 C CB  . LEU A 1 95  ? 10.367  2.737   -1.075  1.00 9.37  ? 94   LEU A CB  1 
ATOM   725 C CG  . LEU A 1 95  ? 9.398   3.074   -2.204  1.00 8.83  ? 94   LEU A CG  1 
ATOM   726 C CD1 . LEU A 1 95  ? 10.131  2.964   -3.503  1.00 10.38 ? 94   LEU A CD1 1 
ATOM   727 C CD2 . LEU A 1 95  ? 8.124   2.212   -2.181  1.00 9.53  ? 94   LEU A CD2 1 
ATOM   728 N N   . ALA A 1 96  ? 11.150  3.167   2.234   1.00 11.34 ? 95   ALA A N   1 
ATOM   729 C CA  . ALA A 1 96  ? 12.004  2.742   3.346   1.00 12.73 ? 95   ALA A CA  1 
ATOM   730 C C   . ALA A 1 96  ? 11.306  1.724   4.257   1.00 13.84 ? 95   ALA A C   1 
ATOM   731 O O   . ALA A 1 96  ? 11.964  0.929   4.945   1.00 14.86 ? 95   ALA A O   1 
ATOM   732 C CB  . ALA A 1 96  ? 12.445  3.947   4.140   1.00 12.79 ? 95   ALA A CB  1 
ATOM   733 N N   . LEU A 1 97  ? 9.979   1.741   4.265   1.00 14.80 ? 96   LEU A N   1 
ATOM   734 C CA  . LEU A 1 97  ? 9.177   0.799   5.035   1.00 15.28 ? 96   LEU A CA  1 
ATOM   735 C C   . LEU A 1 97  ? 9.259   -0.628  4.521   1.00 16.03 ? 96   LEU A C   1 
ATOM   736 O O   . LEU A 1 97  ? 8.928   -1.565  5.250   1.00 16.55 ? 96   LEU A O   1 
ATOM   737 C CB  . LEU A 1 97  ? 7.710   1.252   5.070   1.00 15.99 ? 96   LEU A CB  1 
ATOM   738 C CG  . LEU A 1 97  ? 7.560   2.680   5.588   1.00 18.42 ? 96   LEU A CG  1 
ATOM   739 C CD1 . LEU A 1 97  ? 6.105   2.969   5.882   1.00 21.74 ? 96   LEU A CD1 1 
ATOM   740 C CD2 . LEU A 1 97  ? 8.433   2.961   6.826   1.00 21.54 ? 96   LEU A CD2 1 
ATOM   741 N N   . GLY A 1 98  ? 9.686   -0.791  3.268   1.00 17.03 ? 97   GLY A N   1 
ATOM   742 C CA  . GLY A 1 98  ? 9.939   -2.109  2.696   1.00 18.81 ? 97   GLY A CA  1 
ATOM   743 C C   . GLY A 1 98  ? 11.211  -2.785  3.192   1.00 20.42 ? 97   GLY A C   1 
ATOM   744 O O   . GLY A 1 98  ? 11.451  -3.954  2.873   1.00 22.81 ? 97   GLY A O   1 
ATOM   745 N N   . GLY A 1 99  ? 12.030  -2.070  3.956   1.00 20.99 ? 98   GLY A N   1 
ATOM   746 C CA  . GLY A 1 99  ? 13.145  -2.675  4.688   1.00 21.37 ? 98   GLY A CA  1 
ATOM   747 C C   . GLY A 1 99  ? 14.443  -2.713  3.922   1.00 22.07 ? 98   GLY A C   1 
ATOM   748 O O   . GLY A 1 99  ? 14.458  -2.453  2.715   1.00 22.24 ? 98   GLY A O   1 
ATOM   749 N N   . LYS A 1 100 ? 15.501  -3.014  4.514   1.00 22.29 ? 99   LYS A N   1 
HETATM 750 O O   . HOH B 2 .   ? 14.203  9.169   14.443  1.00 17.13 ? 2001 HOH A O   1 
HETATM 751 O O   . HOH B 2 .   ? 15.261  10.010  10.031  1.00 22.66 ? 2002 HOH A O   1 
HETATM 752 O O   . HOH B 2 .   ? 15.107  6.582   13.904  1.00 21.94 ? 2003 HOH A O   1 
HETATM 753 O O   . HOH B 2 .   ? 15.850  11.445  13.722  1.00 21.11 ? 2004 HOH A O   1 
HETATM 754 O O   . HOH B 2 .   ? 6.512   4.870   10.209  1.00 27.31 ? 2005 HOH A O   1 
HETATM 755 O O   . HOH B 2 .   ? 1.692   7.344   10.721  1.00 42.55 ? 2006 HOH A O   1 
HETATM 756 O O   . HOH B 2 .   ? 3.127   15.468  -9.244  1.00 23.67 ? 2007 HOH A O   1 
HETATM 757 O O   . HOH B 2 .   ? 9.139   10.631  7.545   1.00 18.76 ? 2008 HOH A O   1 
HETATM 758 O O   . HOH B 2 .   ? 9.839   13.738  5.781   1.00 29.24 ? 2009 HOH A O   1 
HETATM 759 O O   . HOH B 2 .   ? -8.471  8.527   11.833  1.00 23.05 ? 2010 HOH A O   1 
HETATM 760 O O   . HOH B 2 .   ? 10.059  13.023  2.531   1.00 14.58 ? 2011 HOH A O   1 
HETATM 761 O O   . HOH B 2 .   ? -0.680  12.820  -7.336  1.00 18.96 ? 2012 HOH A O   1 
HETATM 762 O O   . HOH B 2 .   ? -4.470  12.037  1.929   1.00 22.51 ? 2013 HOH A O   1 
HETATM 763 O O   . HOH B 2 .   ? 4.776   -1.528  -14.880 1.00 19.15 ? 2014 HOH A O   1 
HETATM 764 O O   . HOH B 2 .   ? 1.640   1.207   -14.344 1.00 34.23 ? 2015 HOH A O   1 
HETATM 765 O O   . HOH B 2 .   ? 9.631   -2.072  -9.956  1.00 19.46 ? 2016 HOH A O   1 
HETATM 766 O O   . HOH B 2 .   ? -3.502  13.727  -3.944  1.00 29.62 ? 2017 HOH A O   1 
HETATM 767 O O   . HOH B 2 .   ? 2.949   17.120  -6.849  1.00 20.21 ? 2018 HOH A O   1 
HETATM 768 O O   . HOH B 2 .   ? 1.961   13.107  -8.322  1.00 17.62 ? 2019 HOH A O   1 
HETATM 769 O O   . HOH B 2 .   ? -0.714  3.415   -11.794 1.00 22.64 ? 2020 HOH A O   1 
HETATM 770 O O   . HOH B 2 .   ? -9.268  -17.007 4.341   1.00 16.95 ? 2021 HOH A O   1 
HETATM 771 O O   . HOH B 2 .   ? -2.978  6.952   -9.381  1.00 21.71 ? 2022 HOH A O   1 
HETATM 772 O O   . HOH B 2 .   ? -5.183  6.424   -6.694  1.00 25.01 ? 2023 HOH A O   1 
HETATM 773 O O   . HOH B 2 .   ? -1.230  9.077   -6.461  1.00 24.78 ? 2024 HOH A O   1 
HETATM 774 O O   . HOH B 2 .   ? 3.009   -16.320 -0.023  1.00 16.78 ? 2025 HOH A O   1 
HETATM 775 O O   . HOH B 2 .   ? -8.773  -1.152  -6.483  1.00 17.85 ? 2026 HOH A O   1 
HETATM 776 O O   . HOH B 2 .   ? 12.065  -13.805 -2.098  1.00 21.58 ? 2027 HOH A O   1 
HETATM 777 O O   . HOH B 2 .   ? 9.589   -10.574 -0.975  1.00 16.73 ? 2028 HOH A O   1 
HETATM 778 O O   . HOH B 2 .   ? 10.787  -15.227 -11.076 1.00 18.85 ? 2029 HOH A O   1 
HETATM 779 O O   . HOH B 2 .   ? -7.402  -7.673  -9.031  1.00 23.47 ? 2030 HOH A O   1 
HETATM 780 O O   . HOH B 2 .   ? -10.938 -3.009  -4.426  1.00 32.44 ? 2031 HOH A O   1 
HETATM 781 O O   . HOH B 2 .   ? 10.469  -8.197  2.945   1.00 28.64 ? 2032 HOH A O   1 
HETATM 782 O O   . HOH B 2 .   ? -6.642  4.421   -7.016  1.00 19.31 ? 2033 HOH A O   1 
HETATM 783 O O   . HOH B 2 .   ? -10.434 1.613   15.140  1.00 26.78 ? 2034 HOH A O   1 
HETATM 784 O O   . HOH B 2 .   ? -5.809  -0.877  -12.913 1.00 21.37 ? 2035 HOH A O   1 
HETATM 785 O O   . HOH B 2 .   ? -10.229 6.760   11.104  1.00 13.30 ? 2036 HOH A O   1 
HETATM 786 O O   . HOH B 2 .   ? -4.561  1.243   -13.589 1.00 18.90 ? 2037 HOH A O   1 
HETATM 787 O O   . HOH B 2 .   ? -2.306  -0.746  -15.315 1.00 21.32 ? 2038 HOH A O   1 
HETATM 788 O O   . HOH B 2 .   ? -12.189 -6.229  0.902   1.00 27.31 ? 2039 HOH A O   1 
HETATM 789 O O   . HOH B 2 .   ? 4.657   -8.483  -16.005 1.00 48.78 ? 2040 HOH A O   1 
HETATM 790 O O   . HOH B 2 .   ? 8.720   -5.996  -11.605 1.00 19.18 ? 2041 HOH A O   1 
HETATM 791 O O   . HOH B 2 .   ? 3.604   0.212   -13.100 1.00 16.63 ? 2042 HOH A O   1 
HETATM 792 O O   . HOH B 2 .   ? 8.850   -3.702  -8.006  1.00 11.03 ? 2043 HOH A O   1 
HETATM 793 O O   . HOH B 2 .   ? 13.526  11.843  -3.149  1.00 23.00 ? 2044 HOH A O   1 
HETATM 794 O O   . HOH B 2 .   ? 10.615  -1.819  -4.219  1.00 30.15 ? 2045 HOH A O   1 
HETATM 795 O O   . HOH B 2 .   ? -7.667  -5.428  16.845  1.00 31.69 ? 2046 HOH A O   1 
HETATM 796 O O   . HOH B 2 .   ? -10.660 -9.254  7.646   1.00 25.16 ? 2047 HOH A O   1 
HETATM 797 O O   . HOH B 2 .   ? -11.208 -5.440  5.042   1.00 25.20 ? 2048 HOH A O   1 
HETATM 798 O O   . HOH B 2 .   ? -6.803  -10.428 8.049   1.00 18.42 ? 2049 HOH A O   1 
HETATM 799 O O   . HOH B 2 .   ? -11.173 -15.179 3.785   1.00 12.39 ? 2050 HOH A O   1 
HETATM 800 O O   . HOH B 2 .   ? -6.966  -17.159 3.231   1.00 26.20 ? 2051 HOH A O   1 
HETATM 801 O O   . HOH B 2 .   ? 0.351   -15.974 0.566   1.00 16.96 ? 2052 HOH A O   1 
HETATM 802 O O   . HOH B 2 .   ? 5.202   -11.035 0.688   1.00 12.79 ? 2053 HOH A O   1 
HETATM 803 O O   . HOH B 2 .   ? 1.325   -15.510 2.786   1.00 23.21 ? 2054 HOH A O   1 
HETATM 804 O O   . HOH B 2 .   ? 3.898   -11.061 -9.085  1.00 15.09 ? 2055 HOH A O   1 
HETATM 805 O O   . HOH B 2 .   ? -2.996  -16.573 -10.181 1.00 28.48 ? 2056 HOH A O   1 
HETATM 806 O O   . HOH B 2 .   ? 9.544   -15.725 -5.247  1.00 8.35  ? 2057 HOH A O   1 
HETATM 807 O O   . HOH B 2 .   ? 10.397  -12.038 -3.000  1.00 11.24 ? 2058 HOH A O   1 
HETATM 808 O O   . HOH B 2 .   ? 8.542   -15.496 -9.604  1.00 15.83 ? 2059 HOH A O   1 
HETATM 809 O O   . HOH B 2 .   ? 9.181   -6.186  -9.124  1.00 10.97 ? 2060 HOH A O   1 
HETATM 810 O O   . HOH B 2 .   ? 10.149  -4.213  -5.605  1.00 15.70 ? 2061 HOH A O   1 
HETATM 811 O O   . HOH B 2 .   ? 7.182   -9.415  -0.352  1.00 12.30 ? 2062 HOH A O   1 
HETATM 812 O O   . HOH B 2 .   ? 5.069   -8.525  4.763   1.00 21.37 ? 2063 HOH A O   1 
HETATM 813 O O   . HOH B 2 .   ? 7.640   -8.015  2.175   1.00 12.10 ? 2064 HOH A O   1 
HETATM 814 O O   . HOH B 2 .   ? 6.698   2.093   10.260  1.00 30.65 ? 2065 HOH A O   1 
HETATM 815 O O   . HOH B 2 .   ? 1.799   1.289   10.696  1.00 15.11 ? 2066 HOH A O   1 
HETATM 816 O O   . HOH B 2 .   ? -2.487  -8.103  11.911  1.00 23.66 ? 2067 HOH A O   1 
HETATM 817 O O   . HOH B 2 .   ? 1.346   3.846   11.513  1.00 20.80 ? 2068 HOH A O   1 
HETATM 818 O O   . HOH B 2 .   ? -11.268 2.205   12.608  1.00 13.30 ? 2069 HOH A O   1 
HETATM 819 O O   . HOH B 2 .   ? -12.770 -3.029  5.607   1.00 19.80 ? 2070 HOH A O   1 
HETATM 820 O O   . HOH B 2 .   ? -12.386 6.004   5.961   1.00 16.00 ? 2071 HOH A O   1 
HETATM 821 O O   . HOH B 2 .   ? -3.948  2.829   14.269  1.00 33.31 ? 2072 HOH A O   1 
HETATM 822 O O   . HOH B 2 .   ? -4.682  6.005   12.100  1.00 28.88 ? 2073 HOH A O   1 
HETATM 823 O O   . HOH B 2 .   ? -12.415 8.066   10.190  1.00 18.46 ? 2074 HOH A O   1 
HETATM 824 O O   . HOH B 2 .   ? -9.439  12.538  5.488   1.00 23.04 ? 2075 HOH A O   1 
HETATM 825 O O   . HOH B 2 .   ? -5.125  12.813  5.969   1.00 23.41 ? 2076 HOH A O   1 
HETATM 826 O O   . HOH B 2 .   ? -7.962  10.645  -1.878  1.00 21.99 ? 2077 HOH A O   1 
HETATM 827 O O   . HOH B 2 .   ? -9.770  14.457  0.578   1.00 25.62 ? 2078 HOH A O   1 
HETATM 828 O O   . HOH B 2 .   ? -12.420 12.291  -0.992  1.00 20.20 ? 2079 HOH A O   1 
HETATM 829 O O   . HOH B 2 .   ? -14.439 0.972   0.087   1.00 17.31 ? 2080 HOH A O   1 
HETATM 830 O O   . HOH B 2 .   ? -16.207 -0.956  0.719   1.00 27.74 ? 2081 HOH A O   1 
HETATM 831 O O   . HOH B 2 .   ? -12.117 -1.911  1.970   1.00 28.06 ? 2082 HOH A O   1 
HETATM 832 O O   . HOH B 2 .   ? -16.443 2.195   3.165   1.00 13.69 ? 2083 HOH A O   1 
HETATM 833 O O   . HOH B 2 .   ? -10.535 1.147   -1.805  1.00 23.70 ? 2084 HOH A O   1 
HETATM 834 O O   . HOH B 2 .   ? -16.895 -0.487  3.166   1.00 29.80 ? 2085 HOH A O   1 
HETATM 835 O O   . HOH B 2 .   ? -10.123 -6.287  2.663   1.00 16.02 ? 2086 HOH A O   1 
HETATM 836 O O   . HOH B 2 .   ? -10.343 -1.661  -0.279  1.00 19.54 ? 2087 HOH A O   1 
HETATM 837 O O   . HOH B 2 .   ? 9.794   9.340   -7.937  1.00 23.01 ? 2088 HOH A O   1 
HETATM 838 O O   . HOH B 2 .   ? 6.600   11.726  -9.488  1.00 36.79 ? 2089 HOH A O   1 
HETATM 839 O O   . HOH B 2 .   ? 11.568  9.690   -3.249  1.00 12.87 ? 2090 HOH A O   1 
HETATM 840 O O   . HOH B 2 .   ? 10.640  6.115   -1.092  1.00 8.29  ? 2091 HOH A O   1 
HETATM 841 O O   . HOH B 2 .   ? 12.514  13.604  4.095   1.00 23.78 ? 2092 HOH A O   1 
HETATM 842 O O   . HOH B 2 .   ? 11.323  -0.906  -0.405  1.00 21.55 ? 2093 HOH A O   1 
HETATM 843 O O   . HOH B 2 .   ? 9.099   -1.534  7.938   1.00 13.20 ? 2094 HOH A O   1 
# 
loop_
_pdbx_poly_seq_scheme.asym_id 
_pdbx_poly_seq_scheme.entity_id 
_pdbx_poly_seq_scheme.seq_id 
_pdbx_poly_seq_scheme.mon_id 
_pdbx_poly_seq_scheme.ndb_seq_num 
_pdbx_poly_seq_scheme.pdb_seq_num 
_pdbx_poly_seq_scheme.auth_seq_num 
_pdbx_poly_seq_scheme.pdb_mon_id 
_pdbx_poly_seq_scheme.auth_mon_id 
_pdbx_poly_seq_scheme.pdb_strand_id 
_pdbx_poly_seq_scheme.pdb_ins_code 
_pdbx_poly_seq_scheme.hetero 
A 1 1   MET 1   0   0  MET MET A . n 
A 1 2   VAL 2   1   1  VAL VAL A . n 
A 1 3   ASP 3   2   2  ASP ASP A . n 
A 1 4   PHE 4   3   3  PHE PHE A . n 
A 1 5   ALA 5   4   4  ALA ALA A . n 
A 1 6   PHE 6   5   5  PHE PHE A . n 
A 1 7   GLU 7   6   6  GLU GLU A . n 
A 1 8   LEU 8   7   7  LEU LEU A . n 
A 1 9   ARG 9   8   8  ARG ARG A . n 
A 1 10  LYS 10  9   9  LYS LYS A . n 
A 1 11  ALA 11  10  10 ALA ALA A . n 
A 1 12  GLN 12  11  11 GLN GLN A . n 
A 1 13  ASP 13  12  12 ASP ASP A . n 
A 1 14  THR 14  13  13 THR THR A . n 
A 1 15  GLY 15  14  14 GLY GLY A . n 
A 1 16  LYS 16  15  15 LYS LYS A . n 
A 1 17  ILE 17  16  16 ILE ILE A . n 
A 1 18  VAL 18  17  17 VAL VAL A . n 
A 1 19  MET 19  18  18 MET MET A . n 
A 1 20  GLY 20  19  19 GLY GLY A . n 
A 1 21  ALA 21  20  20 ALA ALA A . n 
A 1 22  ARG 22  21  21 ARG ARG A . n 
A 1 23  LYS 23  22  22 LYS LYS A . n 
A 1 24  SER 24  23  23 SER SER A . n 
A 1 25  ILE 25  24  24 ILE ILE A . n 
A 1 26  GLN 26  25  25 GLN GLN A . n 
A 1 27  TYR 27  26  26 TYR TYR A . n 
A 1 28  ALA 28  27  27 ALA ALA A . n 
A 1 29  LYS 29  28  28 LYS LYS A . n 
A 1 30  MET 30  29  29 MET MET A . n 
A 1 31  GLY 31  30  30 GLY GLY A . n 
A 1 32  GLY 32  31  31 GLY GLY A . n 
A 1 33  ALA 33  32  32 ALA ALA A . n 
A 1 34  LYS 34  33  33 LYS LYS A . n 
A 1 35  LEU 35  34  34 LEU LEU A . n 
A 1 36  ILE 36  35  35 ILE ILE A . n 
A 1 37  ILE 37  36  36 ILE ILE A . n 
A 1 38  VAL 38  37  37 VAL VAL A . n 
A 1 39  ALA 39  38  38 ALA ALA A . n 
A 1 40  ARG 40  39  39 ARG ARG A . n 
A 1 41  ASN 41  40  40 ASN ASN A . n 
A 1 42  ALA 42  41  41 ALA ALA A . n 
A 1 43  ARG 43  42  42 ARG ARG A . n 
A 1 44  PRO 44  43  43 PRO PRO A . n 
A 1 45  ASP 45  44  44 ASP ASP A . n 
A 1 46  ILE 46  45  45 ILE ILE A . n 
A 1 47  LYS 47  46  46 LYS LYS A . n 
A 1 48  GLU 48  47  47 GLU GLU A . n 
A 1 49  ASP 49  48  48 ASP ASP A . n 
A 1 50  ILE 50  49  49 ILE ILE A . n 
A 1 51  GLU 51  50  50 GLU GLU A . n 
A 1 52  TYR 52  51  51 TYR TYR A . n 
A 1 53  TYR 53  52  52 TYR TYR A . n 
A 1 54  ALA 54  53  53 ALA ALA A . n 
A 1 55  ARG 55  54  54 ARG ARG A . n 
A 1 56  LEU 56  55  55 LEU LEU A . n 
A 1 57  SER 57  56  56 SER SER A . n 
A 1 58  GLY 58  57  57 GLY GLY A . n 
A 1 59  ILE 59  58  58 ILE ILE A . n 
A 1 60  PRO 60  59  59 PRO PRO A . n 
A 1 61  VAL 61  60  60 VAL VAL A . n 
A 1 62  TYR 62  61  61 TYR TYR A . n 
A 1 63  GLU 63  62  62 GLU GLU A . n 
A 1 64  PHE 64  63  63 PHE PHE A . n 
A 1 65  GLU 65  64  64 GLU GLU A . n 
A 1 66  GLY 66  65  65 GLY GLY A . n 
A 1 67  THR 67  66  66 THR THR A . n 
A 1 68  SER 68  67  67 SER SER A . n 
A 1 69  VAL 69  68  68 VAL VAL A . n 
A 1 70  GLU 70  69  69 GLU GLU A . n 
A 1 71  LEU 71  70  70 LEU LEU A . n 
A 1 72  GLY 72  71  71 GLY GLY A . n 
A 1 73  THR 73  72  72 THR THR A . n 
A 1 74  LEU 74  73  73 LEU LEU A . n 
A 1 75  LEU 75  74  74 LEU LEU A . n 
A 1 76  GLY 76  75  75 GLY GLY A . n 
A 1 77  ARG 77  76  76 ARG ARG A . n 
A 1 78  PRO 78  77  77 PRO PRO A . n 
A 1 79  HIS 79  78  78 HIS HIS A . n 
A 1 80  THR 80  79  79 THR THR A . n 
A 1 81  VAL 81  80  80 VAL VAL A . n 
A 1 82  SER 82  81  81 SER SER A . n 
A 1 83  ALA 83  82  82 ALA ALA A . n 
A 1 84  LEU 84  83  83 LEU LEU A . n 
A 1 85  ALA 85  84  84 ALA ALA A . n 
A 1 86  VAL 86  85  85 VAL VAL A . n 
A 1 87  VAL 87  86  86 VAL VAL A . n 
A 1 88  ASP 88  87  87 ASP ASP A . n 
A 1 89  PRO 89  88  88 PRO PRO A . n 
A 1 90  GLY 90  89  89 GLY GLY A . n 
A 1 91  ALA 91  90  90 ALA ALA A . n 
A 1 92  SER 92  91  91 SER SER A . n 
A 1 93  ARG 93  92  92 ARG ARG A . n 
A 1 94  ILE 94  93  93 ILE ILE A . n 
A 1 95  LEU 95  94  94 LEU LEU A . n 
A 1 96  ALA 96  95  95 ALA ALA A . n 
A 1 97  LEU 97  96  96 LEU LEU A . n 
A 1 98  GLY 98  97  97 GLY GLY A . n 
A 1 99  GLY 99  98  98 GLY GLY A . n 
A 1 100 LYS 100 99  99 LYS LYS A . n 
A 1 101 GLU 101 100 ?  ?   ?   A . n 
# 
loop_
_pdbx_nonpoly_scheme.asym_id 
_pdbx_nonpoly_scheme.entity_id 
_pdbx_nonpoly_scheme.mon_id 
_pdbx_nonpoly_scheme.ndb_seq_num 
_pdbx_nonpoly_scheme.pdb_seq_num 
_pdbx_nonpoly_scheme.auth_seq_num 
_pdbx_nonpoly_scheme.pdb_mon_id 
_pdbx_nonpoly_scheme.auth_mon_id 
_pdbx_nonpoly_scheme.pdb_strand_id 
_pdbx_nonpoly_scheme.pdb_ins_code 
B 2 HOH 1  2001 2001 HOH HOH A . 
B 2 HOH 2  2002 2002 HOH HOH A . 
B 2 HOH 3  2003 2003 HOH HOH A . 
B 2 HOH 4  2004 2004 HOH HOH A . 
B 2 HOH 5  2005 2005 HOH HOH A . 
B 2 HOH 6  2006 2006 HOH HOH A . 
B 2 HOH 7  2007 2007 HOH HOH A . 
B 2 HOH 8  2008 2008 HOH HOH A . 
B 2 HOH 9  2009 2009 HOH HOH A . 
B 2 HOH 10 2010 2010 HOH HOH A . 
B 2 HOH 11 2011 2011 HOH HOH A . 
B 2 HOH 12 2012 2012 HOH HOH A . 
B 2 HOH 13 2013 2013 HOH HOH A . 
B 2 HOH 14 2014 2014 HOH HOH A . 
B 2 HOH 15 2015 2015 HOH HOH A . 
B 2 HOH 16 2016 2016 HOH HOH A . 
B 2 HOH 17 2017 2017 HOH HOH A . 
B 2 HOH 18 2018 2018 HOH HOH A . 
B 2 HOH 19 2019 2019 HOH HOH A . 
B 2 HOH 20 2020 2020 HOH HOH A . 
B 2 HOH 21 2021 2021 HOH HOH A . 
B 2 HOH 22 2022 2022 HOH HOH A . 
B 2 HOH 23 2023 2023 HOH HOH A . 
B 2 HOH 24 2024 2024 HOH HOH A . 
B 2 HOH 25 2025 2025 HOH HOH A . 
B 2 HOH 26 2026 2026 HOH HOH A . 
B 2 HOH 27 2027 2027 HOH HOH A . 
B 2 HOH 28 2028 2028 HOH HOH A . 
B 2 HOH 29 2029 2029 HOH HOH A . 
B 2 HOH 30 2030 2030 HOH HOH A . 
B 2 HOH 31 2031 2031 HOH HOH A . 
B 2 HOH 32 2032 2032 HOH HOH A . 
B 2 HOH 33 2033 2033 HOH HOH A . 
B 2 HOH 34 2034 2034 HOH HOH A . 
B 2 HOH 35 2035 2035 HOH HOH A . 
B 2 HOH 36 2036 2036 HOH HOH A . 
B 2 HOH 37 2037 2037 HOH HOH A . 
B 2 HOH 38 2038 2038 HOH HOH A . 
B 2 HOH 39 2039 2039 HOH HOH A . 
B 2 HOH 40 2040 2040 HOH HOH A . 
B 2 HOH 41 2041 2041 HOH HOH A . 
B 2 HOH 42 2042 2042 HOH HOH A . 
B 2 HOH 43 2043 2043 HOH HOH A . 
B 2 HOH 44 2044 2044 HOH HOH A . 
B 2 HOH 45 2045 2045 HOH HOH A . 
B 2 HOH 46 2046 2046 HOH HOH A . 
B 2 HOH 47 2047 2047 HOH HOH A . 
B 2 HOH 48 2048 2048 HOH HOH A . 
B 2 HOH 49 2049 2049 HOH HOH A . 
B 2 HOH 50 2050 2050 HOH HOH A . 
B 2 HOH 51 2051 2051 HOH HOH A . 
B 2 HOH 52 2052 2052 HOH HOH A . 
B 2 HOH 53 2053 2053 HOH HOH A . 
B 2 HOH 54 2054 2054 HOH HOH A . 
B 2 HOH 55 2055 2055 HOH HOH A . 
B 2 HOH 56 2056 2056 HOH HOH A . 
B 2 HOH 57 2057 2057 HOH HOH A . 
B 2 HOH 58 2058 2058 HOH HOH A . 
B 2 HOH 59 2059 2059 HOH HOH A . 
B 2 HOH 60 2060 2060 HOH HOH A . 
B 2 HOH 61 2061 2061 HOH HOH A . 
B 2 HOH 62 2062 2062 HOH HOH A . 
B 2 HOH 63 2063 2063 HOH HOH A . 
B 2 HOH 64 2064 2064 HOH HOH A . 
B 2 HOH 65 2065 2065 HOH HOH A . 
B 2 HOH 66 2066 2066 HOH HOH A . 
B 2 HOH 67 2067 2067 HOH HOH A . 
B 2 HOH 68 2068 2068 HOH HOH A . 
B 2 HOH 69 2069 2069 HOH HOH A . 
B 2 HOH 70 2070 2070 HOH HOH A . 
B 2 HOH 71 2071 2071 HOH HOH A . 
B 2 HOH 72 2072 2072 HOH HOH A . 
B 2 HOH 73 2073 2073 HOH HOH A . 
B 2 HOH 74 2074 2074 HOH HOH A . 
B 2 HOH 75 2075 2075 HOH HOH A . 
B 2 HOH 76 2076 2076 HOH HOH A . 
B 2 HOH 77 2077 2077 HOH HOH A . 
B 2 HOH 78 2078 2078 HOH HOH A . 
B 2 HOH 79 2079 2079 HOH HOH A . 
B 2 HOH 80 2080 2080 HOH HOH A . 
B 2 HOH 81 2081 2081 HOH HOH A . 
B 2 HOH 82 2082 2082 HOH HOH A . 
B 2 HOH 83 2083 2083 HOH HOH A . 
B 2 HOH 84 2084 2084 HOH HOH A . 
B 2 HOH 85 2085 2085 HOH HOH A . 
B 2 HOH 86 2086 2086 HOH HOH A . 
B 2 HOH 87 2087 2087 HOH HOH A . 
B 2 HOH 88 2088 2088 HOH HOH A . 
B 2 HOH 89 2089 2089 HOH HOH A . 
B 2 HOH 90 2090 2090 HOH HOH A . 
B 2 HOH 91 2091 2091 HOH HOH A . 
B 2 HOH 92 2092 2092 HOH HOH A . 
B 2 HOH 93 2093 2093 HOH HOH A . 
B 2 HOH 94 2094 2094 HOH HOH A . 
# 
_pdbx_struct_assembly.id                   1 
_pdbx_struct_assembly.details              author_and_software_defined_assembly 
_pdbx_struct_assembly.method_details       PQS 
_pdbx_struct_assembly.oligomeric_details   monomeric 
_pdbx_struct_assembly.oligomeric_count     1 
# 
_pdbx_struct_assembly_gen.assembly_id       1 
_pdbx_struct_assembly_gen.oper_expression   1 
_pdbx_struct_assembly_gen.asym_id_list      A,B 
# 
_pdbx_struct_oper_list.id                   1 
_pdbx_struct_oper_list.type                 'identity operation' 
_pdbx_struct_oper_list.name                 1_555 
_pdbx_struct_oper_list.symmetry_operation   x,y,z 
_pdbx_struct_oper_list.matrix[1][1]         1.0000000000 
_pdbx_struct_oper_list.matrix[1][2]         0.0000000000 
_pdbx_struct_oper_list.matrix[1][3]         0.0000000000 
_pdbx_struct_oper_list.vector[1]            0.0000000000 
_pdbx_struct_oper_list.matrix[2][1]         0.0000000000 
_pdbx_struct_oper_list.matrix[2][2]         1.0000000000 
_pdbx_struct_oper_list.matrix[2][3]         0.0000000000 
_pdbx_struct_oper_list.vector[2]            0.0000000000 
_pdbx_struct_oper_list.matrix[3][1]         0.0000000000 
_pdbx_struct_oper_list.matrix[3][2]         0.0000000000 
_pdbx_struct_oper_list.matrix[3][3]         1.0000000000 
_pdbx_struct_oper_list.vector[3]            0.0000000000 
# 
loop_
_pdbx_audit_revision_history.ordinal 
_pdbx_audit_revision_history.data_content_type 
_pdbx_audit_revision_history.major_revision 
_pdbx_audit_revision_history.minor_revision 
_pdbx_audit_revision_history.revision_date 
1 'Structure model' 1 0 2005-04-08 
2 'Structure model' 1 1 2011-05-08 
3 'Structure model' 1 2 2011-07-13 
4 'Structure model' 1 3 2023-12-13 
# 
_pdbx_audit_revision_details.ordinal             1 
_pdbx_audit_revision_details.revision_ordinal    1 
_pdbx_audit_revision_details.data_content_type   'Structure model' 
_pdbx_audit_revision_details.provider            repository 
_pdbx_audit_revision_details.type                'Initial release' 
_pdbx_audit_revision_details.description         ? 
_pdbx_audit_revision_details.details             ? 
# 
loop_
_pdbx_audit_revision_group.ordinal 
_pdbx_audit_revision_group.revision_ordinal 
_pdbx_audit_revision_group.data_content_type 
_pdbx_audit_revision_group.group 
1 2 'Structure model' 'Version format compliance' 
2 3 'Structure model' 'Version format compliance' 
3 4 'Structure model' 'Data collection'           
4 4 'Structure model' 'Database references'       
5 4 'Structure model' Other                       
6 4 'Structure model' 'Refinement description'    
# 
loop_
_pdbx_audit_revision_category.ordinal 
_pdbx_audit_revision_category.revision_ordinal 
_pdbx_audit_revision_category.data_content_type 
_pdbx_audit_revision_category.category 
1 4 'Structure model' chem_comp_atom                
2 4 'Structure model' chem_comp_bond                
3 4 'Structure model' database_2                    
4 4 'Structure model' pdbx_database_status          
5 4 'Structure model' pdbx_initial_refinement_model 
# 
loop_
_pdbx_audit_revision_item.ordinal 
_pdbx_audit_revision_item.revision_ordinal 
_pdbx_audit_revision_item.data_content_type 
_pdbx_audit_revision_item.item 
1 4 'Structure model' '_database_2.pdbx_DOI'                 
2 4 'Structure model' '_database_2.pdbx_database_accession'  
3 4 'Structure model' '_pdbx_database_status.status_code_sf' 
# 
loop_
_software.name 
_software.classification 
_software.version 
_software.citation_id 
_software.pdbx_ordinal 
REFMAC refinement       5.2.0003 ? 1 
MOSFLM 'data reduction' .        ? 2 
SCALA  'data scaling'   .        ? 3 
MOLREP phasing          .        ? 4 
# 
_pdbx_entry_details.entry_id                 1W41 
_pdbx_entry_details.compound_details         'CHAIN A ENGINEERED MUTATION GLU 91 ALA' 
_pdbx_entry_details.source_details           ? 
_pdbx_entry_details.nonpolymer_details       ? 
_pdbx_entry_details.sequence_details         ? 
_pdbx_entry_details.has_ligand_of_interest   ? 
# 
_pdbx_validate_rmsd_angle.id                         1 
_pdbx_validate_rmsd_angle.PDB_model_num              1 
_pdbx_validate_rmsd_angle.auth_atom_id_1             CB 
_pdbx_validate_rmsd_angle.auth_asym_id_1             A 
_pdbx_validate_rmsd_angle.auth_comp_id_1             ASP 
_pdbx_validate_rmsd_angle.auth_seq_id_1              2 
_pdbx_validate_rmsd_angle.PDB_ins_code_1             ? 
_pdbx_validate_rmsd_angle.label_alt_id_1             ? 
_pdbx_validate_rmsd_angle.auth_atom_id_2             CG 
_pdbx_validate_rmsd_angle.auth_asym_id_2             A 
_pdbx_validate_rmsd_angle.auth_comp_id_2             ASP 
_pdbx_validate_rmsd_angle.auth_seq_id_2              2 
_pdbx_validate_rmsd_angle.PDB_ins_code_2             ? 
_pdbx_validate_rmsd_angle.label_alt_id_2             ? 
_pdbx_validate_rmsd_angle.auth_atom_id_3             OD2 
_pdbx_validate_rmsd_angle.auth_asym_id_3             A 
_pdbx_validate_rmsd_angle.auth_comp_id_3             ASP 
_pdbx_validate_rmsd_angle.auth_seq_id_3              2 
_pdbx_validate_rmsd_angle.PDB_ins_code_3             ? 
_pdbx_validate_rmsd_angle.label_alt_id_3             ? 
_pdbx_validate_rmsd_angle.angle_value                127.14 
_pdbx_validate_rmsd_angle.angle_target_value         118.30 
_pdbx_validate_rmsd_angle.angle_deviation            8.84 
_pdbx_validate_rmsd_angle.angle_standard_deviation   0.90 
_pdbx_validate_rmsd_angle.linker_flag                N 
# 
loop_
_pdbx_unobs_or_zero_occ_atoms.id 
_pdbx_unobs_or_zero_occ_atoms.PDB_model_num 
_pdbx_unobs_or_zero_occ_atoms.polymer_flag 
_pdbx_unobs_or_zero_occ_atoms.occupancy_flag 
_pdbx_unobs_or_zero_occ_atoms.auth_asym_id 
_pdbx_unobs_or_zero_occ_atoms.auth_comp_id 
_pdbx_unobs_or_zero_occ_atoms.auth_seq_id 
_pdbx_unobs_or_zero_occ_atoms.PDB_ins_code 
_pdbx_unobs_or_zero_occ_atoms.auth_atom_id 
_pdbx_unobs_or_zero_occ_atoms.label_alt_id 
_pdbx_unobs_or_zero_occ_atoms.label_asym_id 
_pdbx_unobs_or_zero_occ_atoms.label_comp_id 
_pdbx_unobs_or_zero_occ_atoms.label_seq_id 
_pdbx_unobs_or_zero_occ_atoms.label_atom_id 
1 1 Y 1 A LYS 99 ? CA ? A LYS 100 CA 
2 1 Y 1 A LYS 99 ? C  ? A LYS 100 C  
3 1 Y 1 A LYS 99 ? O  ? A LYS 100 O  
4 1 Y 1 A LYS 99 ? CB ? A LYS 100 CB 
5 1 Y 1 A LYS 99 ? CG ? A LYS 100 CG 
6 1 Y 1 A LYS 99 ? CD ? A LYS 100 CD 
7 1 Y 1 A LYS 99 ? CE ? A LYS 100 CE 
8 1 Y 1 A LYS 99 ? NZ ? A LYS 100 NZ 
# 
_pdbx_unobs_or_zero_occ_residues.id               1 
_pdbx_unobs_or_zero_occ_residues.PDB_model_num    1 
_pdbx_unobs_or_zero_occ_residues.polymer_flag     Y 
_pdbx_unobs_or_zero_occ_residues.occupancy_flag   1 
_pdbx_unobs_or_zero_occ_residues.auth_asym_id     A 
_pdbx_unobs_or_zero_occ_residues.auth_comp_id     GLU 
_pdbx_unobs_or_zero_occ_residues.auth_seq_id      100 
_pdbx_unobs_or_zero_occ_residues.PDB_ins_code     ? 
_pdbx_unobs_or_zero_occ_residues.label_asym_id    A 
_pdbx_unobs_or_zero_occ_residues.label_comp_id    GLU 
_pdbx_unobs_or_zero_occ_residues.label_seq_id     101 
# 
loop_
_chem_comp_atom.comp_id 
_chem_comp_atom.atom_id 
_chem_comp_atom.type_symbol 
_chem_comp_atom.pdbx_aromatic_flag 
_chem_comp_atom.pdbx_stereo_config 
_chem_comp_atom.pdbx_ordinal 
ALA N    N N N 1   
ALA CA   C N S 2   
ALA C    C N N 3   
ALA O    O N N 4   
ALA CB   C N N 5   
ALA OXT  O N N 6   
ALA H    H N N 7   
ALA H2   H N N 8   
ALA HA   H N N 9   
ALA HB1  H N N 10  
ALA HB2  H N N 11  
ALA HB3  H N N 12  
ALA HXT  H N N 13  
ARG N    N N N 14  
ARG CA   C N S 15  
ARG C    C N N 16  
ARG O    O N N 17  
ARG CB   C N N 18  
ARG CG   C N N 19  
ARG CD   C N N 20  
ARG NE   N N N 21  
ARG CZ   C N N 22  
ARG NH1  N N N 23  
ARG NH2  N N N 24  
ARG OXT  O N N 25  
ARG H    H N N 26  
ARG H2   H N N 27  
ARG HA   H N N 28  
ARG HB2  H N N 29  
ARG HB3  H N N 30  
ARG HG2  H N N 31  
ARG HG3  H N N 32  
ARG HD2  H N N 33  
ARG HD3  H N N 34  
ARG HE   H N N 35  
ARG HH11 H N N 36  
ARG HH12 H N N 37  
ARG HH21 H N N 38  
ARG HH22 H N N 39  
ARG HXT  H N N 40  
ASN N    N N N 41  
ASN CA   C N S 42  
ASN C    C N N 43  
ASN O    O N N 44  
ASN CB   C N N 45  
ASN CG   C N N 46  
ASN OD1  O N N 47  
ASN ND2  N N N 48  
ASN OXT  O N N 49  
ASN H    H N N 50  
ASN H2   H N N 51  
ASN HA   H N N 52  
ASN HB2  H N N 53  
ASN HB3  H N N 54  
ASN HD21 H N N 55  
ASN HD22 H N N 56  
ASN HXT  H N N 57  
ASP N    N N N 58  
ASP CA   C N S 59  
ASP C    C N N 60  
ASP O    O N N 61  
ASP CB   C N N 62  
ASP CG   C N N 63  
ASP OD1  O N N 64  
ASP OD2  O N N 65  
ASP OXT  O N N 66  
ASP H    H N N 67  
ASP H2   H N N 68  
ASP HA   H N N 69  
ASP HB2  H N N 70  
ASP HB3  H N N 71  
ASP HD2  H N N 72  
ASP HXT  H N N 73  
GLN N    N N N 74  
GLN CA   C N S 75  
GLN C    C N N 76  
GLN O    O N N 77  
GLN CB   C N N 78  
GLN CG   C N N 79  
GLN CD   C N N 80  
GLN OE1  O N N 81  
GLN NE2  N N N 82  
GLN OXT  O N N 83  
GLN H    H N N 84  
GLN H2   H N N 85  
GLN HA   H N N 86  
GLN HB2  H N N 87  
GLN HB3  H N N 88  
GLN HG2  H N N 89  
GLN HG3  H N N 90  
GLN HE21 H N N 91  
GLN HE22 H N N 92  
GLN HXT  H N N 93  
GLU N    N N N 94  
GLU CA   C N S 95  
GLU C    C N N 96  
GLU O    O N N 97  
GLU CB   C N N 98  
GLU CG   C N N 99  
GLU CD   C N N 100 
GLU OE1  O N N 101 
GLU OE2  O N N 102 
GLU OXT  O N N 103 
GLU H    H N N 104 
GLU H2   H N N 105 
GLU HA   H N N 106 
GLU HB2  H N N 107 
GLU HB3  H N N 108 
GLU HG2  H N N 109 
GLU HG3  H N N 110 
GLU HE2  H N N 111 
GLU HXT  H N N 112 
GLY N    N N N 113 
GLY CA   C N N 114 
GLY C    C N N 115 
GLY O    O N N 116 
GLY OXT  O N N 117 
GLY H    H N N 118 
GLY H2   H N N 119 
GLY HA2  H N N 120 
GLY HA3  H N N 121 
GLY HXT  H N N 122 
HIS N    N N N 123 
HIS CA   C N S 124 
HIS C    C N N 125 
HIS O    O N N 126 
HIS CB   C N N 127 
HIS CG   C Y N 128 
HIS ND1  N Y N 129 
HIS CD2  C Y N 130 
HIS CE1  C Y N 131 
HIS NE2  N Y N 132 
HIS OXT  O N N 133 
HIS H    H N N 134 
HIS H2   H N N 135 
HIS HA   H N N 136 
HIS HB2  H N N 137 
HIS HB3  H N N 138 
HIS HD1  H N N 139 
HIS HD2  H N N 140 
HIS HE1  H N N 141 
HIS HE2  H N N 142 
HIS HXT  H N N 143 
HOH O    O N N 144 
HOH H1   H N N 145 
HOH H2   H N N 146 
ILE N    N N N 147 
ILE CA   C N S 148 
ILE C    C N N 149 
ILE O    O N N 150 
ILE CB   C N S 151 
ILE CG1  C N N 152 
ILE CG2  C N N 153 
ILE CD1  C N N 154 
ILE OXT  O N N 155 
ILE H    H N N 156 
ILE H2   H N N 157 
ILE HA   H N N 158 
ILE HB   H N N 159 
ILE HG12 H N N 160 
ILE HG13 H N N 161 
ILE HG21 H N N 162 
ILE HG22 H N N 163 
ILE HG23 H N N 164 
ILE HD11 H N N 165 
ILE HD12 H N N 166 
ILE HD13 H N N 167 
ILE HXT  H N N 168 
LEU N    N N N 169 
LEU CA   C N S 170 
LEU C    C N N 171 
LEU O    O N N 172 
LEU CB   C N N 173 
LEU CG   C N N 174 
LEU CD1  C N N 175 
LEU CD2  C N N 176 
LEU OXT  O N N 177 
LEU H    H N N 178 
LEU H2   H N N 179 
LEU HA   H N N 180 
LEU HB2  H N N 181 
LEU HB3  H N N 182 
LEU HG   H N N 183 
LEU HD11 H N N 184 
LEU HD12 H N N 185 
LEU HD13 H N N 186 
LEU HD21 H N N 187 
LEU HD22 H N N 188 
LEU HD23 H N N 189 
LEU HXT  H N N 190 
LYS N    N N N 191 
LYS CA   C N S 192 
LYS C    C N N 193 
LYS O    O N N 194 
LYS CB   C N N 195 
LYS CG   C N N 196 
LYS CD   C N N 197 
LYS CE   C N N 198 
LYS NZ   N N N 199 
LYS OXT  O N N 200 
LYS H    H N N 201 
LYS H2   H N N 202 
LYS HA   H N N 203 
LYS HB2  H N N 204 
LYS HB3  H N N 205 
LYS HG2  H N N 206 
LYS HG3  H N N 207 
LYS HD2  H N N 208 
LYS HD3  H N N 209 
LYS HE2  H N N 210 
LYS HE3  H N N 211 
LYS HZ1  H N N 212 
LYS HZ2  H N N 213 
LYS HZ3  H N N 214 
LYS HXT  H N N 215 
MET N    N N N 216 
MET CA   C N S 217 
MET C    C N N 218 
MET O    O N N 219 
MET CB   C N N 220 
MET CG   C N N 221 
MET SD   S N N 222 
MET CE   C N N 223 
MET OXT  O N N 224 
MET H    H N N 225 
MET H2   H N N 226 
MET HA   H N N 227 
MET HB2  H N N 228 
MET HB3  H N N 229 
MET HG2  H N N 230 
MET HG3  H N N 231 
MET HE1  H N N 232 
MET HE2  H N N 233 
MET HE3  H N N 234 
MET HXT  H N N 235 
PHE N    N N N 236 
PHE CA   C N S 237 
PHE C    C N N 238 
PHE O    O N N 239 
PHE CB   C N N 240 
PHE CG   C Y N 241 
PHE CD1  C Y N 242 
PHE CD2  C Y N 243 
PHE CE1  C Y N 244 
PHE CE2  C Y N 245 
PHE CZ   C Y N 246 
PHE OXT  O N N 247 
PHE H    H N N 248 
PHE H2   H N N 249 
PHE HA   H N N 250 
PHE HB2  H N N 251 
PHE HB3  H N N 252 
PHE HD1  H N N 253 
PHE HD2  H N N 254 
PHE HE1  H N N 255 
PHE HE2  H N N 256 
PHE HZ   H N N 257 
PHE HXT  H N N 258 
PRO N    N N N 259 
PRO CA   C N S 260 
PRO C    C N N 261 
PRO O    O N N 262 
PRO CB   C N N 263 
PRO CG   C N N 264 
PRO CD   C N N 265 
PRO OXT  O N N 266 
PRO H    H N N 267 
PRO HA   H N N 268 
PRO HB2  H N N 269 
PRO HB3  H N N 270 
PRO HG2  H N N 271 
PRO HG3  H N N 272 
PRO HD2  H N N 273 
PRO HD3  H N N 274 
PRO HXT  H N N 275 
SER N    N N N 276 
SER CA   C N S 277 
SER C    C N N 278 
SER O    O N N 279 
SER CB   C N N 280 
SER OG   O N N 281 
SER OXT  O N N 282 
SER H    H N N 283 
SER H2   H N N 284 
SER HA   H N N 285 
SER HB2  H N N 286 
SER HB3  H N N 287 
SER HG   H N N 288 
SER HXT  H N N 289 
THR N    N N N 290 
THR CA   C N S 291 
THR C    C N N 292 
THR O    O N N 293 
THR CB   C N R 294 
THR OG1  O N N 295 
THR CG2  C N N 296 
THR OXT  O N N 297 
THR H    H N N 298 
THR H2   H N N 299 
THR HA   H N N 300 
THR HB   H N N 301 
THR HG1  H N N 302 
THR HG21 H N N 303 
THR HG22 H N N 304 
THR HG23 H N N 305 
THR HXT  H N N 306 
TYR N    N N N 307 
TYR CA   C N S 308 
TYR C    C N N 309 
TYR O    O N N 310 
TYR CB   C N N 311 
TYR CG   C Y N 312 
TYR CD1  C Y N 313 
TYR CD2  C Y N 314 
TYR CE1  C Y N 315 
TYR CE2  C Y N 316 
TYR CZ   C Y N 317 
TYR OH   O N N 318 
TYR OXT  O N N 319 
TYR H    H N N 320 
TYR H2   H N N 321 
TYR HA   H N N 322 
TYR HB2  H N N 323 
TYR HB3  H N N 324 
TYR HD1  H N N 325 
TYR HD2  H N N 326 
TYR HE1  H N N 327 
TYR HE2  H N N 328 
TYR HH   H N N 329 
TYR HXT  H N N 330 
VAL N    N N N 331 
VAL CA   C N S 332 
VAL C    C N N 333 
VAL O    O N N 334 
VAL CB   C N N 335 
VAL CG1  C N N 336 
VAL CG2  C N N 337 
VAL OXT  O N N 338 
VAL H    H N N 339 
VAL H2   H N N 340 
VAL HA   H N N 341 
VAL HB   H N N 342 
VAL HG11 H N N 343 
VAL HG12 H N N 344 
VAL HG13 H N N 345 
VAL HG21 H N N 346 
VAL HG22 H N N 347 
VAL HG23 H N N 348 
VAL HXT  H N N 349 
# 
loop_
_chem_comp_bond.comp_id 
_chem_comp_bond.atom_id_1 
_chem_comp_bond.atom_id_2 
_chem_comp_bond.value_order 
_chem_comp_bond.pdbx_aromatic_flag 
_chem_comp_bond.pdbx_stereo_config 
_chem_comp_bond.pdbx_ordinal 
ALA N   CA   sing N N 1   
ALA N   H    sing N N 2   
ALA N   H2   sing N N 3   
ALA CA  C    sing N N 4   
ALA CA  CB   sing N N 5   
ALA CA  HA   sing N N 6   
ALA C   O    doub N N 7   
ALA C   OXT  sing N N 8   
ALA CB  HB1  sing N N 9   
ALA CB  HB2  sing N N 10  
ALA CB  HB3  sing N N 11  
ALA OXT HXT  sing N N 12  
ARG N   CA   sing N N 13  
ARG N   H    sing N N 14  
ARG N   H2   sing N N 15  
ARG CA  C    sing N N 16  
ARG CA  CB   sing N N 17  
ARG CA  HA   sing N N 18  
ARG C   O    doub N N 19  
ARG C   OXT  sing N N 20  
ARG CB  CG   sing N N 21  
ARG CB  HB2  sing N N 22  
ARG CB  HB3  sing N N 23  
ARG CG  CD   sing N N 24  
ARG CG  HG2  sing N N 25  
ARG CG  HG3  sing N N 26  
ARG CD  NE   sing N N 27  
ARG CD  HD2  sing N N 28  
ARG CD  HD3  sing N N 29  
ARG NE  CZ   sing N N 30  
ARG NE  HE   sing N N 31  
ARG CZ  NH1  sing N N 32  
ARG CZ  NH2  doub N N 33  
ARG NH1 HH11 sing N N 34  
ARG NH1 HH12 sing N N 35  
ARG NH2 HH21 sing N N 36  
ARG NH2 HH22 sing N N 37  
ARG OXT HXT  sing N N 38  
ASN N   CA   sing N N 39  
ASN N   H    sing N N 40  
ASN N   H2   sing N N 41  
ASN CA  C    sing N N 42  
ASN CA  CB   sing N N 43  
ASN CA  HA   sing N N 44  
ASN C   O    doub N N 45  
ASN C   OXT  sing N N 46  
ASN CB  CG   sing N N 47  
ASN CB  HB2  sing N N 48  
ASN CB  HB3  sing N N 49  
ASN CG  OD1  doub N N 50  
ASN CG  ND2  sing N N 51  
ASN ND2 HD21 sing N N 52  
ASN ND2 HD22 sing N N 53  
ASN OXT HXT  sing N N 54  
ASP N   CA   sing N N 55  
ASP N   H    sing N N 56  
ASP N   H2   sing N N 57  
ASP CA  C    sing N N 58  
ASP CA  CB   sing N N 59  
ASP CA  HA   sing N N 60  
ASP C   O    doub N N 61  
ASP C   OXT  sing N N 62  
ASP CB  CG   sing N N 63  
ASP CB  HB2  sing N N 64  
ASP CB  HB3  sing N N 65  
ASP CG  OD1  doub N N 66  
ASP CG  OD2  sing N N 67  
ASP OD2 HD2  sing N N 68  
ASP OXT HXT  sing N N 69  
GLN N   CA   sing N N 70  
GLN N   H    sing N N 71  
GLN N   H2   sing N N 72  
GLN CA  C    sing N N 73  
GLN CA  CB   sing N N 74  
GLN CA  HA   sing N N 75  
GLN C   O    doub N N 76  
GLN C   OXT  sing N N 77  
GLN CB  CG   sing N N 78  
GLN CB  HB2  sing N N 79  
GLN CB  HB3  sing N N 80  
GLN CG  CD   sing N N 81  
GLN CG  HG2  sing N N 82  
GLN CG  HG3  sing N N 83  
GLN CD  OE1  doub N N 84  
GLN CD  NE2  sing N N 85  
GLN NE2 HE21 sing N N 86  
GLN NE2 HE22 sing N N 87  
GLN OXT HXT  sing N N 88  
GLU N   CA   sing N N 89  
GLU N   H    sing N N 90  
GLU N   H2   sing N N 91  
GLU CA  C    sing N N 92  
GLU CA  CB   sing N N 93  
GLU CA  HA   sing N N 94  
GLU C   O    doub N N 95  
GLU C   OXT  sing N N 96  
GLU CB  CG   sing N N 97  
GLU CB  HB2  sing N N 98  
GLU CB  HB3  sing N N 99  
GLU CG  CD   sing N N 100 
GLU CG  HG2  sing N N 101 
GLU CG  HG3  sing N N 102 
GLU CD  OE1  doub N N 103 
GLU CD  OE2  sing N N 104 
GLU OE2 HE2  sing N N 105 
GLU OXT HXT  sing N N 106 
GLY N   CA   sing N N 107 
GLY N   H    sing N N 108 
GLY N   H2   sing N N 109 
GLY CA  C    sing N N 110 
GLY CA  HA2  sing N N 111 
GLY CA  HA3  sing N N 112 
GLY C   O    doub N N 113 
GLY C   OXT  sing N N 114 
GLY OXT HXT  sing N N 115 
HIS N   CA   sing N N 116 
HIS N   H    sing N N 117 
HIS N   H2   sing N N 118 
HIS CA  C    sing N N 119 
HIS CA  CB   sing N N 120 
HIS CA  HA   sing N N 121 
HIS C   O    doub N N 122 
HIS C   OXT  sing N N 123 
HIS CB  CG   sing N N 124 
HIS CB  HB2  sing N N 125 
HIS CB  HB3  sing N N 126 
HIS CG  ND1  sing Y N 127 
HIS CG  CD2  doub Y N 128 
HIS ND1 CE1  doub Y N 129 
HIS ND1 HD1  sing N N 130 
HIS CD2 NE2  sing Y N 131 
HIS CD2 HD2  sing N N 132 
HIS CE1 NE2  sing Y N 133 
HIS CE1 HE1  sing N N 134 
HIS NE2 HE2  sing N N 135 
HIS OXT HXT  sing N N 136 
HOH O   H1   sing N N 137 
HOH O   H2   sing N N 138 
ILE N   CA   sing N N 139 
ILE N   H    sing N N 140 
ILE N   H2   sing N N 141 
ILE CA  C    sing N N 142 
ILE CA  CB   sing N N 143 
ILE CA  HA   sing N N 144 
ILE C   O    doub N N 145 
ILE C   OXT  sing N N 146 
ILE CB  CG1  sing N N 147 
ILE CB  CG2  sing N N 148 
ILE CB  HB   sing N N 149 
ILE CG1 CD1  sing N N 150 
ILE CG1 HG12 sing N N 151 
ILE CG1 HG13 sing N N 152 
ILE CG2 HG21 sing N N 153 
ILE CG2 HG22 sing N N 154 
ILE CG2 HG23 sing N N 155 
ILE CD1 HD11 sing N N 156 
ILE CD1 HD12 sing N N 157 
ILE CD1 HD13 sing N N 158 
ILE OXT HXT  sing N N 159 
LEU N   CA   sing N N 160 
LEU N   H    sing N N 161 
LEU N   H2   sing N N 162 
LEU CA  C    sing N N 163 
LEU CA  CB   sing N N 164 
LEU CA  HA   sing N N 165 
LEU C   O    doub N N 166 
LEU C   OXT  sing N N 167 
LEU CB  CG   sing N N 168 
LEU CB  HB2  sing N N 169 
LEU CB  HB3  sing N N 170 
LEU CG  CD1  sing N N 171 
LEU CG  CD2  sing N N 172 
LEU CG  HG   sing N N 173 
LEU CD1 HD11 sing N N 174 
LEU CD1 HD12 sing N N 175 
LEU CD1 HD13 sing N N 176 
LEU CD2 HD21 sing N N 177 
LEU CD2 HD22 sing N N 178 
LEU CD2 HD23 sing N N 179 
LEU OXT HXT  sing N N 180 
LYS N   CA   sing N N 181 
LYS N   H    sing N N 182 
LYS N   H2   sing N N 183 
LYS CA  C    sing N N 184 
LYS CA  CB   sing N N 185 
LYS CA  HA   sing N N 186 
LYS C   O    doub N N 187 
LYS C   OXT  sing N N 188 
LYS CB  CG   sing N N 189 
LYS CB  HB2  sing N N 190 
LYS CB  HB3  sing N N 191 
LYS CG  CD   sing N N 192 
LYS CG  HG2  sing N N 193 
LYS CG  HG3  sing N N 194 
LYS CD  CE   sing N N 195 
LYS CD  HD2  sing N N 196 
LYS CD  HD3  sing N N 197 
LYS CE  NZ   sing N N 198 
LYS CE  HE2  sing N N 199 
LYS CE  HE3  sing N N 200 
LYS NZ  HZ1  sing N N 201 
LYS NZ  HZ2  sing N N 202 
LYS NZ  HZ3  sing N N 203 
LYS OXT HXT  sing N N 204 
MET N   CA   sing N N 205 
MET N   H    sing N N 206 
MET N   H2   sing N N 207 
MET CA  C    sing N N 208 
MET CA  CB   sing N N 209 
MET CA  HA   sing N N 210 
MET C   O    doub N N 211 
MET C   OXT  sing N N 212 
MET CB  CG   sing N N 213 
MET CB  HB2  sing N N 214 
MET CB  HB3  sing N N 215 
MET CG  SD   sing N N 216 
MET CG  HG2  sing N N 217 
MET CG  HG3  sing N N 218 
MET SD  CE   sing N N 219 
MET CE  HE1  sing N N 220 
MET CE  HE2  sing N N 221 
MET CE  HE3  sing N N 222 
MET OXT HXT  sing N N 223 
PHE N   CA   sing N N 224 
PHE N   H    sing N N 225 
PHE N   H2   sing N N 226 
PHE CA  C    sing N N 227 
PHE CA  CB   sing N N 228 
PHE CA  HA   sing N N 229 
PHE C   O    doub N N 230 
PHE C   OXT  sing N N 231 
PHE CB  CG   sing N N 232 
PHE CB  HB2  sing N N 233 
PHE CB  HB3  sing N N 234 
PHE CG  CD1  doub Y N 235 
PHE CG  CD2  sing Y N 236 
PHE CD1 CE1  sing Y N 237 
PHE CD1 HD1  sing N N 238 
PHE CD2 CE2  doub Y N 239 
PHE CD2 HD2  sing N N 240 
PHE CE1 CZ   doub Y N 241 
PHE CE1 HE1  sing N N 242 
PHE CE2 CZ   sing Y N 243 
PHE CE2 HE2  sing N N 244 
PHE CZ  HZ   sing N N 245 
PHE OXT HXT  sing N N 246 
PRO N   CA   sing N N 247 
PRO N   CD   sing N N 248 
PRO N   H    sing N N 249 
PRO CA  C    sing N N 250 
PRO CA  CB   sing N N 251 
PRO CA  HA   sing N N 252 
PRO C   O    doub N N 253 
PRO C   OXT  sing N N 254 
PRO CB  CG   sing N N 255 
PRO CB  HB2  sing N N 256 
PRO CB  HB3  sing N N 257 
PRO CG  CD   sing N N 258 
PRO CG  HG2  sing N N 259 
PRO CG  HG3  sing N N 260 
PRO CD  HD2  sing N N 261 
PRO CD  HD3  sing N N 262 
PRO OXT HXT  sing N N 263 
SER N   CA   sing N N 264 
SER N   H    sing N N 265 
SER N   H2   sing N N 266 
SER CA  C    sing N N 267 
SER CA  CB   sing N N 268 
SER CA  HA   sing N N 269 
SER C   O    doub N N 270 
SER C   OXT  sing N N 271 
SER CB  OG   sing N N 272 
SER CB  HB2  sing N N 273 
SER CB  HB3  sing N N 274 
SER OG  HG   sing N N 275 
SER OXT HXT  sing N N 276 
THR N   CA   sing N N 277 
THR N   H    sing N N 278 
THR N   H2   sing N N 279 
THR CA  C    sing N N 280 
THR CA  CB   sing N N 281 
THR CA  HA   sing N N 282 
THR C   O    doub N N 283 
THR C   OXT  sing N N 284 
THR CB  OG1  sing N N 285 
THR CB  CG2  sing N N 286 
THR CB  HB   sing N N 287 
THR OG1 HG1  sing N N 288 
THR CG2 HG21 sing N N 289 
THR CG2 HG22 sing N N 290 
THR CG2 HG23 sing N N 291 
THR OXT HXT  sing N N 292 
TYR N   CA   sing N N 293 
TYR N   H    sing N N 294 
TYR N   H2   sing N N 295 
TYR CA  C    sing N N 296 
TYR CA  CB   sing N N 297 
TYR CA  HA   sing N N 298 
TYR C   O    doub N N 299 
TYR C   OXT  sing N N 300 
TYR CB  CG   sing N N 301 
TYR CB  HB2  sing N N 302 
TYR CB  HB3  sing N N 303 
TYR CG  CD1  doub Y N 304 
TYR CG  CD2  sing Y N 305 
TYR CD1 CE1  sing Y N 306 
TYR CD1 HD1  sing N N 307 
TYR CD2 CE2  doub Y N 308 
TYR CD2 HD2  sing N N 309 
TYR CE1 CZ   doub Y N 310 
TYR CE1 HE1  sing N N 311 
TYR CE2 CZ   sing Y N 312 
TYR CE2 HE2  sing N N 313 
TYR CZ  OH   sing N N 314 
TYR OH  HH   sing N N 315 
TYR OXT HXT  sing N N 316 
VAL N   CA   sing N N 317 
VAL N   H    sing N N 318 
VAL N   H2   sing N N 319 
VAL CA  C    sing N N 320 
VAL CA  CB   sing N N 321 
VAL CA  HA   sing N N 322 
VAL C   O    doub N N 323 
VAL C   OXT  sing N N 324 
VAL CB  CG1  sing N N 325 
VAL CB  CG2  sing N N 326 
VAL CB  HB   sing N N 327 
VAL CG1 HG11 sing N N 328 
VAL CG1 HG12 sing N N 329 
VAL CG1 HG13 sing N N 330 
VAL CG2 HG21 sing N N 331 
VAL CG2 HG22 sing N N 332 
VAL CG2 HG23 sing N N 333 
VAL OXT HXT  sing N N 334 
# 
_pdbx_entity_nonpoly.entity_id   2 
_pdbx_entity_nonpoly.name        water 
_pdbx_entity_nonpoly.comp_id     HOH 
# 
_pdbx_initial_refinement_model.id               1 
_pdbx_initial_refinement_model.entity_id_list   ? 
_pdbx_initial_refinement_model.type             'experimental model' 
_pdbx_initial_refinement_model.source_name      PDB 
_pdbx_initial_refinement_model.accession_code   1H7M 
_pdbx_initial_refinement_model.details          'PDB ENTRY 1H7M' 
# 
